data_2L0C
#
_entry.id   2L0C
#
_entity_poly.entity_id   1
_entity_poly.type   'polypeptide(L)'
_entity_poly.pdbx_seq_one_letter_code
;MAPLQQKQVVVSNKREKPVNDRRSRQQEVSPAGTSMRYEASFKPLNGGLEKTFRLQAQQYHALTVGDQGTLSYKGTRFVG
FVSRTPDNELEHHHHHH
;
_entity_poly.pdbx_strand_id   A
#
# COMPACT_ATOMS: atom_id res chain seq x y z
N MET A 1 22.77 -0.72 -6.85
CA MET A 1 21.94 0.22 -7.62
C MET A 1 20.56 -0.37 -7.87
N ALA A 2 19.54 0.46 -7.80
CA ALA A 2 18.17 0.01 -8.00
C ALA A 2 17.34 1.10 -8.66
N PRO A 3 16.94 0.88 -9.92
CA PRO A 3 16.04 1.79 -10.63
C PRO A 3 14.63 1.70 -10.09
N LEU A 4 13.83 2.72 -10.33
CA LEU A 4 12.46 2.73 -9.87
C LEU A 4 11.60 1.88 -10.80
N GLN A 5 11.27 0.68 -10.35
CA GLN A 5 10.46 -0.22 -11.14
C GLN A 5 9.00 0.18 -11.01
N GLN A 6 8.44 0.66 -12.10
CA GLN A 6 7.07 1.13 -12.09
C GLN A 6 6.20 0.28 -13.01
N LYS A 7 5.15 -0.27 -12.44
CA LYS A 7 4.18 -1.02 -13.23
C LYS A 7 2.79 -0.75 -12.67
N GLN A 8 1.79 -0.82 -13.54
CA GLN A 8 0.42 -0.57 -13.13
C GLN A 8 -0.15 -1.78 -12.39
N VAL A 9 -0.72 -1.52 -11.24
CA VAL A 9 -1.28 -2.57 -10.40
C VAL A 9 -2.69 -2.23 -9.96
N VAL A 10 -3.36 -3.20 -9.35
CA VAL A 10 -4.69 -2.99 -8.81
C VAL A 10 -4.65 -3.00 -7.29
N VAL A 11 -5.13 -1.93 -6.67
CA VAL A 11 -5.36 -1.92 -5.23
C VAL A 11 -6.62 -2.74 -4.94
N SER A 12 -6.41 -4.01 -4.64
CA SER A 12 -7.50 -4.97 -4.58
C SER A 12 -8.25 -4.93 -3.27
N ASN A 13 -7.55 -5.13 -2.16
CA ASN A 13 -8.21 -5.25 -0.87
C ASN A 13 -7.27 -4.87 0.27
N LYS A 14 -7.86 -4.42 1.38
CA LYS A 14 -7.11 -4.14 2.59
C LYS A 14 -6.93 -5.44 3.37
N ARG A 15 -5.80 -5.57 4.04
CA ARG A 15 -5.50 -6.80 4.76
C ARG A 15 -4.89 -6.46 6.11
N GLU A 16 -4.91 -7.41 7.03
CA GLU A 16 -4.31 -7.22 8.35
C GLU A 16 -3.72 -8.52 8.86
N LYS A 17 -2.42 -8.64 8.75
CA LYS A 17 -1.70 -9.77 9.31
C LYS A 17 -0.98 -9.33 10.59
N PRO A 18 -1.13 -10.11 11.68
CA PRO A 18 -0.53 -9.80 12.97
C PRO A 18 0.99 -9.58 12.87
N VAL A 19 1.51 -8.71 13.74
CA VAL A 19 2.92 -8.33 13.68
C VAL A 19 3.64 -8.71 14.97
N ASN A 20 4.94 -8.94 14.87
CA ASN A 20 5.79 -9.16 16.02
C ASN A 20 7.04 -8.31 15.86
N ASP A 21 7.50 -7.68 16.94
CA ASP A 21 8.65 -6.79 16.87
C ASP A 21 9.94 -7.60 16.79
N ARG A 22 10.95 -7.02 16.17
CA ARG A 22 12.22 -7.69 15.93
C ARG A 22 13.01 -7.88 17.23
N ARG A 23 12.73 -7.04 18.23
CA ARG A 23 13.44 -7.11 19.51
C ARG A 23 13.10 -8.39 20.25
N SER A 24 11.98 -8.99 19.89
CA SER A 24 11.53 -10.23 20.53
C SER A 24 12.51 -11.38 20.25
N ARG A 25 13.11 -11.36 19.05
CA ARG A 25 14.05 -12.40 18.64
C ARG A 25 13.39 -13.78 18.74
N GLN A 26 12.10 -13.82 18.43
CA GLN A 26 11.32 -15.04 18.58
C GLN A 26 11.71 -16.09 17.56
N GLN A 27 11.74 -17.33 18.02
CA GLN A 27 12.01 -18.47 17.16
C GLN A 27 10.68 -19.06 16.70
N GLU A 28 9.62 -18.30 16.95
CA GLU A 28 8.27 -18.70 16.61
C GLU A 28 7.50 -17.46 16.19
N VAL A 29 6.32 -17.64 15.59
CA VAL A 29 5.51 -16.52 15.15
C VAL A 29 5.06 -15.69 16.35
N SER A 30 4.07 -16.21 17.07
CA SER A 30 3.52 -15.56 18.26
C SER A 30 3.17 -14.09 18.02
N PRO A 31 2.01 -13.85 17.42
CA PRO A 31 1.54 -12.49 17.13
C PRO A 31 1.37 -11.64 18.38
N ALA A 32 1.79 -10.38 18.30
CA ALA A 32 1.64 -9.46 19.42
C ALA A 32 0.27 -8.80 19.38
N GLY A 33 -0.78 -9.62 19.39
CA GLY A 33 -2.13 -9.10 19.33
C GLY A 33 -2.48 -8.60 17.94
N THR A 34 -2.56 -7.29 17.81
CA THR A 34 -2.88 -6.67 16.54
C THR A 34 -2.15 -5.34 16.41
N SER A 35 -2.39 -4.62 15.33
CA SER A 35 -1.72 -3.36 15.06
C SER A 35 -2.61 -2.45 14.23
N MET A 36 -2.31 -1.17 14.21
CA MET A 36 -3.08 -0.22 13.41
C MET A 36 -2.42 0.02 12.06
N ARG A 37 -1.44 -0.81 11.73
CA ARG A 37 -0.78 -0.72 10.44
C ARG A 37 -1.54 -1.55 9.41
N TYR A 38 -2.51 -0.91 8.76
CA TYR A 38 -3.35 -1.58 7.78
C TYR A 38 -2.55 -1.83 6.51
N GLU A 39 -2.76 -3.00 5.91
CA GLU A 39 -2.01 -3.39 4.74
C GLU A 39 -2.85 -3.25 3.49
N ALA A 40 -2.20 -2.94 2.38
CA ALA A 40 -2.87 -2.80 1.10
C ALA A 40 -2.33 -3.83 0.13
N SER A 41 -3.23 -4.51 -0.57
CA SER A 41 -2.85 -5.53 -1.52
C SER A 41 -2.76 -4.94 -2.92
N PHE A 42 -1.56 -4.95 -3.48
CA PHE A 42 -1.34 -4.51 -4.84
C PHE A 42 -1.18 -5.70 -5.76
N LYS A 43 -2.17 -5.92 -6.61
CA LYS A 43 -2.16 -7.08 -7.49
C LYS A 43 -1.59 -6.71 -8.85
N PRO A 44 -0.61 -7.49 -9.34
CA PRO A 44 -0.06 -7.32 -10.68
C PRO A 44 -1.08 -7.66 -11.76
N LEU A 45 -1.20 -6.78 -12.74
CA LEU A 45 -2.18 -6.96 -13.81
C LEU A 45 -1.89 -8.22 -14.64
N ASN A 46 -0.62 -8.58 -14.73
CA ASN A 46 -0.21 -9.71 -15.55
C ASN A 46 -0.30 -11.03 -14.80
N GLY A 47 -1.04 -11.01 -13.72
CA GLY A 47 -1.20 -12.18 -12.88
C GLY A 47 -0.04 -12.36 -11.91
N GLY A 48 -0.36 -12.84 -10.71
CA GLY A 48 0.66 -13.09 -9.72
C GLY A 48 0.15 -12.91 -8.31
N LEU A 49 1.01 -13.14 -7.33
CA LEU A 49 0.64 -12.95 -5.94
C LEU A 49 0.56 -11.47 -5.60
N GLU A 50 -0.45 -11.11 -4.83
CA GLU A 50 -0.68 -9.72 -4.43
C GLU A 50 0.46 -9.23 -3.54
N LYS A 51 0.97 -8.05 -3.83
CA LYS A 51 1.98 -7.43 -3.00
C LYS A 51 1.31 -6.72 -1.83
N THR A 52 1.32 -7.37 -0.69
CA THR A 52 0.69 -6.81 0.50
C THR A 52 1.69 -5.97 1.30
N PHE A 53 1.59 -4.66 1.15
CA PHE A 53 2.47 -3.74 1.86
C PHE A 53 1.76 -3.14 3.05
N ARG A 54 2.49 -2.99 4.15
CA ARG A 54 1.92 -2.46 5.38
C ARG A 54 1.96 -0.94 5.37
N LEU A 55 0.82 -0.35 5.68
CA LEU A 55 0.66 1.10 5.63
C LEU A 55 0.18 1.65 6.97
N GLN A 56 0.34 2.94 7.16
CA GLN A 56 -0.22 3.61 8.33
C GLN A 56 -1.66 4.01 8.03
N ALA A 57 -2.40 4.38 9.07
CA ALA A 57 -3.80 4.77 8.91
C ALA A 57 -3.91 6.00 8.01
N GLN A 58 -3.00 6.94 8.20
CA GLN A 58 -2.98 8.17 7.41
C GLN A 58 -2.61 7.86 5.96
N GLN A 59 -1.83 6.81 5.76
CA GLN A 59 -1.36 6.43 4.44
C GLN A 59 -2.42 5.66 3.68
N TYR A 60 -3.08 4.73 4.35
CA TYR A 60 -4.16 3.95 3.74
C TYR A 60 -5.30 4.87 3.32
N HIS A 61 -5.47 5.96 4.05
CA HIS A 61 -6.50 6.95 3.75
C HIS A 61 -6.13 7.78 2.52
N ALA A 62 -4.92 7.60 2.01
CA ALA A 62 -4.42 8.41 0.90
C ALA A 62 -4.72 7.80 -0.46
N LEU A 63 -5.07 6.52 -0.48
CA LEU A 63 -5.38 5.83 -1.73
C LEU A 63 -6.76 5.19 -1.68
N THR A 64 -7.23 4.74 -2.84
CA THR A 64 -8.57 4.18 -2.94
C THR A 64 -8.53 2.76 -3.51
N VAL A 65 -9.31 1.87 -2.90
CA VAL A 65 -9.43 0.50 -3.38
C VAL A 65 -10.14 0.45 -4.72
N GLY A 66 -9.54 -0.24 -5.68
CA GLY A 66 -10.10 -0.30 -7.01
C GLY A 66 -9.35 0.61 -7.97
N ASP A 67 -8.63 1.57 -7.41
CA ASP A 67 -7.89 2.53 -8.24
C ASP A 67 -6.67 1.87 -8.85
N GLN A 68 -6.82 1.42 -10.09
CA GLN A 68 -5.70 0.91 -10.86
C GLN A 68 -4.74 2.03 -11.18
N GLY A 69 -3.48 1.86 -10.83
CA GLY A 69 -2.51 2.91 -11.04
C GLY A 69 -1.09 2.39 -11.02
N THR A 70 -0.15 3.29 -11.16
CA THR A 70 1.26 2.92 -11.27
C THR A 70 1.86 2.70 -9.88
N LEU A 71 2.69 1.68 -9.76
CA LEU A 71 3.34 1.37 -8.50
C LEU A 71 4.84 1.51 -8.65
N SER A 72 5.44 2.31 -7.78
CA SER A 72 6.87 2.53 -7.79
C SER A 72 7.53 1.72 -6.68
N TYR A 73 8.21 0.67 -7.04
CA TYR A 73 8.88 -0.19 -6.09
C TYR A 73 10.24 -0.63 -6.61
N LYS A 74 11.11 -1.05 -5.72
CA LYS A 74 12.43 -1.52 -6.10
C LYS A 74 12.64 -2.92 -5.56
N GLY A 75 12.30 -3.92 -6.37
CA GLY A 75 12.35 -5.29 -5.90
C GLY A 75 11.16 -5.59 -5.02
N THR A 76 11.43 -5.84 -3.75
CA THR A 76 10.37 -6.06 -2.77
C THR A 76 10.18 -4.83 -1.89
N ARG A 77 10.97 -3.79 -2.17
CA ARG A 77 10.94 -2.58 -1.37
C ARG A 77 9.96 -1.57 -1.95
N PHE A 78 8.89 -1.32 -1.21
CA PHE A 78 7.88 -0.36 -1.62
C PHE A 78 8.41 1.07 -1.50
N VAL A 79 8.31 1.82 -2.58
CA VAL A 79 8.73 3.21 -2.59
C VAL A 79 7.52 4.14 -2.51
N GLY A 80 6.62 4.03 -3.48
CA GLY A 80 5.45 4.87 -3.50
C GLY A 80 4.42 4.41 -4.50
N PHE A 81 3.19 4.89 -4.35
CA PHE A 81 2.11 4.54 -5.25
C PHE A 81 1.67 5.77 -6.04
N VAL A 82 1.49 5.61 -7.34
CA VAL A 82 1.12 6.72 -8.21
C VAL A 82 -0.27 6.51 -8.78
N SER A 83 -1.25 7.15 -8.15
CA SER A 83 -2.62 7.09 -8.62
C SER A 83 -2.74 7.83 -9.95
N ARG A 84 -3.58 7.33 -10.85
CA ARG A 84 -3.79 7.98 -12.14
C ARG A 84 -4.47 9.33 -11.94
N THR A 85 -5.53 9.31 -11.16
CA THR A 85 -6.27 10.52 -10.87
C THR A 85 -6.32 10.76 -9.36
N PRO A 86 -5.30 11.45 -8.81
CA PRO A 86 -5.26 11.79 -7.39
C PRO A 86 -6.45 12.65 -6.98
N ASP A 87 -6.69 12.74 -5.67
CA ASP A 87 -7.87 13.43 -5.14
C ASP A 87 -8.01 14.85 -5.69
N ASN A 88 -6.91 15.59 -5.73
CA ASN A 88 -6.95 16.99 -6.14
C ASN A 88 -7.10 17.17 -7.66
N GLU A 89 -6.98 16.07 -8.41
CA GLU A 89 -7.25 16.14 -9.84
C GLU A 89 -8.73 15.93 -10.10
N LEU A 90 -9.46 15.62 -9.04
CA LEU A 90 -10.91 15.57 -9.09
C LEU A 90 -11.48 16.73 -8.28
N GLU A 91 -10.92 16.92 -7.09
CA GLU A 91 -11.27 18.04 -6.23
C GLU A 91 -10.54 19.29 -6.75
N HIS A 92 -11.20 20.00 -7.65
CA HIS A 92 -10.58 21.14 -8.33
C HIS A 92 -10.78 22.43 -7.54
N HIS A 93 -10.10 23.48 -7.99
CA HIS A 93 -10.06 24.74 -7.27
C HIS A 93 -11.26 25.63 -7.59
N HIS A 94 -11.92 25.35 -8.71
CA HIS A 94 -13.12 26.11 -9.08
C HIS A 94 -14.37 25.36 -8.66
N HIS A 95 -15.16 26.01 -7.81
CA HIS A 95 -16.38 25.42 -7.28
C HIS A 95 -17.59 26.32 -7.54
N HIS A 96 -18.76 25.73 -7.39
CA HIS A 96 -19.99 26.51 -7.29
C HIS A 96 -20.46 26.47 -5.84
N HIS A 97 -20.12 25.37 -5.18
CA HIS A 97 -20.33 25.21 -3.75
C HIS A 97 -19.08 24.60 -3.14
N MET A 1 15.75 -1.11 -17.36
CA MET A 1 15.19 0.04 -18.11
C MET A 1 14.65 1.10 -17.14
N ALA A 2 14.27 0.67 -15.95
CA ALA A 2 13.74 1.58 -14.96
C ALA A 2 14.37 1.32 -13.59
N PRO A 3 15.12 2.32 -13.08
CA PRO A 3 15.72 2.24 -11.74
C PRO A 3 14.66 2.13 -10.65
N LEU A 4 13.61 2.93 -10.80
CA LEU A 4 12.43 2.82 -9.96
C LEU A 4 11.44 1.90 -10.65
N GLN A 5 11.12 0.80 -10.02
CA GLN A 5 10.24 -0.18 -10.62
C GLN A 5 8.80 0.27 -10.48
N GLN A 6 8.20 0.60 -11.61
CA GLN A 6 6.84 1.12 -11.64
C GLN A 6 5.97 0.28 -12.56
N LYS A 7 4.77 -0.01 -12.10
CA LYS A 7 3.78 -0.70 -12.90
C LYS A 7 2.39 -0.37 -12.39
N GLN A 8 1.41 -0.36 -13.28
CA GLN A 8 0.04 -0.13 -12.87
C GLN A 8 -0.57 -1.42 -12.33
N VAL A 9 -1.09 -1.34 -11.12
CA VAL A 9 -1.68 -2.48 -10.45
C VAL A 9 -3.07 -2.14 -9.92
N VAL A 10 -3.77 -3.13 -9.41
CA VAL A 10 -5.09 -2.93 -8.85
C VAL A 10 -5.05 -3.09 -7.34
N VAL A 11 -5.49 -2.08 -6.62
CA VAL A 11 -5.62 -2.18 -5.17
C VAL A 11 -6.87 -3.01 -4.86
N SER A 12 -6.66 -4.29 -4.60
CA SER A 12 -7.76 -5.23 -4.42
C SER A 12 -8.52 -4.97 -3.13
N ASN A 13 -7.80 -4.87 -2.03
CA ASN A 13 -8.38 -4.69 -0.72
C ASN A 13 -7.27 -4.55 0.31
N LYS A 14 -7.63 -4.16 1.52
CA LYS A 14 -6.66 -4.06 2.59
C LYS A 14 -6.34 -5.45 3.13
N ARG A 15 -5.17 -5.59 3.71
CA ARG A 15 -4.79 -6.82 4.38
C ARG A 15 -4.46 -6.51 5.83
N GLU A 16 -4.76 -7.44 6.71
CA GLU A 16 -4.51 -7.23 8.12
C GLU A 16 -3.90 -8.48 8.73
N LYS A 17 -2.57 -8.50 8.80
CA LYS A 17 -1.87 -9.60 9.45
C LYS A 17 -1.13 -9.10 10.68
N PRO A 18 -1.68 -9.38 11.87
CA PRO A 18 -1.04 -9.02 13.14
C PRO A 18 0.27 -9.76 13.34
N VAL A 19 1.36 -9.01 13.40
CA VAL A 19 2.69 -9.58 13.62
C VAL A 19 2.68 -10.44 14.89
N ASN A 20 3.05 -11.71 14.74
CA ASN A 20 3.01 -12.64 15.85
C ASN A 20 4.11 -12.34 16.86
N ASP A 21 5.34 -12.19 16.37
CA ASP A 21 6.48 -11.88 17.22
C ASP A 21 6.71 -10.37 17.27
N ARG A 22 6.13 -9.73 18.27
CA ARG A 22 6.21 -8.28 18.38
C ARG A 22 7.37 -7.87 19.27
N ARG A 23 8.53 -7.67 18.67
CA ARG A 23 9.68 -7.16 19.37
C ARG A 23 9.58 -5.65 19.49
N SER A 24 8.99 -5.19 20.58
CA SER A 24 8.70 -3.78 20.79
C SER A 24 9.96 -2.94 20.78
N ARG A 25 9.93 -1.88 19.99
CA ARG A 25 11.00 -0.89 19.99
C ARG A 25 10.51 0.36 20.71
N GLN A 26 11.35 1.38 20.76
CA GLN A 26 10.95 2.64 21.35
C GLN A 26 10.21 3.48 20.31
N GLN A 27 10.69 3.42 19.08
CA GLN A 27 10.07 4.12 17.97
C GLN A 27 9.71 3.13 16.87
N GLU A 28 8.62 3.40 16.18
CA GLU A 28 8.19 2.56 15.09
C GLU A 28 7.60 3.42 13.97
N VAL A 29 7.22 2.79 12.87
CA VAL A 29 6.68 3.52 11.72
C VAL A 29 5.18 3.75 11.89
N SER A 30 4.64 3.34 13.03
CA SER A 30 3.22 3.52 13.32
C SER A 30 3.00 4.77 14.17
N PRO A 31 2.40 5.81 13.58
CA PRO A 31 2.13 7.07 14.28
C PRO A 31 0.85 7.01 15.12
N ALA A 32 0.48 8.13 15.72
CA ALA A 32 -0.69 8.21 16.59
C ALA A 32 -2.00 8.21 15.80
N GLY A 33 -1.95 7.75 14.56
CA GLY A 33 -3.15 7.63 13.77
C GLY A 33 -3.90 6.35 14.06
N THR A 34 -3.15 5.32 14.43
CA THR A 34 -3.73 4.03 14.76
C THR A 34 -2.68 3.10 15.36
N SER A 35 -3.09 2.28 16.32
CA SER A 35 -2.20 1.32 16.95
C SER A 35 -2.29 -0.02 16.23
N MET A 36 -3.12 -0.06 15.20
CA MET A 36 -3.32 -1.27 14.42
C MET A 36 -2.50 -1.22 13.14
N ARG A 37 -2.46 -2.33 12.41
CA ARG A 37 -1.69 -2.40 11.19
C ARG A 37 -2.59 -2.58 9.99
N TYR A 38 -2.31 -1.84 8.94
CA TYR A 38 -3.05 -1.94 7.69
C TYR A 38 -2.09 -2.19 6.54
N GLU A 39 -2.48 -3.08 5.65
CA GLU A 39 -1.66 -3.42 4.50
C GLU A 39 -2.48 -3.27 3.23
N ALA A 40 -1.81 -3.17 2.10
CA ALA A 40 -2.49 -3.05 0.82
C ALA A 40 -2.14 -4.22 -0.08
N SER A 41 -3.16 -4.83 -0.68
CA SER A 41 -2.98 -5.95 -1.58
C SER A 41 -3.06 -5.46 -3.03
N PHE A 42 -1.95 -5.55 -3.74
CA PHE A 42 -1.88 -5.10 -5.12
C PHE A 42 -1.92 -6.29 -6.07
N LYS A 43 -2.89 -6.27 -6.98
CA LYS A 43 -3.10 -7.36 -7.92
C LYS A 43 -2.40 -7.09 -9.24
N PRO A 44 -1.53 -8.02 -9.68
CA PRO A 44 -0.85 -7.92 -10.97
C PRO A 44 -1.78 -8.28 -12.13
N LEU A 45 -2.07 -7.28 -12.97
CA LEU A 45 -2.96 -7.46 -14.11
C LEU A 45 -2.41 -8.45 -15.14
N ASN A 46 -1.10 -8.66 -15.09
CA ASN A 46 -0.43 -9.50 -16.08
C ASN A 46 -0.07 -10.85 -15.49
N GLY A 47 -0.78 -11.22 -14.44
CA GLY A 47 -0.53 -12.48 -13.78
C GLY A 47 0.59 -12.38 -12.76
N GLY A 48 0.40 -12.99 -11.61
CA GLY A 48 1.40 -12.97 -10.58
C GLY A 48 0.79 -13.05 -9.19
N LEU A 49 1.63 -13.20 -8.19
CA LEU A 49 1.17 -13.21 -6.81
C LEU A 49 0.96 -11.78 -6.32
N GLU A 50 -0.20 -11.52 -5.74
CA GLU A 50 -0.54 -10.18 -5.24
C GLU A 50 0.46 -9.75 -4.17
N LYS A 51 0.85 -8.49 -4.23
CA LYS A 51 1.85 -7.96 -3.32
C LYS A 51 1.18 -7.30 -2.13
N THR A 52 1.74 -7.51 -0.94
CA THR A 52 1.19 -6.94 0.27
C THR A 52 2.23 -6.10 0.99
N PHE A 53 1.96 -4.82 1.13
CA PHE A 53 2.85 -3.90 1.82
C PHE A 53 2.14 -3.27 3.01
N ARG A 54 2.83 -3.19 4.14
CA ARG A 54 2.27 -2.60 5.34
C ARG A 54 2.35 -1.07 5.26
N LEU A 55 1.25 -0.41 5.61
CA LEU A 55 1.14 1.02 5.44
C LEU A 55 0.76 1.73 6.74
N GLN A 56 0.86 3.05 6.71
CA GLN A 56 0.36 3.89 7.80
C GLN A 56 -1.08 4.28 7.51
N ALA A 57 -1.72 4.95 8.47
CA ALA A 57 -3.07 5.45 8.27
C ALA A 57 -3.10 6.52 7.18
N GLN A 58 -2.14 7.44 7.25
CA GLN A 58 -2.04 8.53 6.28
C GLN A 58 -1.61 8.01 4.91
N GLN A 59 -1.01 6.83 4.88
CA GLN A 59 -0.63 6.19 3.62
C GLN A 59 -1.83 5.43 3.07
N TYR A 60 -2.65 4.92 3.98
CA TYR A 60 -3.86 4.20 3.61
C TYR A 60 -4.87 5.16 2.98
N HIS A 61 -4.72 6.44 3.30
CA HIS A 61 -5.56 7.48 2.72
C HIS A 61 -5.07 7.88 1.32
N ALA A 62 -3.89 7.41 0.95
CA ALA A 62 -3.25 7.84 -0.28
C ALA A 62 -3.60 6.93 -1.47
N LEU A 63 -4.27 5.82 -1.19
CA LEU A 63 -4.65 4.90 -2.24
C LEU A 63 -6.06 4.35 -2.01
N THR A 64 -6.82 4.21 -3.09
CA THR A 64 -8.20 3.78 -3.01
C THR A 64 -8.37 2.37 -3.58
N VAL A 65 -9.19 1.56 -2.91
CA VAL A 65 -9.50 0.22 -3.38
C VAL A 65 -10.26 0.27 -4.70
N GLY A 66 -9.78 -0.47 -5.68
CA GLY A 66 -10.39 -0.47 -6.98
C GLY A 66 -9.71 0.50 -7.92
N ASP A 67 -9.07 1.51 -7.36
CA ASP A 67 -8.40 2.52 -8.16
C ASP A 67 -7.10 1.99 -8.74
N GLN A 68 -7.18 1.51 -9.97
CA GLN A 68 -6.00 1.06 -10.70
C GLN A 68 -5.01 2.20 -10.86
N GLY A 69 -3.76 1.98 -10.48
CA GLY A 69 -2.78 3.03 -10.55
C GLY A 69 -1.36 2.50 -10.51
N THR A 70 -0.41 3.38 -10.72
CA THR A 70 0.98 2.99 -10.82
C THR A 70 1.61 2.85 -9.43
N LEU A 71 2.46 1.85 -9.28
CA LEU A 71 3.14 1.62 -8.01
C LEU A 71 4.64 1.76 -8.20
N SER A 72 5.25 2.58 -7.35
CA SER A 72 6.68 2.81 -7.39
C SER A 72 7.35 2.05 -6.24
N TYR A 73 8.19 1.09 -6.57
CA TYR A 73 8.90 0.33 -5.57
C TYR A 73 10.29 -0.03 -6.05
N LYS A 74 11.14 -0.45 -5.12
CA LYS A 74 12.49 -0.87 -5.45
C LYS A 74 12.77 -2.19 -4.76
N GLY A 75 12.90 -3.24 -5.55
CA GLY A 75 13.06 -4.56 -4.98
C GLY A 75 11.76 -5.04 -4.38
N THR A 76 11.75 -5.21 -3.07
CA THR A 76 10.54 -5.60 -2.37
C THR A 76 10.09 -4.51 -1.39
N ARG A 77 10.67 -3.32 -1.52
CA ARG A 77 10.34 -2.23 -0.60
C ARG A 77 9.40 -1.23 -1.26
N PHE A 78 8.30 -0.95 -0.57
CA PHE A 78 7.31 0.03 -1.01
C PHE A 78 7.89 1.44 -0.95
N VAL A 79 7.97 2.10 -2.09
CA VAL A 79 8.49 3.46 -2.13
C VAL A 79 7.33 4.46 -2.12
N GLY A 80 6.33 4.20 -2.96
CA GLY A 80 5.17 5.06 -2.99
C GLY A 80 4.19 4.67 -4.07
N PHE A 81 2.91 4.89 -3.82
CA PHE A 81 1.88 4.62 -4.81
C PHE A 81 1.54 5.89 -5.57
N VAL A 82 1.55 5.81 -6.89
CA VAL A 82 1.32 6.98 -7.71
C VAL A 82 0.12 6.75 -8.64
N SER A 83 -1.04 7.19 -8.20
CA SER A 83 -2.23 7.14 -9.02
C SER A 83 -2.34 8.42 -9.84
N ARG A 84 -3.03 8.36 -10.97
CA ARG A 84 -3.24 9.54 -11.77
C ARG A 84 -4.65 10.06 -11.58
N THR A 85 -5.34 9.48 -10.59
CA THR A 85 -6.63 9.97 -10.16
C THR A 85 -6.42 11.11 -9.15
N PRO A 86 -6.70 12.35 -9.55
CA PRO A 86 -6.41 13.53 -8.74
C PRO A 86 -7.45 13.78 -7.65
N ASP A 87 -6.96 14.12 -6.46
CA ASP A 87 -7.83 14.54 -5.37
C ASP A 87 -7.04 15.38 -4.38
N ASN A 88 -7.58 16.52 -4.01
CA ASN A 88 -6.91 17.42 -3.08
C ASN A 88 -7.54 17.32 -1.70
N GLU A 89 -8.83 16.98 -1.67
CA GLU A 89 -9.60 16.96 -0.43
C GLU A 89 -9.58 18.35 0.20
N LEU A 90 -9.58 19.35 -0.67
CA LEU A 90 -9.49 20.73 -0.23
C LEU A 90 -10.86 21.25 0.16
N GLU A 91 -11.22 21.06 1.42
CA GLU A 91 -12.45 21.60 1.94
C GLU A 91 -12.25 23.08 2.23
N HIS A 92 -13.32 23.85 2.24
CA HIS A 92 -13.22 25.28 2.50
C HIS A 92 -13.01 25.55 3.99
N HIS A 93 -12.80 24.47 4.73
CA HIS A 93 -12.29 24.52 6.09
C HIS A 93 -11.20 23.48 6.24
N HIS A 94 -9.97 23.93 6.44
CA HIS A 94 -8.80 23.03 6.45
C HIS A 94 -8.89 22.03 7.60
N HIS A 95 -9.66 22.39 8.62
CA HIS A 95 -9.97 21.48 9.71
C HIS A 95 -11.41 21.65 10.13
N HIS A 96 -12.06 20.54 10.47
CA HIS A 96 -13.48 20.56 10.77
C HIS A 96 -13.73 21.13 12.16
N HIS A 97 -13.95 22.44 12.20
CA HIS A 97 -14.33 23.14 13.42
C HIS A 97 -15.41 24.17 13.10
N MET A 1 20.37 4.74 -12.98
CA MET A 1 19.52 3.64 -13.45
C MET A 1 18.39 3.38 -12.46
N ALA A 2 17.30 2.81 -12.95
CA ALA A 2 16.15 2.53 -12.11
C ALA A 2 15.96 1.02 -11.92
N PRO A 3 16.40 0.49 -10.78
CA PRO A 3 16.27 -0.93 -10.46
C PRO A 3 14.95 -1.27 -9.77
N LEU A 4 14.07 -0.29 -9.67
CA LEU A 4 12.78 -0.49 -9.02
C LEU A 4 11.72 -0.80 -10.06
N GLN A 5 10.63 -1.41 -9.62
CA GLN A 5 9.56 -1.77 -10.54
C GLN A 5 8.42 -0.79 -10.45
N GLN A 6 8.09 -0.19 -11.59
CA GLN A 6 6.96 0.72 -11.66
C GLN A 6 5.97 0.25 -12.70
N LYS A 7 4.82 -0.22 -12.24
CA LYS A 7 3.77 -0.67 -13.12
C LYS A 7 2.42 -0.39 -12.49
N GLN A 8 1.37 -0.45 -13.27
CA GLN A 8 0.04 -0.16 -12.76
C GLN A 8 -0.58 -1.44 -12.17
N VAL A 9 -1.16 -1.29 -10.99
CA VAL A 9 -1.74 -2.43 -10.27
C VAL A 9 -3.15 -2.11 -9.79
N VAL A 10 -3.84 -3.13 -9.32
CA VAL A 10 -5.17 -2.97 -8.75
C VAL A 10 -5.10 -3.05 -7.23
N VAL A 11 -5.47 -1.97 -6.55
CA VAL A 11 -5.63 -2.00 -5.11
C VAL A 11 -6.83 -2.88 -4.76
N SER A 12 -6.56 -4.12 -4.38
CA SER A 12 -7.61 -5.10 -4.20
C SER A 12 -8.38 -4.90 -2.90
N ASN A 13 -7.67 -4.86 -1.78
CA ASN A 13 -8.31 -4.73 -0.49
C ASN A 13 -7.24 -4.56 0.59
N LYS A 14 -7.67 -4.11 1.77
CA LYS A 14 -6.77 -3.97 2.90
C LYS A 14 -6.85 -5.22 3.78
N ARG A 15 -5.73 -5.66 4.28
CA ARG A 15 -5.68 -6.84 5.13
C ARG A 15 -4.61 -6.68 6.20
N GLU A 16 -4.82 -7.35 7.33
CA GLU A 16 -3.86 -7.36 8.40
C GLU A 16 -3.28 -8.76 8.53
N LYS A 17 -2.07 -8.95 8.03
CA LYS A 17 -1.48 -10.28 7.96
C LYS A 17 -0.67 -10.60 9.22
N PRO A 18 -0.77 -11.85 9.70
CA PRO A 18 0.00 -12.30 10.85
C PRO A 18 1.42 -12.69 10.46
N VAL A 19 2.37 -11.83 10.80
CA VAL A 19 3.78 -12.11 10.57
C VAL A 19 4.51 -12.03 11.89
N ASN A 20 4.64 -13.18 12.55
CA ASN A 20 5.18 -13.21 13.90
C ASN A 20 6.57 -13.82 13.93
N ASP A 21 7.57 -12.97 13.75
CA ASP A 21 8.95 -13.35 13.94
C ASP A 21 9.71 -12.18 14.56
N ARG A 22 10.94 -12.42 14.95
CA ARG A 22 11.70 -11.44 15.73
C ARG A 22 12.00 -10.17 14.92
N ARG A 23 12.49 -10.34 13.70
CA ARG A 23 12.79 -9.20 12.85
C ARG A 23 12.30 -9.42 11.43
N SER A 24 11.14 -8.85 11.13
CA SER A 24 10.57 -8.97 9.80
C SER A 24 11.07 -7.83 8.91
N ARG A 25 10.74 -7.90 7.63
CA ARG A 25 11.15 -6.88 6.67
C ARG A 25 10.16 -5.72 6.64
N GLN A 26 9.24 -5.72 7.60
CA GLN A 26 8.31 -4.61 7.77
C GLN A 26 8.58 -3.92 9.10
N GLN A 27 9.77 -4.09 9.63
CA GLN A 27 10.07 -3.67 10.98
C GLN A 27 11.05 -2.51 11.03
N GLU A 28 10.65 -1.44 11.70
CA GLU A 28 11.54 -0.32 11.99
C GLU A 28 11.42 0.04 13.47
N VAL A 29 12.20 1.02 13.90
CA VAL A 29 12.11 1.54 15.25
C VAL A 29 11.36 2.86 15.22
N SER A 30 11.09 3.33 14.01
CA SER A 30 10.43 4.60 13.78
C SER A 30 8.99 4.56 14.31
N PRO A 31 8.57 5.62 15.03
CA PRO A 31 7.16 5.78 15.42
C PRO A 31 6.28 5.99 14.20
N ALA A 32 5.55 4.96 13.83
CA ALA A 32 4.74 4.97 12.61
C ALA A 32 3.46 5.78 12.80
N GLY A 33 3.08 5.98 14.05
CA GLY A 33 1.84 6.68 14.34
C GLY A 33 0.64 5.77 14.22
N THR A 34 0.52 5.11 13.08
CA THR A 34 -0.54 4.15 12.85
C THR A 34 -0.24 2.88 13.65
N SER A 35 -0.83 2.78 14.84
CA SER A 35 -0.56 1.67 15.74
C SER A 35 -0.96 0.34 15.12
N MET A 36 -2.14 0.30 14.53
CA MET A 36 -2.63 -0.90 13.89
C MET A 36 -2.24 -0.93 12.41
N ARG A 37 -1.44 -1.92 12.06
CA ARG A 37 -0.92 -2.06 10.70
C ARG A 37 -2.02 -2.30 9.68
N TYR A 38 -2.09 -1.42 8.69
CA TYR A 38 -3.00 -1.61 7.55
C TYR A 38 -2.18 -1.94 6.32
N GLU A 39 -2.29 -3.15 5.84
CA GLU A 39 -1.55 -3.58 4.67
C GLU A 39 -2.49 -3.65 3.49
N ALA A 40 -1.98 -3.35 2.31
CA ALA A 40 -2.79 -3.36 1.11
C ALA A 40 -2.26 -4.38 0.12
N SER A 41 -3.18 -5.09 -0.51
CA SER A 41 -2.83 -6.07 -1.51
C SER A 41 -2.89 -5.46 -2.91
N PHE A 42 -1.75 -5.42 -3.58
CA PHE A 42 -1.68 -4.85 -4.90
C PHE A 42 -1.62 -5.97 -5.93
N LYS A 43 -2.61 -5.99 -6.81
CA LYS A 43 -2.76 -7.03 -7.81
C LYS A 43 -2.32 -6.50 -9.18
N PRO A 44 -1.15 -6.93 -9.66
CA PRO A 44 -0.62 -6.51 -10.96
C PRO A 44 -1.58 -6.82 -12.10
N LEU A 45 -1.80 -5.82 -12.94
CA LEU A 45 -2.76 -5.93 -14.05
C LEU A 45 -2.44 -7.09 -14.98
N ASN A 46 -1.23 -7.11 -15.51
CA ASN A 46 -0.85 -8.12 -16.50
C ASN A 46 -0.01 -9.22 -15.87
N GLY A 47 -0.68 -10.29 -15.43
CA GLY A 47 0.00 -11.45 -14.91
C GLY A 47 0.81 -11.17 -13.65
N GLY A 48 0.14 -11.13 -12.51
CA GLY A 48 0.84 -10.89 -11.27
C GLY A 48 0.05 -11.33 -10.07
N LEU A 49 0.74 -11.84 -9.06
CA LEU A 49 0.11 -12.26 -7.82
C LEU A 49 0.07 -11.09 -6.84
N GLU A 50 -0.84 -11.14 -5.89
CA GLU A 50 -1.00 -10.05 -4.93
C GLU A 50 0.26 -9.83 -4.09
N LYS A 51 0.81 -8.63 -4.16
CA LYS A 51 1.90 -8.24 -3.29
C LYS A 51 1.35 -7.35 -2.18
N THR A 52 1.67 -7.68 -0.94
CA THR A 52 1.14 -6.95 0.21
C THR A 52 2.20 -6.07 0.84
N PHE A 53 1.86 -4.81 1.04
CA PHE A 53 2.78 -3.86 1.66
C PHE A 53 2.14 -3.23 2.89
N ARG A 54 2.90 -3.12 3.97
CA ARG A 54 2.44 -2.50 5.20
C ARG A 54 2.36 -0.99 5.03
N LEU A 55 1.17 -0.44 5.16
CA LEU A 55 0.95 0.97 4.92
C LEU A 55 0.63 1.71 6.22
N GLN A 56 0.96 3.00 6.25
CA GLN A 56 0.55 3.85 7.35
C GLN A 56 -0.77 4.53 6.99
N ALA A 57 -1.40 5.18 7.97
CA ALA A 57 -2.69 5.82 7.77
C ALA A 57 -2.66 6.83 6.62
N GLN A 58 -1.61 7.64 6.55
CA GLN A 58 -1.50 8.67 5.52
C GLN A 58 -1.50 8.05 4.13
N GLN A 59 -0.82 6.91 4.00
CA GLN A 59 -0.68 6.26 2.71
C GLN A 59 -1.98 5.56 2.32
N TYR A 60 -2.74 5.14 3.31
CA TYR A 60 -4.02 4.49 3.07
C TYR A 60 -5.11 5.53 2.80
N HIS A 61 -5.00 6.69 3.45
CA HIS A 61 -5.96 7.77 3.27
C HIS A 61 -5.93 8.29 1.85
N ALA A 62 -4.74 8.28 1.25
CA ALA A 62 -4.59 8.72 -0.14
C ALA A 62 -4.85 7.56 -1.10
N LEU A 63 -5.09 6.39 -0.55
CA LEU A 63 -5.29 5.19 -1.35
C LEU A 63 -6.77 4.85 -1.43
N THR A 64 -7.19 4.37 -2.59
CA THR A 64 -8.58 3.95 -2.79
C THR A 64 -8.62 2.50 -3.26
N VAL A 65 -9.51 1.70 -2.67
CA VAL A 65 -9.66 0.32 -3.09
C VAL A 65 -10.39 0.25 -4.43
N GLY A 66 -9.74 -0.37 -5.40
CA GLY A 66 -10.27 -0.39 -6.75
C GLY A 66 -9.57 0.64 -7.64
N ASP A 67 -8.70 1.43 -7.02
CA ASP A 67 -7.95 2.44 -7.74
C ASP A 67 -6.82 1.79 -8.52
N GLN A 68 -7.09 1.50 -9.78
CA GLN A 68 -6.07 1.00 -10.69
C GLN A 68 -5.10 2.13 -11.02
N GLY A 69 -3.85 1.97 -10.60
CA GLY A 69 -2.87 3.01 -10.79
C GLY A 69 -1.45 2.50 -10.67
N THR A 70 -0.49 3.37 -10.91
CA THR A 70 0.90 2.99 -10.99
C THR A 70 1.50 2.81 -9.58
N LEU A 71 2.25 1.73 -9.41
CA LEU A 71 2.90 1.43 -8.15
C LEU A 71 4.40 1.43 -8.34
N SER A 72 5.10 2.08 -7.42
CA SER A 72 6.55 2.17 -7.47
C SER A 72 7.15 1.60 -6.20
N TYR A 73 8.02 0.61 -6.33
CA TYR A 73 8.67 0.00 -5.17
C TYR A 73 10.05 -0.50 -5.54
N LYS A 74 10.98 -0.37 -4.61
CA LYS A 74 12.36 -0.71 -4.85
C LYS A 74 12.82 -1.75 -3.84
N GLY A 75 13.37 -2.86 -4.35
CA GLY A 75 13.74 -3.94 -3.47
C GLY A 75 12.52 -4.55 -2.83
N THR A 76 12.42 -4.42 -1.53
CA THR A 76 11.26 -4.88 -0.79
C THR A 76 10.60 -3.72 -0.05
N ARG A 77 10.98 -2.50 -0.40
CA ARG A 77 10.48 -1.32 0.28
C ARG A 77 9.51 -0.54 -0.62
N PHE A 78 8.43 -0.07 0.00
CA PHE A 78 7.44 0.71 -0.71
C PHE A 78 7.95 2.12 -0.99
N VAL A 79 7.99 2.49 -2.27
CA VAL A 79 8.47 3.81 -2.66
C VAL A 79 7.30 4.80 -2.72
N GLY A 80 6.30 4.50 -3.54
CA GLY A 80 5.17 5.37 -3.67
C GLY A 80 4.11 4.83 -4.61
N PHE A 81 2.97 5.48 -4.63
CA PHE A 81 1.86 5.07 -5.48
C PHE A 81 1.33 6.28 -6.25
N VAL A 82 1.13 6.12 -7.55
CA VAL A 82 0.64 7.21 -8.39
C VAL A 82 -0.55 6.75 -9.20
N SER A 83 -1.74 7.15 -8.78
CA SER A 83 -2.97 6.83 -9.49
C SER A 83 -2.91 7.38 -10.92
N ARG A 84 -3.14 6.50 -11.89
CA ARG A 84 -3.06 6.88 -13.29
C ARG A 84 -4.22 7.80 -13.65
N THR A 85 -3.88 9.01 -14.08
CA THR A 85 -4.89 10.00 -14.44
C THR A 85 -5.04 10.07 -15.95
N PRO A 86 -6.12 9.47 -16.49
CA PRO A 86 -6.39 9.47 -17.93
C PRO A 86 -7.16 10.71 -18.37
N ASP A 87 -7.28 10.88 -19.67
CA ASP A 87 -8.03 12.00 -20.23
C ASP A 87 -9.40 11.53 -20.70
N ASN A 88 -10.36 12.43 -20.63
CA ASN A 88 -11.76 12.11 -20.98
C ASN A 88 -11.89 11.78 -22.46
N GLU A 89 -11.31 12.63 -23.29
CA GLU A 89 -11.41 12.47 -24.74
C GLU A 89 -10.15 11.82 -25.32
N LEU A 90 -9.36 11.20 -24.45
CA LEU A 90 -8.10 10.59 -24.86
C LEU A 90 -8.36 9.45 -25.85
N GLU A 91 -9.42 8.72 -25.63
CA GLU A 91 -9.77 7.62 -26.51
C GLU A 91 -10.96 7.99 -27.39
N HIS A 92 -10.69 8.19 -28.67
CA HIS A 92 -11.73 8.51 -29.63
C HIS A 92 -12.15 7.25 -30.37
N HIS A 93 -13.44 7.06 -30.57
CA HIS A 93 -13.94 5.84 -31.16
C HIS A 93 -14.46 6.06 -32.57
N HIS A 94 -13.97 5.24 -33.50
CA HIS A 94 -14.45 5.24 -34.88
C HIS A 94 -15.36 4.05 -35.10
N HIS A 95 -16.53 4.31 -35.64
CA HIS A 95 -17.46 3.24 -36.00
C HIS A 95 -17.77 3.32 -37.48
N HIS A 96 -17.10 2.50 -38.26
CA HIS A 96 -17.29 2.53 -39.71
C HIS A 96 -18.64 1.95 -40.08
N HIS A 97 -19.55 2.82 -40.48
CA HIS A 97 -20.86 2.39 -40.94
C HIS A 97 -20.84 2.21 -42.46
N MET A 1 20.16 3.84 -2.59
CA MET A 1 20.08 4.18 -4.03
C MET A 1 19.68 2.98 -4.85
N ALA A 2 18.50 3.04 -5.44
CA ALA A 2 18.00 1.97 -6.30
C ALA A 2 17.07 2.53 -7.35
N PRO A 3 17.09 1.98 -8.57
CA PRO A 3 16.16 2.38 -9.62
C PRO A 3 14.72 2.05 -9.27
N LEU A 4 13.80 2.75 -9.90
CA LEU A 4 12.40 2.62 -9.58
C LEU A 4 11.69 1.74 -10.61
N GLN A 5 11.02 0.72 -10.14
CA GLN A 5 10.21 -0.12 -11.01
C GLN A 5 8.75 0.30 -10.90
N GLN A 6 8.18 0.72 -12.02
CA GLN A 6 6.81 1.18 -12.05
C GLN A 6 5.95 0.30 -12.92
N LYS A 7 4.85 -0.17 -12.35
CA LYS A 7 3.86 -0.93 -13.07
C LYS A 7 2.49 -0.56 -12.57
N GLN A 8 1.51 -0.45 -13.45
CA GLN A 8 0.15 -0.15 -13.03
C GLN A 8 -0.48 -1.41 -12.44
N VAL A 9 -1.05 -1.26 -11.27
CA VAL A 9 -1.63 -2.37 -10.53
C VAL A 9 -3.00 -2.02 -10.00
N VAL A 10 -3.63 -2.97 -9.35
CA VAL A 10 -4.92 -2.75 -8.72
C VAL A 10 -4.79 -2.96 -7.21
N VAL A 11 -5.31 -2.04 -6.43
CA VAL A 11 -5.35 -2.21 -4.98
C VAL A 11 -6.49 -3.16 -4.62
N SER A 12 -6.14 -4.41 -4.36
CA SER A 12 -7.13 -5.48 -4.25
C SER A 12 -7.93 -5.39 -2.95
N ASN A 13 -7.25 -5.57 -1.82
CA ASN A 13 -7.95 -5.70 -0.55
C ASN A 13 -7.12 -5.09 0.57
N LYS A 14 -7.81 -4.65 1.61
CA LYS A 14 -7.18 -4.08 2.78
C LYS A 14 -7.38 -5.00 3.98
N ARG A 15 -6.28 -5.42 4.60
CA ARG A 15 -6.37 -6.25 5.79
C ARG A 15 -5.34 -5.80 6.81
N GLU A 16 -5.33 -6.49 7.94
CA GLU A 16 -4.30 -6.33 8.93
C GLU A 16 -3.82 -7.72 9.34
N LYS A 17 -2.64 -8.10 8.86
CA LYS A 17 -2.14 -9.43 9.10
C LYS A 17 -1.32 -9.47 10.38
N PRO A 18 -1.76 -10.31 11.33
CA PRO A 18 -1.17 -10.42 12.66
C PRO A 18 0.33 -10.67 12.60
N VAL A 19 1.10 -9.72 13.11
CA VAL A 19 2.54 -9.87 13.18
C VAL A 19 2.89 -10.77 14.34
N ASN A 20 2.98 -12.07 14.07
CA ASN A 20 3.28 -13.04 15.10
C ASN A 20 4.77 -13.06 15.39
N ASP A 21 5.16 -12.35 16.44
CA ASP A 21 6.55 -12.32 16.85
C ASP A 21 6.88 -13.56 17.65
N ARG A 22 8.14 -13.95 17.63
CA ARG A 22 8.56 -15.21 18.23
C ARG A 22 9.23 -15.01 19.57
N ARG A 23 9.30 -13.77 20.03
CA ARG A 23 9.93 -13.48 21.30
C ARG A 23 9.07 -12.51 22.13
N SER A 24 9.26 -11.22 21.93
CA SER A 24 8.55 -10.19 22.67
C SER A 24 9.03 -8.81 22.24
N ARG A 25 8.28 -7.78 22.61
CA ARG A 25 8.63 -6.41 22.27
C ARG A 25 9.65 -5.86 23.25
N GLN A 26 10.03 -6.69 24.21
CA GLN A 26 10.96 -6.30 25.27
C GLN A 26 12.39 -6.20 24.75
N GLN A 27 12.63 -6.82 23.60
CA GLN A 27 13.96 -6.85 23.02
C GLN A 27 14.30 -5.53 22.35
N GLU A 28 13.41 -5.06 21.49
CA GLU A 28 13.63 -3.82 20.75
C GLU A 28 13.04 -2.63 21.49
N VAL A 29 13.07 -1.47 20.87
CA VAL A 29 12.51 -0.26 21.45
C VAL A 29 10.99 -0.36 21.54
N SER A 30 10.40 -0.82 20.44
CA SER A 30 8.96 -1.00 20.32
C SER A 30 8.25 0.36 20.38
N PRO A 31 8.18 1.07 19.24
CA PRO A 31 7.47 2.33 19.11
C PRO A 31 6.06 2.13 18.58
N ALA A 32 5.56 0.90 18.69
CA ALA A 32 4.23 0.51 18.23
C ALA A 32 4.14 0.46 16.69
N GLY A 33 4.67 1.48 16.03
CA GLY A 33 4.63 1.55 14.59
C GLY A 33 3.32 2.12 14.10
N THR A 34 2.24 1.39 14.32
CA THR A 34 0.91 1.85 13.99
C THR A 34 -0.11 1.10 14.85
N SER A 35 -1.01 1.84 15.51
CA SER A 35 -2.02 1.25 16.36
C SER A 35 -2.85 0.21 15.60
N MET A 36 -3.47 0.67 14.53
CA MET A 36 -4.18 -0.21 13.61
C MET A 36 -3.62 -0.03 12.20
N ARG A 37 -3.05 -1.08 11.66
CA ARG A 37 -2.38 -1.00 10.38
C ARG A 37 -3.32 -1.32 9.24
N TYR A 38 -3.11 -0.69 8.12
CA TYR A 38 -3.84 -1.00 6.91
C TYR A 38 -2.89 -1.57 5.88
N GLU A 39 -2.92 -2.86 5.74
CA GLU A 39 -2.01 -3.55 4.85
C GLU A 39 -2.74 -3.95 3.59
N ALA A 40 -2.23 -3.50 2.45
CA ALA A 40 -2.96 -3.62 1.20
C ALA A 40 -2.20 -4.48 0.20
N SER A 41 -2.94 -5.34 -0.48
CA SER A 41 -2.36 -6.19 -1.49
C SER A 41 -2.57 -5.56 -2.87
N PHE A 42 -1.51 -5.53 -3.65
CA PHE A 42 -1.58 -4.99 -5.00
C PHE A 42 -1.62 -6.11 -6.02
N LYS A 43 -2.55 -5.99 -6.96
CA LYS A 43 -2.78 -7.01 -7.96
C LYS A 43 -2.01 -6.67 -9.24
N PRO A 44 -0.99 -7.48 -9.55
CA PRO A 44 -0.15 -7.26 -10.73
C PRO A 44 -0.91 -7.51 -12.02
N LEU A 45 -0.91 -6.52 -12.90
CA LEU A 45 -1.59 -6.64 -14.19
C LEU A 45 -0.74 -7.45 -15.17
N ASN A 46 0.51 -7.66 -14.81
CA ASN A 46 1.40 -8.49 -15.60
C ASN A 46 1.97 -9.59 -14.72
N GLY A 47 1.36 -10.76 -14.79
CA GLY A 47 1.81 -11.87 -13.98
C GLY A 47 0.81 -12.20 -12.90
N GLY A 48 1.32 -12.53 -11.71
CA GLY A 48 0.45 -12.86 -10.60
C GLY A 48 1.12 -12.62 -9.26
N LEU A 49 0.58 -13.24 -8.23
CA LEU A 49 1.06 -13.09 -6.86
C LEU A 49 0.85 -11.65 -6.36
N GLU A 50 -0.22 -11.46 -5.61
CA GLU A 50 -0.53 -10.16 -5.06
C GLU A 50 0.49 -9.77 -4.00
N LYS A 51 1.04 -8.58 -4.14
CA LYS A 51 2.04 -8.08 -3.21
C LYS A 51 1.38 -7.32 -2.08
N THR A 52 1.49 -7.83 -0.87
CA THR A 52 0.91 -7.17 0.28
C THR A 52 1.96 -6.30 0.98
N PHE A 53 1.72 -5.01 0.99
CA PHE A 53 2.61 -4.08 1.65
C PHE A 53 1.91 -3.45 2.84
N ARG A 54 2.63 -3.33 3.95
CA ARG A 54 2.07 -2.74 5.15
C ARG A 54 2.06 -1.23 5.03
N LEU A 55 0.92 -0.62 5.30
CA LEU A 55 0.78 0.82 5.20
C LEU A 55 0.34 1.41 6.53
N GLN A 56 0.89 2.58 6.85
CA GLN A 56 0.49 3.30 8.03
C GLN A 56 -0.78 4.07 7.74
N ALA A 57 -1.37 4.67 8.77
CA ALA A 57 -2.67 5.33 8.65
C ALA A 57 -2.67 6.39 7.54
N GLN A 58 -1.82 7.40 7.68
CA GLN A 58 -1.77 8.50 6.73
C GLN A 58 -1.43 8.03 5.32
N GLN A 59 -0.78 6.87 5.22
CA GLN A 59 -0.42 6.31 3.92
C GLN A 59 -1.67 5.76 3.22
N TYR A 60 -2.48 4.99 3.93
CA TYR A 60 -3.68 4.41 3.35
C TYR A 60 -4.68 5.49 2.96
N HIS A 61 -4.61 6.63 3.62
CA HIS A 61 -5.49 7.77 3.29
C HIS A 61 -5.40 8.11 1.79
N ALA A 62 -4.24 7.88 1.18
CA ALA A 62 -4.05 8.20 -0.22
C ALA A 62 -4.27 6.98 -1.11
N LEU A 63 -4.66 5.87 -0.50
CA LEU A 63 -4.88 4.62 -1.22
C LEU A 63 -6.37 4.32 -1.35
N THR A 64 -6.78 3.92 -2.54
CA THR A 64 -8.16 3.57 -2.80
C THR A 64 -8.25 2.14 -3.32
N VAL A 65 -9.00 1.30 -2.63
CA VAL A 65 -9.19 -0.08 -3.06
C VAL A 65 -10.01 -0.13 -4.35
N GLY A 66 -9.46 -0.78 -5.37
CA GLY A 66 -10.11 -0.84 -6.66
C GLY A 66 -9.54 0.18 -7.62
N ASP A 67 -8.89 1.19 -7.07
CA ASP A 67 -8.36 2.27 -7.89
C ASP A 67 -7.10 1.80 -8.62
N GLN A 68 -7.27 1.43 -9.88
CA GLN A 68 -6.13 1.14 -10.75
C GLN A 68 -5.17 2.32 -10.79
N GLY A 69 -3.91 2.05 -10.52
CA GLY A 69 -2.90 3.11 -10.50
C GLY A 69 -1.51 2.55 -10.62
N THR A 70 -0.52 3.42 -10.70
CA THR A 70 0.85 2.99 -10.91
C THR A 70 1.54 2.73 -9.57
N LEU A 71 2.40 1.74 -9.54
CA LEU A 71 3.09 1.37 -8.32
C LEU A 71 4.58 1.56 -8.49
N SER A 72 5.15 2.43 -7.67
CA SER A 72 6.56 2.70 -7.69
C SER A 72 7.26 1.96 -6.55
N TYR A 73 8.01 0.93 -6.89
CA TYR A 73 8.69 0.14 -5.88
C TYR A 73 10.13 -0.09 -6.28
N LYS A 74 10.96 -0.39 -5.28
CA LYS A 74 12.37 -0.67 -5.52
C LYS A 74 12.70 -2.03 -4.93
N GLY A 75 12.95 -2.98 -5.81
CA GLY A 75 13.17 -4.35 -5.36
C GLY A 75 11.92 -4.94 -4.76
N THR A 76 11.96 -5.22 -3.47
CA THR A 76 10.82 -5.79 -2.77
C THR A 76 10.19 -4.77 -1.82
N ARG A 77 10.66 -3.53 -1.91
CA ARG A 77 10.22 -2.50 -0.98
C ARG A 77 9.31 -1.48 -1.65
N PHE A 78 8.12 -1.32 -1.07
CA PHE A 78 7.15 -0.34 -1.53
C PHE A 78 7.70 1.07 -1.31
N VAL A 79 7.75 1.86 -2.38
CA VAL A 79 8.20 3.24 -2.28
C VAL A 79 7.00 4.18 -2.24
N GLY A 80 6.22 4.19 -3.32
CA GLY A 80 5.07 5.05 -3.39
C GLY A 80 4.06 4.61 -4.43
N PHE A 81 2.81 4.98 -4.21
CA PHE A 81 1.75 4.67 -5.15
C PHE A 81 1.42 5.92 -5.96
N VAL A 82 1.73 5.87 -7.24
CA VAL A 82 1.55 7.04 -8.10
C VAL A 82 0.31 6.87 -8.99
N SER A 83 -0.75 7.56 -8.63
CA SER A 83 -1.96 7.56 -9.43
C SER A 83 -1.78 8.47 -10.64
N ARG A 84 -1.78 7.89 -11.83
CA ARG A 84 -1.54 8.65 -13.05
C ARG A 84 -2.84 9.27 -13.56
N THR A 85 -3.91 9.02 -12.83
CA THR A 85 -5.23 9.54 -13.18
C THR A 85 -5.26 11.05 -12.96
N PRO A 86 -5.47 11.81 -14.05
CA PRO A 86 -5.48 13.28 -14.02
C PRO A 86 -6.78 13.84 -13.44
N ASP A 87 -6.70 15.03 -12.86
CA ASP A 87 -7.88 15.72 -12.35
C ASP A 87 -8.86 15.99 -13.47
N ASN A 88 -8.31 16.31 -14.64
CA ASN A 88 -9.10 16.51 -15.83
C ASN A 88 -8.72 15.46 -16.87
N GLU A 89 -9.53 14.42 -16.98
CA GLU A 89 -9.28 13.41 -18.00
C GLU A 89 -9.61 13.96 -19.38
N LEU A 90 -10.31 15.09 -19.39
CA LEU A 90 -10.60 15.81 -20.63
C LEU A 90 -9.31 16.36 -21.22
N GLU A 91 -8.29 16.54 -20.37
CA GLU A 91 -6.96 16.90 -20.84
C GLU A 91 -6.29 15.67 -21.42
N HIS A 92 -6.44 15.48 -22.72
CA HIS A 92 -5.85 14.35 -23.38
C HIS A 92 -4.35 14.55 -23.55
N HIS A 93 -3.58 13.85 -22.73
CA HIS A 93 -2.14 13.96 -22.76
C HIS A 93 -1.57 13.35 -24.03
N HIS A 94 -0.71 14.08 -24.71
CA HIS A 94 -0.11 13.63 -25.95
C HIS A 94 0.86 12.49 -25.68
N HIS A 95 1.63 12.61 -24.61
CA HIS A 95 2.55 11.56 -24.20
C HIS A 95 1.81 10.56 -23.31
N HIS A 96 1.49 9.41 -23.87
CA HIS A 96 0.81 8.36 -23.10
C HIS A 96 1.79 7.23 -22.82
N HIS A 97 2.58 7.40 -21.77
CA HIS A 97 3.56 6.41 -21.35
C HIS A 97 4.24 6.89 -20.08
N MET A 1 22.49 -2.75 -10.15
CA MET A 1 21.52 -2.30 -9.12
C MET A 1 20.16 -2.91 -9.39
N ALA A 2 19.40 -3.12 -8.33
CA ALA A 2 18.02 -3.60 -8.46
C ALA A 2 17.08 -2.42 -8.66
N PRO A 3 16.52 -2.28 -9.88
CA PRO A 3 15.65 -1.15 -10.20
C PRO A 3 14.28 -1.27 -9.54
N LEU A 4 13.56 -0.16 -9.46
CA LEU A 4 12.23 -0.19 -8.90
C LEU A 4 11.22 -0.52 -9.99
N GLN A 5 10.34 -1.46 -9.71
CA GLN A 5 9.33 -1.82 -10.67
C GLN A 5 8.17 -0.85 -10.59
N GLN A 6 7.97 -0.12 -11.67
CA GLN A 6 6.82 0.77 -11.78
C GLN A 6 5.77 0.09 -12.63
N LYS A 7 4.69 -0.32 -11.99
CA LYS A 7 3.64 -1.08 -12.66
C LYS A 7 2.28 -0.52 -12.28
N GLN A 8 1.40 -0.41 -13.26
CA GLN A 8 0.03 -0.03 -12.99
C GLN A 8 -0.72 -1.22 -12.41
N VAL A 9 -1.00 -1.15 -11.12
CA VAL A 9 -1.60 -2.27 -10.41
C VAL A 9 -2.99 -1.93 -9.91
N VAL A 10 -3.72 -2.96 -9.52
CA VAL A 10 -5.04 -2.78 -8.93
C VAL A 10 -4.95 -2.93 -7.42
N VAL A 11 -5.31 -1.88 -6.70
CA VAL A 11 -5.45 -1.98 -5.25
C VAL A 11 -6.61 -2.91 -4.94
N SER A 12 -6.28 -4.14 -4.59
CA SER A 12 -7.25 -5.22 -4.54
C SER A 12 -7.94 -5.29 -3.18
N ASN A 13 -7.17 -5.57 -2.14
CA ASN A 13 -7.74 -5.81 -0.83
C ASN A 13 -6.76 -5.38 0.26
N LYS A 14 -7.27 -5.18 1.47
CA LYS A 14 -6.42 -4.81 2.59
C LYS A 14 -6.06 -6.05 3.40
N ARG A 15 -4.81 -6.13 3.83
CA ARG A 15 -4.34 -7.25 4.62
C ARG A 15 -3.79 -6.74 5.95
N GLU A 16 -4.56 -6.91 7.01
CA GLU A 16 -4.13 -6.49 8.32
C GLU A 16 -3.37 -7.61 9.01
N LYS A 17 -2.04 -7.53 8.99
CA LYS A 17 -1.23 -8.48 9.73
C LYS A 17 -0.90 -7.96 11.12
N PRO A 18 -1.50 -8.55 12.16
CA PRO A 18 -1.10 -8.32 13.54
C PRO A 18 0.09 -9.21 13.88
N VAL A 19 1.27 -8.62 13.94
CA VAL A 19 2.48 -9.40 14.08
C VAL A 19 3.05 -9.32 15.49
N ASN A 20 2.77 -10.35 16.28
CA ASN A 20 3.40 -10.49 17.58
C ASN A 20 4.74 -11.18 17.38
N ASP A 21 5.82 -10.51 17.76
CA ASP A 21 7.16 -11.05 17.57
C ASP A 21 7.37 -12.29 18.43
N ARG A 22 6.56 -12.40 19.47
CA ARG A 22 6.57 -13.57 20.34
C ARG A 22 5.19 -14.22 20.29
N ARG A 23 4.89 -15.04 21.28
CA ARG A 23 3.54 -15.56 21.44
C ARG A 23 2.72 -14.60 22.28
N SER A 24 1.41 -14.81 22.34
CA SER A 24 0.57 -14.04 23.24
C SER A 24 0.82 -14.50 24.67
N ARG A 25 1.71 -13.79 25.36
CA ARG A 25 2.16 -14.18 26.68
C ARG A 25 1.03 -14.05 27.69
N GLN A 26 0.90 -15.06 28.53
CA GLN A 26 -0.23 -15.15 29.47
C GLN A 26 -0.04 -14.24 30.68
N GLN A 27 1.16 -13.68 30.83
CA GLN A 27 1.44 -12.78 31.94
C GLN A 27 0.69 -11.47 31.75
N GLU A 28 0.93 -10.83 30.60
CA GLU A 28 0.31 -9.56 30.30
C GLU A 28 -0.84 -9.75 29.32
N VAL A 29 -2.05 -9.54 29.80
CA VAL A 29 -3.24 -9.78 29.01
C VAL A 29 -3.83 -8.46 28.56
N SER A 30 -3.18 -7.84 27.60
CA SER A 30 -3.67 -6.61 27.00
C SER A 30 -4.30 -6.88 25.63
N PRO A 31 -5.64 -7.02 25.59
CA PRO A 31 -6.37 -7.29 24.34
C PRO A 31 -6.38 -6.08 23.42
N ALA A 32 -6.06 -4.92 23.97
CA ALA A 32 -6.01 -3.69 23.19
C ALA A 32 -4.59 -3.42 22.71
N GLY A 33 -3.70 -4.38 22.94
CA GLY A 33 -2.35 -4.28 22.42
C GLY A 33 -2.33 -4.57 20.93
N THR A 34 -2.76 -3.60 20.15
CA THR A 34 -2.95 -3.78 18.72
C THR A 34 -1.64 -3.71 17.96
N SER A 35 -1.54 -4.54 16.93
CA SER A 35 -0.39 -4.56 16.05
C SER A 35 -0.90 -4.40 14.62
N MET A 36 -2.09 -3.81 14.51
CA MET A 36 -2.78 -3.65 13.23
C MET A 36 -2.02 -2.70 12.32
N ARG A 37 -1.26 -3.28 11.40
CA ARG A 37 -0.61 -2.51 10.36
C ARG A 37 -1.34 -2.75 9.04
N TYR A 38 -1.84 -1.68 8.48
CA TYR A 38 -2.68 -1.76 7.29
C TYR A 38 -1.84 -1.99 6.05
N GLU A 39 -1.88 -3.20 5.53
CA GLU A 39 -1.19 -3.50 4.28
C GLU A 39 -2.19 -3.57 3.15
N ALA A 40 -1.72 -3.31 1.94
CA ALA A 40 -2.57 -3.37 0.77
C ALA A 40 -2.07 -4.43 -0.19
N SER A 41 -3.00 -5.13 -0.82
CA SER A 41 -2.68 -6.11 -1.84
C SER A 41 -2.75 -5.48 -3.21
N PHE A 42 -1.62 -5.49 -3.91
CA PHE A 42 -1.56 -4.90 -5.23
C PHE A 42 -1.60 -6.00 -6.28
N LYS A 43 -2.68 -6.01 -7.03
CA LYS A 43 -2.93 -7.05 -8.03
C LYS A 43 -2.46 -6.58 -9.40
N PRO A 44 -1.45 -7.25 -9.97
CA PRO A 44 -0.89 -6.88 -11.27
C PRO A 44 -1.89 -7.11 -12.41
N LEU A 45 -1.97 -6.14 -13.31
CA LEU A 45 -2.86 -6.24 -14.48
C LEU A 45 -2.41 -7.35 -15.43
N ASN A 46 -1.19 -7.83 -15.23
CA ASN A 46 -0.65 -8.88 -16.09
C ASN A 46 -0.92 -10.25 -15.49
N GLY A 47 -1.91 -10.31 -14.60
CA GLY A 47 -2.27 -11.54 -13.95
C GLY A 47 -1.14 -12.11 -13.11
N GLY A 48 -1.08 -11.67 -11.86
CA GLY A 48 0.01 -12.10 -10.99
C GLY A 48 -0.41 -12.12 -9.54
N LEU A 49 0.51 -12.56 -8.69
CA LEU A 49 0.23 -12.68 -7.26
C LEU A 49 0.15 -11.30 -6.62
N GLU A 50 -0.78 -11.15 -5.69
CA GLU A 50 -0.98 -9.88 -4.99
C GLU A 50 0.15 -9.63 -4.01
N LYS A 51 0.92 -8.58 -4.27
CA LYS A 51 1.98 -8.19 -3.36
C LYS A 51 1.41 -7.37 -2.22
N THR A 52 1.90 -7.62 -1.02
CA THR A 52 1.36 -6.97 0.17
C THR A 52 2.40 -6.03 0.77
N PHE A 53 2.09 -4.74 0.74
CA PHE A 53 3.00 -3.73 1.29
C PHE A 53 2.37 -3.01 2.47
N ARG A 54 3.19 -2.74 3.48
CA ARG A 54 2.74 -2.09 4.70
C ARG A 54 2.46 -0.61 4.47
N LEU A 55 1.41 -0.13 5.10
CA LEU A 55 1.00 1.25 4.99
C LEU A 55 0.49 1.77 6.33
N GLN A 56 0.35 3.08 6.44
CA GLN A 56 -0.22 3.70 7.61
C GLN A 56 -1.66 4.12 7.32
N ALA A 57 -2.40 4.45 8.37
CA ALA A 57 -3.80 4.86 8.23
C ALA A 57 -3.94 6.04 7.28
N GLN A 58 -3.00 6.98 7.38
CA GLN A 58 -2.97 8.14 6.49
C GLN A 58 -2.80 7.71 5.05
N GLN A 59 -1.82 6.85 4.80
CA GLN A 59 -1.52 6.36 3.46
C GLN A 59 -2.67 5.52 2.92
N TYR A 60 -3.29 4.74 3.80
CA TYR A 60 -4.38 3.86 3.41
C TYR A 60 -5.62 4.64 2.97
N HIS A 61 -5.84 5.81 3.56
CA HIS A 61 -6.98 6.63 3.19
C HIS A 61 -6.60 7.68 2.15
N ALA A 62 -5.31 7.78 1.87
CA ALA A 62 -4.83 8.53 0.72
C ALA A 62 -4.84 7.62 -0.50
N LEU A 63 -5.09 6.35 -0.22
CA LEU A 63 -5.19 5.31 -1.23
C LEU A 63 -6.64 4.87 -1.35
N THR A 64 -7.05 4.45 -2.53
CA THR A 64 -8.40 3.98 -2.72
C THR A 64 -8.39 2.56 -3.28
N VAL A 65 -9.09 1.65 -2.62
CA VAL A 65 -9.22 0.29 -3.13
C VAL A 65 -10.01 0.29 -4.44
N GLY A 66 -9.34 -0.11 -5.50
CA GLY A 66 -9.93 -0.03 -6.82
C GLY A 66 -9.24 1.02 -7.67
N ASP A 67 -8.47 1.89 -7.02
CA ASP A 67 -7.74 2.93 -7.74
C ASP A 67 -6.53 2.32 -8.43
N GLN A 68 -6.73 1.95 -9.68
CA GLN A 68 -5.68 1.38 -10.49
C GLN A 68 -4.74 2.47 -10.98
N GLY A 69 -3.48 2.37 -10.60
CA GLY A 69 -2.51 3.38 -10.94
C GLY A 69 -1.10 2.88 -10.83
N THR A 70 -0.14 3.79 -10.96
CA THR A 70 1.26 3.43 -10.95
C THR A 70 1.75 3.11 -9.54
N LEU A 71 2.40 1.97 -9.41
CA LEU A 71 3.02 1.58 -8.16
C LEU A 71 4.52 1.48 -8.37
N SER A 72 5.28 2.16 -7.54
CA SER A 72 6.72 2.14 -7.64
C SER A 72 7.33 1.54 -6.38
N TYR A 73 8.04 0.43 -6.54
CA TYR A 73 8.68 -0.22 -5.41
C TYR A 73 10.01 -0.82 -5.84
N LYS A 74 11.02 -0.61 -5.02
CA LYS A 74 12.38 -1.01 -5.36
C LYS A 74 12.73 -2.28 -4.61
N GLY A 75 12.79 -3.39 -5.35
CA GLY A 75 13.00 -4.67 -4.72
C GLY A 75 11.74 -5.14 -4.02
N THR A 76 11.79 -5.24 -2.71
CA THR A 76 10.62 -5.58 -1.93
C THR A 76 10.27 -4.42 -0.99
N ARG A 77 10.82 -3.25 -1.28
CA ARG A 77 10.59 -2.08 -0.45
C ARG A 77 9.65 -1.11 -1.15
N PHE A 78 8.57 -0.75 -0.47
CA PHE A 78 7.59 0.19 -1.00
C PHE A 78 8.18 1.60 -1.11
N VAL A 79 8.15 2.16 -2.31
CA VAL A 79 8.64 3.51 -2.52
C VAL A 79 7.48 4.51 -2.48
N GLY A 80 6.51 4.32 -3.36
CA GLY A 80 5.36 5.20 -3.38
C GLY A 80 4.33 4.78 -4.41
N PHE A 81 3.10 5.25 -4.22
CA PHE A 81 2.03 4.97 -5.16
C PHE A 81 1.65 6.26 -5.87
N VAL A 82 1.55 6.19 -7.19
CA VAL A 82 1.25 7.36 -8.00
C VAL A 82 -0.06 7.18 -8.75
N SER A 83 -1.13 7.73 -8.19
CA SER A 83 -2.44 7.66 -8.81
C SER A 83 -2.50 8.59 -10.04
N ARG A 84 -3.61 8.51 -10.76
CA ARG A 84 -3.84 9.40 -11.90
C ARG A 84 -3.75 10.85 -11.46
N THR A 85 -4.42 11.16 -10.37
CA THR A 85 -4.33 12.47 -9.74
C THR A 85 -4.43 12.32 -8.23
N PRO A 86 -3.29 12.38 -7.53
CA PRO A 86 -3.22 12.18 -6.08
C PRO A 86 -3.68 13.40 -5.29
N ASP A 87 -3.50 13.33 -3.98
CA ASP A 87 -3.87 14.44 -3.09
C ASP A 87 -2.79 15.51 -3.10
N ASN A 88 -3.18 16.73 -2.73
CA ASN A 88 -2.27 17.87 -2.74
C ASN A 88 -1.46 17.96 -1.46
N GLU A 89 -1.78 17.08 -0.51
CA GLU A 89 -1.08 16.96 0.78
C GLU A 89 -1.42 18.11 1.72
N LEU A 90 -1.32 19.33 1.22
CA LEU A 90 -1.67 20.51 2.00
C LEU A 90 -3.17 20.75 1.93
N GLU A 91 -3.84 20.57 3.08
CA GLU A 91 -5.29 20.74 3.15
C GLU A 91 -5.72 22.15 2.79
N HIS A 92 -6.28 22.30 1.59
CA HIS A 92 -6.88 23.56 1.21
C HIS A 92 -8.28 23.62 1.78
N HIS A 93 -8.43 24.39 2.86
CA HIS A 93 -9.65 24.36 3.67
C HIS A 93 -10.87 24.85 2.90
N HIS A 94 -10.65 25.44 1.73
CA HIS A 94 -11.76 25.83 0.86
C HIS A 94 -12.47 24.60 0.32
N HIS A 95 -11.78 23.47 0.35
CA HIS A 95 -12.37 22.18 -0.03
C HIS A 95 -12.25 21.22 1.13
N HIS A 96 -13.37 20.62 1.53
CA HIS A 96 -13.38 19.79 2.71
C HIS A 96 -13.34 18.31 2.33
N HIS A 97 -12.38 17.60 2.89
CA HIS A 97 -12.28 16.16 2.72
C HIS A 97 -12.18 15.50 4.09
N MET A 1 12.91 4.61 -18.81
CA MET A 1 13.57 3.53 -18.05
C MET A 1 13.97 4.05 -16.67
N ALA A 2 13.52 3.35 -15.64
CA ALA A 2 13.81 3.75 -14.27
C ALA A 2 14.23 2.56 -13.43
N PRO A 3 15.29 2.70 -12.63
CA PRO A 3 15.72 1.68 -11.66
C PRO A 3 14.61 1.36 -10.67
N LEU A 4 13.85 2.39 -10.31
CA LEU A 4 12.66 2.21 -9.50
C LEU A 4 11.61 1.47 -10.31
N GLN A 5 11.15 0.35 -9.79
CA GLN A 5 10.23 -0.50 -10.52
C GLN A 5 8.81 0.04 -10.41
N GLN A 6 8.29 0.52 -11.53
CA GLN A 6 6.96 1.09 -11.59
C GLN A 6 6.05 0.19 -12.42
N LYS A 7 5.11 -0.46 -11.74
CA LYS A 7 4.19 -1.36 -12.40
C LYS A 7 2.76 -0.95 -12.04
N GLN A 8 1.88 -0.89 -13.02
CA GLN A 8 0.50 -0.51 -12.78
C GLN A 8 -0.29 -1.69 -12.23
N VAL A 9 -0.89 -1.49 -11.06
CA VAL A 9 -1.60 -2.55 -10.37
C VAL A 9 -2.95 -2.06 -9.86
N VAL A 10 -3.76 -2.99 -9.38
CA VAL A 10 -5.05 -2.68 -8.80
C VAL A 10 -4.96 -2.77 -7.29
N VAL A 11 -5.56 -1.82 -6.58
CA VAL A 11 -5.63 -1.90 -5.13
C VAL A 11 -6.89 -2.68 -4.74
N SER A 12 -6.71 -3.95 -4.41
CA SER A 12 -7.83 -4.83 -4.14
C SER A 12 -8.48 -4.52 -2.79
N ASN A 13 -7.71 -4.68 -1.73
CA ASN A 13 -8.22 -4.50 -0.37
C ASN A 13 -7.09 -4.38 0.63
N LYS A 14 -7.43 -4.10 1.87
CA LYS A 14 -6.44 -4.02 2.93
C LYS A 14 -6.33 -5.36 3.65
N ARG A 15 -5.23 -5.55 4.35
CA ARG A 15 -5.03 -6.73 5.18
C ARG A 15 -4.09 -6.39 6.33
N GLU A 16 -4.37 -6.97 7.49
CA GLU A 16 -3.47 -6.85 8.62
C GLU A 16 -2.82 -8.20 8.91
N LYS A 17 -1.49 -8.24 8.91
CA LYS A 17 -0.79 -9.45 9.30
C LYS A 17 -0.53 -9.42 10.79
N PRO A 18 -0.94 -10.49 11.51
CA PRO A 18 -0.68 -10.62 12.94
C PRO A 18 0.81 -10.58 13.25
N VAL A 19 1.24 -9.56 13.96
CA VAL A 19 2.66 -9.38 14.26
C VAL A 19 3.05 -10.22 15.47
N ASN A 20 3.52 -11.43 15.20
CA ASN A 20 3.97 -12.35 16.25
C ASN A 20 5.23 -11.79 16.90
N ASP A 21 5.93 -10.95 16.14
CA ASP A 21 7.14 -10.30 16.63
C ASP A 21 6.80 -9.26 17.68
N ARG A 22 5.57 -8.78 17.68
CA ARG A 22 5.12 -7.81 18.66
C ARG A 22 4.53 -8.55 19.86
N ARG A 23 3.61 -9.47 19.58
CA ARG A 23 3.03 -10.29 20.63
C ARG A 23 3.24 -11.76 20.29
N SER A 24 4.06 -12.44 21.07
CA SER A 24 4.52 -13.77 20.73
C SER A 24 3.69 -14.86 21.42
N ARG A 25 3.06 -14.50 22.54
CA ARG A 25 2.25 -15.47 23.28
C ARG A 25 0.86 -15.55 22.66
N GLN A 26 0.56 -16.69 22.05
CA GLN A 26 -0.71 -16.90 21.37
C GLN A 26 -1.74 -17.47 22.34
N GLN A 27 -1.32 -17.66 23.58
CA GLN A 27 -2.19 -18.21 24.62
C GLN A 27 -2.96 -17.10 25.33
N GLU A 28 -2.90 -15.90 24.77
CA GLU A 28 -3.63 -14.77 25.33
C GLU A 28 -4.95 -14.57 24.58
N VAL A 29 -5.91 -13.97 25.24
CA VAL A 29 -7.22 -13.72 24.65
C VAL A 29 -7.11 -12.63 23.58
N SER A 30 -6.56 -11.49 24.01
CA SER A 30 -6.36 -10.34 23.13
C SER A 30 -7.68 -9.84 22.53
N PRO A 31 -8.36 -8.91 23.22
CA PRO A 31 -9.65 -8.36 22.76
C PRO A 31 -9.48 -7.33 21.64
N ALA A 32 -8.44 -7.52 20.83
CA ALA A 32 -8.13 -6.62 19.73
C ALA A 32 -7.33 -7.36 18.67
N GLY A 33 -8.04 -7.88 17.68
CA GLY A 33 -7.39 -8.67 16.65
C GLY A 33 -6.93 -7.83 15.46
N THR A 34 -6.76 -6.53 15.70
CA THR A 34 -6.32 -5.63 14.64
C THR A 34 -5.27 -4.67 15.17
N SER A 35 -4.62 -3.97 14.28
CA SER A 35 -3.60 -3.00 14.65
C SER A 35 -3.63 -1.84 13.66
N MET A 36 -2.91 -0.78 13.96
CA MET A 36 -2.87 0.39 13.08
C MET A 36 -1.95 0.16 11.88
N ARG A 37 -1.41 -1.05 11.79
CA ARG A 37 -0.59 -1.41 10.65
C ARG A 37 -1.46 -2.07 9.58
N TYR A 38 -1.91 -1.26 8.63
CA TYR A 38 -2.77 -1.74 7.58
C TYR A 38 -2.00 -1.85 6.27
N GLU A 39 -2.02 -3.03 5.68
CA GLU A 39 -1.33 -3.26 4.43
C GLU A 39 -2.35 -3.34 3.30
N ALA A 40 -1.88 -3.22 2.07
CA ALA A 40 -2.77 -3.27 0.92
C ALA A 40 -2.34 -4.35 -0.07
N SER A 41 -3.31 -5.00 -0.67
CA SER A 41 -3.04 -6.02 -1.67
C SER A 41 -3.07 -5.41 -3.08
N PHE A 42 -1.94 -5.50 -3.77
CA PHE A 42 -1.83 -4.94 -5.11
C PHE A 42 -1.91 -6.04 -6.16
N LYS A 43 -2.94 -5.97 -6.99
CA LYS A 43 -3.22 -6.99 -7.99
C LYS A 43 -2.62 -6.59 -9.34
N PRO A 44 -1.69 -7.40 -9.87
CA PRO A 44 -1.04 -7.15 -11.16
C PRO A 44 -2.01 -7.22 -12.33
N LEU A 45 -2.01 -6.18 -13.17
CA LEU A 45 -2.91 -6.10 -14.32
C LEU A 45 -2.67 -7.21 -15.33
N ASN A 46 -1.42 -7.66 -15.44
CA ASN A 46 -1.08 -8.68 -16.42
C ASN A 46 -1.09 -10.06 -15.79
N GLY A 47 -1.76 -10.15 -14.65
CA GLY A 47 -1.82 -11.38 -13.91
C GLY A 47 -0.63 -11.54 -12.97
N GLY A 48 -0.85 -12.22 -11.87
CA GLY A 48 0.20 -12.45 -10.90
C GLY A 48 -0.34 -12.56 -9.50
N LEU A 49 0.54 -12.76 -8.54
CA LEU A 49 0.15 -12.83 -7.14
C LEU A 49 0.04 -11.43 -6.56
N GLU A 50 -1.04 -11.20 -5.82
CA GLU A 50 -1.28 -9.89 -5.22
C GLU A 50 -0.27 -9.61 -4.11
N LYS A 51 0.56 -8.60 -4.33
CA LYS A 51 1.59 -8.24 -3.37
C LYS A 51 1.00 -7.36 -2.27
N THR A 52 1.25 -7.75 -1.03
CA THR A 52 0.73 -7.01 0.11
C THR A 52 1.84 -6.17 0.76
N PHE A 53 1.81 -4.87 0.51
CA PHE A 53 2.82 -3.97 1.05
C PHE A 53 2.28 -3.24 2.28
N ARG A 54 3.16 -2.99 3.24
CA ARG A 54 2.79 -2.36 4.50
C ARG A 54 2.54 -0.86 4.33
N LEU A 55 1.45 -0.38 4.91
CA LEU A 55 1.11 1.04 4.86
C LEU A 55 0.75 1.53 6.25
N GLN A 56 0.41 2.81 6.34
CA GLN A 56 -0.10 3.40 7.56
C GLN A 56 -1.50 3.96 7.33
N ALA A 57 -2.09 4.50 8.39
CA ALA A 57 -3.45 5.03 8.31
C ALA A 57 -3.56 6.17 7.30
N GLN A 58 -2.68 7.15 7.44
CA GLN A 58 -2.68 8.32 6.54
C GLN A 58 -2.27 7.92 5.13
N GLN A 59 -1.48 6.86 5.02
CA GLN A 59 -1.05 6.39 3.72
C GLN A 59 -2.21 5.70 3.00
N TYR A 60 -2.93 4.85 3.73
CA TYR A 60 -4.07 4.14 3.18
C TYR A 60 -5.19 5.12 2.84
N HIS A 61 -5.17 6.27 3.51
CA HIS A 61 -6.13 7.34 3.25
C HIS A 61 -5.93 7.91 1.83
N ALA A 62 -4.76 7.68 1.26
CA ALA A 62 -4.47 8.13 -0.09
C ALA A 62 -4.54 6.96 -1.08
N LEU A 63 -4.85 5.79 -0.56
CA LEU A 63 -4.96 4.59 -1.38
C LEU A 63 -6.37 4.43 -1.92
N THR A 64 -6.54 4.67 -3.20
CA THR A 64 -7.84 4.54 -3.83
C THR A 64 -8.09 3.10 -4.28
N VAL A 65 -8.85 2.37 -3.47
CA VAL A 65 -9.17 0.98 -3.76
C VAL A 65 -9.92 0.83 -5.07
N GLY A 66 -9.51 -0.15 -5.87
CA GLY A 66 -10.13 -0.37 -7.15
C GLY A 66 -9.47 0.42 -8.26
N ASP A 67 -8.97 1.60 -7.91
CA ASP A 67 -8.43 2.50 -8.94
C ASP A 67 -7.04 2.05 -9.34
N GLN A 68 -6.99 1.33 -10.45
CA GLN A 68 -5.74 0.92 -11.08
C GLN A 68 -4.81 2.12 -11.22
N GLY A 69 -3.57 1.95 -10.82
CA GLY A 69 -2.63 3.04 -10.87
C GLY A 69 -1.19 2.58 -10.82
N THR A 70 -0.27 3.53 -10.72
CA THR A 70 1.14 3.22 -10.80
C THR A 70 1.72 2.93 -9.41
N LEU A 71 2.51 1.87 -9.32
CA LEU A 71 3.14 1.49 -8.06
C LEU A 71 4.66 1.55 -8.21
N SER A 72 5.29 2.36 -7.37
CA SER A 72 6.73 2.52 -7.40
C SER A 72 7.37 1.83 -6.20
N TYR A 73 8.12 0.78 -6.47
CA TYR A 73 8.83 0.06 -5.44
C TYR A 73 10.19 -0.38 -5.95
N LYS A 74 11.06 -0.78 -5.04
CA LYS A 74 12.39 -1.22 -5.43
C LYS A 74 12.73 -2.49 -4.67
N GLY A 75 12.56 -3.62 -5.33
CA GLY A 75 12.76 -4.90 -4.68
C GLY A 75 11.61 -5.24 -3.77
N THR A 76 11.88 -5.30 -2.48
CA THR A 76 10.84 -5.57 -1.50
C THR A 76 10.46 -4.30 -0.75
N ARG A 77 11.09 -3.19 -1.11
CA ARG A 77 10.83 -1.93 -0.43
C ARG A 77 9.75 -1.13 -1.15
N PHE A 78 8.65 -0.87 -0.45
CA PHE A 78 7.61 0.00 -0.94
C PHE A 78 8.09 1.45 -0.91
N VAL A 79 8.06 2.12 -2.05
CA VAL A 79 8.49 3.50 -2.12
C VAL A 79 7.30 4.45 -2.15
N GLY A 80 6.36 4.17 -3.03
CA GLY A 80 5.16 4.98 -3.12
C GLY A 80 4.19 4.48 -4.17
N PHE A 81 2.90 4.67 -3.92
CA PHE A 81 1.88 4.28 -4.87
C PHE A 81 1.05 5.48 -5.26
N VAL A 82 0.92 5.71 -6.56
CA VAL A 82 0.13 6.80 -7.07
C VAL A 82 -0.73 6.32 -8.23
N SER A 83 -2.01 6.08 -7.96
CA SER A 83 -2.95 5.68 -9.00
C SER A 83 -2.91 6.66 -10.15
N ARG A 84 -3.43 7.85 -9.89
CA ARG A 84 -3.39 8.94 -10.85
C ARG A 84 -3.66 10.26 -10.13
N THR A 85 -3.52 10.24 -8.82
CA THR A 85 -3.90 11.36 -7.99
C THR A 85 -2.70 12.28 -7.69
N PRO A 86 -2.88 13.59 -7.90
CA PRO A 86 -1.84 14.59 -7.60
C PRO A 86 -1.63 14.75 -6.10
N ASP A 87 -0.39 14.59 -5.67
CA ASP A 87 -0.03 14.68 -4.25
C ASP A 87 0.25 16.13 -3.85
N ASN A 88 0.08 17.03 -4.80
CA ASN A 88 0.39 18.44 -4.57
C ASN A 88 -0.69 19.11 -3.73
N GLU A 89 -1.80 18.43 -3.55
CA GLU A 89 -2.93 18.96 -2.80
C GLU A 89 -2.84 18.56 -1.32
N LEU A 90 -1.71 18.00 -0.94
CA LEU A 90 -1.48 17.62 0.45
C LEU A 90 -0.79 18.74 1.20
N GLU A 91 -1.32 19.08 2.37
CA GLU A 91 -0.78 20.18 3.16
C GLU A 91 0.41 19.74 4.02
N HIS A 92 1.57 20.24 3.68
CA HIS A 92 2.75 20.04 4.50
C HIS A 92 2.96 21.28 5.36
N HIS A 93 2.43 21.26 6.57
CA HIS A 93 2.50 22.42 7.46
C HIS A 93 3.92 22.62 7.98
N HIS A 94 4.56 23.67 7.45
CA HIS A 94 5.95 23.95 7.77
C HIS A 94 6.07 24.62 9.13
N HIS A 95 4.99 25.28 9.55
CA HIS A 95 4.97 25.94 10.85
C HIS A 95 3.95 25.25 11.74
N HIS A 96 4.44 24.49 12.70
CA HIS A 96 3.58 23.67 13.56
C HIS A 96 2.71 24.54 14.45
N HIS A 97 3.35 25.50 15.10
CA HIS A 97 2.66 26.46 15.96
C HIS A 97 3.42 27.79 15.94
N MET A 1 13.97 6.59 -13.21
CA MET A 1 13.44 5.99 -14.46
C MET A 1 13.41 4.46 -14.35
N ALA A 2 14.53 3.82 -14.62
CA ALA A 2 14.60 2.36 -14.67
C ALA A 2 14.74 1.70 -13.28
N PRO A 3 15.69 2.17 -12.41
CA PRO A 3 15.88 1.59 -11.07
C PRO A 3 14.57 1.50 -10.28
N LEU A 4 13.75 2.52 -10.41
CA LEU A 4 12.42 2.51 -9.81
C LEU A 4 11.48 1.73 -10.73
N GLN A 5 11.14 0.52 -10.33
CA GLN A 5 10.31 -0.34 -11.15
C GLN A 5 8.85 0.05 -11.00
N GLN A 6 8.27 0.55 -12.08
CA GLN A 6 6.90 1.01 -12.07
C GLN A 6 6.00 -0.04 -12.69
N LYS A 7 4.99 -0.47 -11.95
CA LYS A 7 4.04 -1.45 -12.42
C LYS A 7 2.61 -0.95 -12.18
N GLN A 8 1.76 -1.08 -13.18
CA GLN A 8 0.35 -0.73 -12.99
C GLN A 8 -0.36 -1.89 -12.29
N VAL A 9 -0.79 -1.65 -11.07
CA VAL A 9 -1.36 -2.70 -10.24
C VAL A 9 -2.77 -2.34 -9.81
N VAL A 10 -3.48 -3.34 -9.32
CA VAL A 10 -4.80 -3.15 -8.75
C VAL A 10 -4.76 -3.29 -7.25
N VAL A 11 -5.14 -2.25 -6.53
CA VAL A 11 -5.28 -2.35 -5.09
C VAL A 11 -6.57 -3.08 -4.77
N SER A 12 -6.46 -4.39 -4.54
CA SER A 12 -7.61 -5.22 -4.32
C SER A 12 -8.33 -4.86 -3.02
N ASN A 13 -7.58 -4.82 -1.94
CA ASN A 13 -8.16 -4.59 -0.63
C ASN A 13 -7.09 -4.27 0.41
N LYS A 14 -7.54 -3.99 1.62
CA LYS A 14 -6.67 -3.75 2.74
C LYS A 14 -6.61 -5.00 3.62
N ARG A 15 -5.46 -5.65 3.63
CA ARG A 15 -5.28 -6.84 4.44
C ARG A 15 -4.47 -6.52 5.68
N GLU A 16 -4.83 -7.14 6.78
CA GLU A 16 -4.13 -6.93 8.04
C GLU A 16 -3.59 -8.26 8.54
N LYS A 17 -2.27 -8.40 8.53
CA LYS A 17 -1.65 -9.63 8.99
C LYS A 17 -1.33 -9.54 10.49
N PRO A 18 -1.85 -10.47 11.28
CA PRO A 18 -1.51 -10.57 12.70
C PRO A 18 -0.05 -10.96 12.86
N VAL A 19 0.68 -10.21 13.65
CA VAL A 19 2.11 -10.43 13.81
C VAL A 19 2.35 -11.67 14.68
N ASN A 20 1.72 -11.68 15.86
CA ASN A 20 1.84 -12.78 16.81
C ASN A 20 3.30 -13.07 17.15
N ASP A 21 4.12 -12.02 17.19
CA ASP A 21 5.52 -12.19 17.49
C ASP A 21 5.73 -12.31 18.99
N ARG A 22 6.93 -12.70 19.39
CA ARG A 22 7.20 -13.01 20.79
C ARG A 22 7.15 -11.77 21.67
N ARG A 23 7.85 -10.72 21.26
CA ARG A 23 7.85 -9.49 22.04
C ARG A 23 7.33 -8.33 21.19
N SER A 24 6.02 -8.19 21.14
CA SER A 24 5.38 -7.10 20.42
C SER A 24 5.68 -5.78 21.13
N ARG A 25 6.44 -4.92 20.48
CA ARG A 25 6.84 -3.65 21.07
C ARG A 25 5.74 -2.63 20.92
N GLN A 26 5.55 -1.82 21.94
CA GLN A 26 4.44 -0.88 21.98
C GLN A 26 4.77 0.41 21.25
N GLN A 27 3.82 0.88 20.46
CA GLN A 27 3.94 2.18 19.79
C GLN A 27 3.72 3.28 20.83
N GLU A 28 2.78 3.05 21.72
CA GLU A 28 2.50 3.94 22.83
C GLU A 28 3.14 3.38 24.09
N VAL A 29 3.54 4.25 25.01
CA VAL A 29 4.23 3.81 26.21
C VAL A 29 3.27 3.12 27.17
N SER A 30 2.00 3.50 27.09
CA SER A 30 0.96 2.90 27.91
C SER A 30 0.84 1.40 27.64
N PRO A 31 0.65 0.59 28.69
CA PRO A 31 0.61 -0.88 28.60
C PRO A 31 -0.66 -1.41 27.92
N ALA A 32 -0.89 -0.96 26.70
CA ALA A 32 -1.99 -1.46 25.88
C ALA A 32 -1.74 -1.15 24.41
N GLY A 33 -0.50 -0.79 24.10
CA GLY A 33 -0.19 -0.29 22.77
C GLY A 33 0.05 -1.40 21.76
N THR A 34 -0.98 -1.73 21.00
CA THR A 34 -0.84 -2.66 19.88
C THR A 34 -0.84 -1.88 18.58
N SER A 35 0.07 -2.22 17.68
CA SER A 35 0.21 -1.51 16.43
C SER A 35 -0.61 -2.19 15.33
N MET A 36 -1.86 -1.78 15.21
CA MET A 36 -2.73 -2.29 14.15
C MET A 36 -2.38 -1.61 12.84
N ARG A 37 -1.42 -2.19 12.14
CA ARG A 37 -0.93 -1.62 10.90
C ARG A 37 -1.72 -2.15 9.71
N TYR A 38 -2.20 -1.22 8.88
CA TYR A 38 -3.01 -1.59 7.73
C TYR A 38 -2.14 -1.77 6.51
N GLU A 39 -2.28 -2.89 5.84
CA GLU A 39 -1.51 -3.17 4.64
C GLU A 39 -2.43 -3.19 3.43
N ALA A 40 -1.86 -3.01 2.25
CA ALA A 40 -2.65 -2.98 1.03
C ALA A 40 -2.21 -4.08 0.07
N SER A 41 -3.17 -4.71 -0.57
CA SER A 41 -2.88 -5.78 -1.51
C SER A 41 -2.81 -5.23 -2.94
N PHE A 42 -1.63 -5.28 -3.52
CA PHE A 42 -1.43 -4.80 -4.87
C PHE A 42 -1.33 -5.99 -5.82
N LYS A 43 -2.37 -6.16 -6.62
CA LYS A 43 -2.41 -7.23 -7.60
C LYS A 43 -1.94 -6.73 -8.95
N PRO A 44 -0.76 -7.17 -9.39
CA PRO A 44 -0.18 -6.71 -10.65
C PRO A 44 -0.89 -7.33 -11.86
N LEU A 45 -1.10 -6.53 -12.89
CA LEU A 45 -1.73 -7.00 -14.11
C LEU A 45 -0.80 -7.93 -14.87
N ASN A 46 0.49 -7.68 -14.73
CA ASN A 46 1.50 -8.57 -15.29
C ASN A 46 2.68 -8.67 -14.33
N GLY A 47 2.57 -9.52 -13.33
CA GLY A 47 3.65 -9.69 -12.39
C GLY A 47 3.54 -10.96 -11.57
N GLY A 48 2.35 -11.26 -11.10
CA GLY A 48 2.16 -12.43 -10.27
C GLY A 48 1.05 -12.25 -9.26
N LEU A 49 1.26 -12.75 -8.06
CA LEU A 49 0.23 -12.75 -7.02
C LEU A 49 0.09 -11.38 -6.36
N GLU A 50 -1.02 -11.19 -5.65
CA GLU A 50 -1.28 -9.96 -4.93
C GLU A 50 -0.24 -9.76 -3.82
N LYS A 51 0.49 -8.66 -3.89
CA LYS A 51 1.49 -8.36 -2.89
C LYS A 51 0.95 -7.36 -1.89
N THR A 52 0.75 -7.81 -0.66
CA THR A 52 0.23 -6.97 0.39
C THR A 52 1.37 -6.34 1.20
N PHE A 53 1.59 -5.04 0.99
CA PHE A 53 2.68 -4.33 1.66
C PHE A 53 2.12 -3.45 2.78
N ARG A 54 2.94 -3.20 3.80
CA ARG A 54 2.53 -2.45 4.98
C ARG A 54 2.45 -0.95 4.70
N LEU A 55 1.36 -0.34 5.14
CA LEU A 55 1.17 1.09 4.98
C LEU A 55 0.88 1.75 6.33
N GLN A 56 0.91 3.06 6.36
CA GLN A 56 0.49 3.82 7.53
C GLN A 56 -1.01 4.04 7.45
N ALA A 57 -1.60 4.54 8.54
CA ALA A 57 -3.02 4.87 8.53
C ALA A 57 -3.25 6.10 7.67
N GLN A 58 -2.29 7.02 7.73
CA GLN A 58 -2.33 8.23 6.93
C GLN A 58 -2.06 7.90 5.45
N GLN A 59 -1.18 6.94 5.22
CA GLN A 59 -0.89 6.48 3.85
C GLN A 59 -2.09 5.73 3.29
N TYR A 60 -2.82 5.04 4.16
CA TYR A 60 -4.05 4.37 3.76
C TYR A 60 -5.09 5.39 3.31
N HIS A 61 -5.09 6.55 3.94
CA HIS A 61 -5.97 7.64 3.54
C HIS A 61 -5.58 8.15 2.15
N ALA A 62 -4.34 7.93 1.76
CA ALA A 62 -3.85 8.36 0.46
C ALA A 62 -3.85 7.20 -0.53
N LEU A 63 -4.50 6.11 -0.16
CA LEU A 63 -4.59 4.94 -1.01
C LEU A 63 -5.96 4.87 -1.67
N THR A 64 -6.02 4.36 -2.89
CA THR A 64 -7.28 4.25 -3.60
C THR A 64 -7.55 2.79 -4.02
N VAL A 65 -8.36 2.09 -3.24
CA VAL A 65 -8.70 0.70 -3.54
C VAL A 65 -9.58 0.62 -4.79
N GLY A 66 -9.18 -0.22 -5.73
CA GLY A 66 -9.92 -0.37 -6.97
C GLY A 66 -9.39 0.53 -8.05
N ASP A 67 -8.67 1.58 -7.66
CA ASP A 67 -8.14 2.52 -8.63
C ASP A 67 -6.85 1.98 -9.21
N GLN A 68 -6.98 1.24 -10.31
CA GLN A 68 -5.82 0.71 -11.01
C GLN A 68 -4.87 1.84 -11.38
N GLY A 69 -3.63 1.72 -10.95
CA GLY A 69 -2.68 2.79 -11.15
C GLY A 69 -1.26 2.34 -11.03
N THR A 70 -0.34 3.28 -11.00
CA THR A 70 1.08 2.98 -11.08
C THR A 70 1.68 2.82 -9.69
N LEU A 71 2.48 1.77 -9.53
CA LEU A 71 3.15 1.51 -8.27
C LEU A 71 4.66 1.59 -8.46
N SER A 72 5.29 2.54 -7.77
CA SER A 72 6.72 2.69 -7.80
C SER A 72 7.36 1.95 -6.63
N TYR A 73 8.08 0.89 -6.93
CA TYR A 73 8.69 0.06 -5.90
C TYR A 73 10.13 -0.28 -6.26
N LYS A 74 10.93 -0.50 -5.24
CA LYS A 74 12.31 -0.96 -5.42
C LYS A 74 12.46 -2.31 -4.73
N GLY A 75 12.28 -3.36 -5.51
CA GLY A 75 12.25 -4.69 -4.95
C GLY A 75 10.90 -4.98 -4.35
N THR A 76 10.86 -5.15 -3.03
CA THR A 76 9.61 -5.32 -2.32
C THR A 76 9.34 -4.10 -1.44
N ARG A 77 10.16 -3.06 -1.60
CA ARG A 77 10.03 -1.86 -0.81
C ARG A 77 9.08 -0.88 -1.49
N PHE A 78 7.99 -0.58 -0.80
CA PHE A 78 7.00 0.38 -1.26
C PHE A 78 7.58 1.79 -1.21
N VAL A 79 7.78 2.40 -2.38
CA VAL A 79 8.27 3.77 -2.44
C VAL A 79 7.10 4.73 -2.49
N GLY A 80 6.07 4.34 -3.23
CA GLY A 80 4.87 5.14 -3.32
C GLY A 80 3.88 4.57 -4.31
N PHE A 81 2.60 4.79 -4.07
CA PHE A 81 1.57 4.37 -4.99
C PHE A 81 0.97 5.57 -5.68
N VAL A 82 1.10 5.61 -7.00
CA VAL A 82 0.58 6.72 -7.78
C VAL A 82 -0.71 6.30 -8.45
N SER A 83 -1.83 6.65 -7.81
CA SER A 83 -3.14 6.38 -8.37
C SER A 83 -3.33 7.18 -9.67
N ARG A 84 -4.48 6.99 -10.31
CA ARG A 84 -4.79 7.76 -11.51
C ARG A 84 -5.03 9.23 -11.15
N THR A 85 -5.18 9.49 -9.86
CA THR A 85 -5.22 10.85 -9.35
C THR A 85 -3.80 11.39 -9.16
N PRO A 86 -3.60 12.70 -9.35
CA PRO A 86 -2.27 13.33 -9.25
C PRO A 86 -1.64 13.18 -7.87
N ASP A 87 -0.31 13.10 -7.85
CA ASP A 87 0.44 12.97 -6.60
C ASP A 87 0.34 14.24 -5.76
N ASN A 88 0.00 14.06 -4.49
CA ASN A 88 -0.16 15.15 -3.54
C ASN A 88 -1.22 16.15 -4.02
N GLU A 89 -2.41 15.64 -4.27
CA GLU A 89 -3.53 16.48 -4.68
C GLU A 89 -3.93 17.40 -3.53
N LEU A 90 -4.24 16.79 -2.39
CA LEU A 90 -4.70 17.54 -1.23
C LEU A 90 -3.53 18.22 -0.53
N GLU A 91 -3.69 19.52 -0.30
CA GLU A 91 -2.67 20.30 0.38
C GLU A 91 -2.92 20.30 1.89
N HIS A 92 -1.86 20.19 2.66
CA HIS A 92 -1.96 20.23 4.12
C HIS A 92 -1.79 21.66 4.60
N HIS A 93 -2.09 21.90 5.87
CA HIS A 93 -2.12 23.26 6.39
C HIS A 93 -0.74 23.72 6.86
N HIS A 94 0.28 22.90 6.59
CA HIS A 94 1.65 23.28 6.93
C HIS A 94 2.43 23.60 5.67
N HIS A 95 2.62 22.60 4.82
CA HIS A 95 3.35 22.78 3.57
C HIS A 95 2.39 23.19 2.48
N HIS A 96 2.44 24.45 2.07
CA HIS A 96 1.52 24.98 1.08
C HIS A 96 2.16 25.04 -0.30
N HIS A 97 1.33 24.90 -1.32
CA HIS A 97 1.78 25.03 -2.70
C HIS A 97 1.37 26.39 -3.23
N MET A 1 22.81 1.24 -8.53
CA MET A 1 21.45 1.69 -8.15
C MET A 1 20.42 0.65 -8.57
N ALA A 2 19.50 0.35 -7.66
CA ALA A 2 18.40 -0.56 -7.98
C ALA A 2 17.37 0.17 -8.83
N PRO A 3 16.84 -0.48 -9.86
CA PRO A 3 15.87 0.16 -10.75
C PRO A 3 14.50 0.31 -10.12
N LEU A 4 13.90 1.45 -10.34
CA LEU A 4 12.56 1.72 -9.90
C LEU A 4 11.57 1.16 -10.90
N GLN A 5 11.03 0.00 -10.61
CA GLN A 5 10.09 -0.63 -11.50
C GLN A 5 8.71 -0.04 -11.28
N GLN A 6 8.23 0.68 -12.26
CA GLN A 6 6.89 1.27 -12.20
C GLN A 6 5.91 0.39 -12.94
N LYS A 7 5.03 -0.24 -12.19
CA LYS A 7 4.00 -1.07 -12.77
C LYS A 7 2.66 -0.68 -12.19
N GLN A 8 1.65 -0.55 -13.03
CA GLN A 8 0.32 -0.25 -12.54
C GLN A 8 -0.31 -1.49 -11.94
N VAL A 9 -0.83 -1.33 -10.74
CA VAL A 9 -1.44 -2.43 -10.02
C VAL A 9 -2.85 -2.07 -9.58
N VAL A 10 -3.59 -3.08 -9.18
CA VAL A 10 -4.94 -2.89 -8.68
C VAL A 10 -4.95 -2.96 -7.16
N VAL A 11 -5.42 -1.91 -6.53
CA VAL A 11 -5.63 -1.92 -5.09
C VAL A 11 -6.83 -2.81 -4.78
N SER A 12 -6.55 -4.05 -4.44
CA SER A 12 -7.59 -5.07 -4.28
C SER A 12 -8.40 -4.82 -3.01
N ASN A 13 -7.71 -4.77 -1.87
CA ASN A 13 -8.38 -4.60 -0.59
C ASN A 13 -7.36 -4.37 0.50
N LYS A 14 -7.82 -4.28 1.74
CA LYS A 14 -6.93 -4.16 2.87
C LYS A 14 -6.79 -5.52 3.55
N ARG A 15 -5.58 -5.83 3.99
CA ARG A 15 -5.33 -7.07 4.69
C ARG A 15 -4.69 -6.76 6.04
N GLU A 16 -4.58 -7.76 6.90
CA GLU A 16 -4.07 -7.54 8.25
C GLU A 16 -3.30 -8.76 8.74
N LYS A 17 -1.99 -8.67 8.75
CA LYS A 17 -1.15 -9.71 9.34
C LYS A 17 -0.45 -9.21 10.60
N PRO A 18 -0.93 -9.60 11.77
CA PRO A 18 -0.21 -9.38 13.02
C PRO A 18 0.96 -10.35 13.12
N VAL A 19 2.17 -9.85 12.91
CA VAL A 19 3.35 -10.69 12.84
C VAL A 19 4.03 -10.75 14.21
N ASN A 20 4.12 -11.96 14.76
CA ASN A 20 4.72 -12.16 16.07
C ASN A 20 6.23 -11.97 16.00
N ASP A 21 6.83 -11.64 17.12
CA ASP A 21 8.27 -11.40 17.19
C ASP A 21 8.88 -12.23 18.31
N ARG A 22 10.12 -12.66 18.13
CA ARG A 22 10.75 -13.59 19.08
C ARG A 22 11.28 -12.85 20.31
N ARG A 23 11.19 -11.52 20.28
CA ARG A 23 11.52 -10.70 21.43
C ARG A 23 10.33 -10.65 22.38
N SER A 24 9.17 -11.01 21.84
CA SER A 24 7.95 -11.07 22.63
C SER A 24 7.77 -12.47 23.19
N ARG A 25 6.94 -12.59 24.22
CA ARG A 25 6.77 -13.87 24.90
C ARG A 25 5.66 -14.70 24.28
N GLN A 26 5.66 -15.98 24.65
CA GLN A 26 4.57 -16.88 24.30
C GLN A 26 3.56 -16.87 25.45
N GLN A 27 4.10 -16.79 26.65
CA GLN A 27 3.28 -16.60 27.84
C GLN A 27 3.05 -15.11 28.04
N GLU A 28 1.90 -14.62 27.60
CA GLU A 28 1.60 -13.20 27.58
C GLU A 28 2.54 -12.48 26.62
N VAL A 29 2.08 -12.32 25.38
CA VAL A 29 2.90 -11.76 24.31
C VAL A 29 3.39 -10.36 24.67
N SER A 30 2.55 -9.63 25.41
CA SER A 30 2.83 -8.26 25.80
C SER A 30 2.92 -7.37 24.56
N PRO A 31 1.80 -6.72 24.20
CA PRO A 31 1.69 -5.93 22.96
C PRO A 31 2.69 -4.78 22.90
N ALA A 32 3.77 -5.00 22.17
CA ALA A 32 4.77 -3.96 21.95
C ALA A 32 4.56 -3.31 20.59
N GLY A 33 3.57 -3.81 19.87
CA GLY A 33 3.23 -3.27 18.57
C GLY A 33 1.73 -3.22 18.37
N THR A 34 1.06 -2.51 19.27
CA THR A 34 -0.39 -2.41 19.26
C THR A 34 -0.88 -1.57 18.07
N SER A 35 0.04 -0.79 17.50
CA SER A 35 -0.26 -0.02 16.31
C SER A 35 -0.48 -0.93 15.11
N MET A 36 -1.73 -1.29 14.87
CA MET A 36 -2.07 -2.17 13.76
C MET A 36 -2.02 -1.41 12.44
N ARG A 37 -0.89 -1.54 11.75
CA ARG A 37 -0.69 -0.91 10.46
C ARG A 37 -1.33 -1.76 9.38
N TYR A 38 -2.45 -1.28 8.85
CA TYR A 38 -3.24 -2.01 7.87
C TYR A 38 -2.45 -2.20 6.58
N GLU A 39 -2.69 -3.31 5.90
CA GLU A 39 -1.99 -3.61 4.67
C GLU A 39 -2.89 -3.34 3.47
N ALA A 40 -2.28 -3.09 2.33
CA ALA A 40 -3.02 -2.94 1.09
C ALA A 40 -2.57 -3.99 0.10
N SER A 41 -3.52 -4.55 -0.64
CA SER A 41 -3.19 -5.58 -1.62
C SER A 41 -3.01 -4.95 -2.99
N PHE A 42 -1.80 -5.05 -3.51
CA PHE A 42 -1.49 -4.54 -4.84
C PHE A 42 -1.43 -5.69 -5.83
N LYS A 43 -2.45 -5.77 -6.65
CA LYS A 43 -2.61 -6.88 -7.57
C LYS A 43 -2.05 -6.50 -8.94
N PRO A 44 -1.00 -7.20 -9.39
CA PRO A 44 -0.39 -6.96 -10.69
C PRO A 44 -1.35 -7.27 -11.82
N LEU A 45 -1.47 -6.35 -12.78
CA LEU A 45 -2.35 -6.53 -13.93
C LEU A 45 -1.95 -7.76 -14.73
N ASN A 46 -0.71 -7.75 -15.23
CA ASN A 46 -0.15 -8.90 -15.90
C ASN A 46 1.10 -9.35 -15.17
N GLY A 47 0.93 -10.09 -14.10
CA GLY A 47 2.07 -10.50 -13.30
C GLY A 47 1.82 -11.80 -12.56
N GLY A 48 1.90 -11.73 -11.24
CA GLY A 48 1.79 -12.93 -10.43
C GLY A 48 1.21 -12.65 -9.06
N LEU A 49 1.81 -13.25 -8.04
CA LEU A 49 1.38 -13.10 -6.66
C LEU A 49 1.15 -11.63 -6.28
N GLU A 50 0.04 -11.39 -5.59
CA GLU A 50 -0.32 -10.04 -5.18
C GLU A 50 0.59 -9.55 -4.06
N LYS A 51 1.14 -8.35 -4.23
CA LYS A 51 2.04 -7.79 -3.23
C LYS A 51 1.25 -7.06 -2.17
N THR A 52 1.36 -7.53 -0.94
CA THR A 52 0.67 -6.90 0.17
C THR A 52 1.66 -6.12 1.04
N PHE A 53 1.57 -4.81 0.98
CA PHE A 53 2.46 -3.96 1.76
C PHE A 53 1.67 -3.29 2.88
N ARG A 54 2.31 -3.11 4.02
CA ARG A 54 1.69 -2.47 5.16
C ARG A 54 1.67 -0.96 4.96
N LEU A 55 0.57 -0.34 5.36
CA LEU A 55 0.37 1.08 5.18
C LEU A 55 0.09 1.76 6.51
N GLN A 56 -0.06 3.07 6.45
CA GLN A 56 -0.44 3.87 7.60
C GLN A 56 -1.87 4.33 7.44
N ALA A 57 -2.41 4.97 8.48
CA ALA A 57 -3.76 5.50 8.42
C ALA A 57 -3.90 6.54 7.31
N GLN A 58 -2.95 7.46 7.26
CA GLN A 58 -2.95 8.51 6.24
C GLN A 58 -2.74 7.92 4.85
N GLN A 59 -2.00 6.81 4.78
CA GLN A 59 -1.72 6.17 3.51
C GLN A 59 -2.98 5.52 2.95
N TYR A 60 -3.73 4.83 3.81
CA TYR A 60 -4.95 4.17 3.38
C TYR A 60 -6.05 5.21 3.11
N HIS A 61 -5.85 6.40 3.66
CA HIS A 61 -6.76 7.52 3.40
C HIS A 61 -6.60 8.01 1.96
N ALA A 62 -5.45 7.71 1.37
CA ALA A 62 -5.18 8.07 -0.01
C ALA A 62 -5.39 6.86 -0.93
N LEU A 63 -4.94 5.70 -0.47
CA LEU A 63 -5.08 4.45 -1.22
C LEU A 63 -6.54 4.05 -1.34
N THR A 64 -7.15 4.38 -2.47
CA THR A 64 -8.54 4.04 -2.72
C THR A 64 -8.63 2.67 -3.37
N VAL A 65 -9.37 1.77 -2.73
CA VAL A 65 -9.57 0.43 -3.26
C VAL A 65 -10.23 0.46 -4.63
N GLY A 66 -9.62 -0.24 -5.58
CA GLY A 66 -10.13 -0.27 -6.93
C GLY A 66 -9.40 0.69 -7.84
N ASP A 67 -8.70 1.64 -7.26
CA ASP A 67 -7.97 2.62 -8.06
C ASP A 67 -6.69 2.02 -8.60
N GLN A 68 -6.76 1.51 -9.81
CA GLN A 68 -5.58 1.00 -10.50
C GLN A 68 -4.62 2.16 -10.76
N GLY A 69 -3.37 2.00 -10.37
CA GLY A 69 -2.43 3.09 -10.50
C GLY A 69 -1.00 2.63 -10.44
N THR A 70 -0.08 3.56 -10.63
CA THR A 70 1.33 3.25 -10.77
C THR A 70 1.98 2.93 -9.42
N LEU A 71 2.75 1.86 -9.39
CA LEU A 71 3.47 1.48 -8.19
C LEU A 71 4.97 1.52 -8.45
N SER A 72 5.65 2.37 -7.70
CA SER A 72 7.10 2.50 -7.80
C SER A 72 7.76 1.69 -6.69
N TYR A 73 8.40 0.59 -7.05
CA TYR A 73 9.06 -0.26 -6.09
C TYR A 73 10.39 -0.77 -6.63
N LYS A 74 11.29 -1.12 -5.73
CA LYS A 74 12.59 -1.66 -6.10
C LYS A 74 12.82 -2.99 -5.40
N GLY A 75 12.50 -4.07 -6.09
CA GLY A 75 12.56 -5.38 -5.47
C GLY A 75 11.50 -5.53 -4.40
N THR A 76 11.92 -5.66 -3.16
CA THR A 76 11.00 -5.73 -2.05
C THR A 76 10.81 -4.36 -1.40
N ARG A 77 11.58 -3.39 -1.86
CA ARG A 77 11.52 -2.04 -1.32
C ARG A 77 10.34 -1.27 -1.89
N PHE A 78 9.33 -1.06 -1.07
CA PHE A 78 8.20 -0.23 -1.43
C PHE A 78 8.63 1.24 -1.42
N VAL A 79 8.63 1.88 -2.58
CA VAL A 79 9.06 3.27 -2.67
C VAL A 79 7.86 4.20 -2.58
N GLY A 80 6.83 3.92 -3.36
CA GLY A 80 5.62 4.72 -3.29
C GLY A 80 4.60 4.37 -4.36
N PHE A 81 3.34 4.53 -4.02
CA PHE A 81 2.25 4.32 -4.97
C PHE A 81 1.76 5.67 -5.47
N VAL A 82 1.67 5.82 -6.79
CA VAL A 82 1.30 7.10 -7.37
C VAL A 82 0.12 6.94 -8.32
N SER A 83 -1.00 7.53 -7.96
CA SER A 83 -2.16 7.55 -8.84
C SER A 83 -1.99 8.68 -9.87
N ARG A 84 -2.53 8.48 -11.06
CA ARG A 84 -2.34 9.46 -12.13
C ARG A 84 -3.45 10.50 -12.12
N THR A 85 -4.33 10.43 -11.13
CA THR A 85 -5.39 11.40 -10.98
C THR A 85 -5.47 11.91 -9.54
N PRO A 86 -5.28 13.23 -9.35
CA PRO A 86 -5.33 13.85 -8.02
C PRO A 86 -6.75 14.25 -7.64
N ASP A 87 -7.71 13.48 -8.11
CA ASP A 87 -9.11 13.77 -7.88
C ASP A 87 -9.67 12.86 -6.79
N ASN A 88 -9.69 13.36 -5.57
CA ASN A 88 -10.15 12.57 -4.43
C ASN A 88 -11.67 12.59 -4.33
N GLU A 89 -12.33 12.65 -5.48
CA GLU A 89 -13.79 12.62 -5.52
C GLU A 89 -14.28 11.25 -5.06
N LEU A 90 -13.41 10.25 -5.19
CA LEU A 90 -13.69 8.90 -4.71
C LEU A 90 -13.88 8.91 -3.19
N GLU A 91 -13.21 9.83 -2.51
CA GLU A 91 -13.35 9.98 -1.08
C GLU A 91 -14.49 10.94 -0.76
N HIS A 92 -14.64 11.95 -1.62
CA HIS A 92 -15.68 12.97 -1.44
C HIS A 92 -17.07 12.34 -1.61
N HIS A 93 -17.13 11.28 -2.40
CA HIS A 93 -18.31 10.44 -2.45
C HIS A 93 -18.16 9.33 -1.43
N HIS A 94 -18.46 9.65 -0.18
CA HIS A 94 -18.20 8.75 0.93
C HIS A 94 -19.27 7.65 0.97
N HIS A 95 -18.87 6.45 0.59
CA HIS A 95 -19.78 5.31 0.57
C HIS A 95 -19.60 4.48 1.85
N HIS A 96 -20.65 3.76 2.23
CA HIS A 96 -20.52 2.78 3.32
C HIS A 96 -19.86 1.53 2.76
N HIS A 97 -20.00 1.35 1.46
CA HIS A 97 -19.41 0.24 0.75
C HIS A 97 -18.88 0.73 -0.59
N MET A 1 12.52 -0.59 -17.07
CA MET A 1 12.81 0.87 -17.03
C MET A 1 13.93 1.17 -16.05
N ALA A 2 13.62 1.08 -14.75
CA ALA A 2 14.58 1.39 -13.71
C ALA A 2 14.44 0.40 -12.55
N PRO A 3 15.44 0.33 -11.66
CA PRO A 3 15.37 -0.54 -10.46
C PRO A 3 14.13 -0.27 -9.61
N LEU A 4 13.68 0.98 -9.61
CA LEU A 4 12.40 1.30 -9.02
C LEU A 4 11.31 0.89 -9.97
N GLN A 5 10.64 -0.21 -9.66
CA GLN A 5 9.66 -0.74 -10.57
C GLN A 5 8.36 0.02 -10.45
N GLN A 6 8.02 0.75 -11.50
CA GLN A 6 6.76 1.44 -11.57
C GLN A 6 5.84 0.72 -12.54
N LYS A 7 4.71 0.27 -12.04
CA LYS A 7 3.75 -0.43 -12.88
C LYS A 7 2.34 0.00 -12.54
N GLN A 8 1.43 -0.20 -13.47
CA GLN A 8 0.01 0.05 -13.21
C GLN A 8 -0.61 -1.21 -12.64
N VAL A 9 -1.01 -1.14 -11.38
CA VAL A 9 -1.53 -2.31 -10.68
C VAL A 9 -2.95 -2.07 -10.17
N VAL A 10 -3.54 -3.11 -9.59
CA VAL A 10 -4.88 -3.02 -9.04
C VAL A 10 -4.83 -3.19 -7.53
N VAL A 11 -5.47 -2.28 -6.80
CA VAL A 11 -5.60 -2.41 -5.36
C VAL A 11 -6.80 -3.31 -5.05
N SER A 12 -6.53 -4.58 -4.79
CA SER A 12 -7.58 -5.58 -4.62
C SER A 12 -8.31 -5.41 -3.30
N ASN A 13 -7.58 -5.46 -2.20
CA ASN A 13 -8.17 -5.44 -0.87
C ASN A 13 -7.13 -5.07 0.18
N LYS A 14 -7.58 -4.69 1.36
CA LYS A 14 -6.68 -4.33 2.45
C LYS A 14 -6.46 -5.51 3.38
N ARG A 15 -5.36 -5.49 4.12
CA ARG A 15 -5.07 -6.51 5.12
C ARG A 15 -4.43 -5.87 6.34
N GLU A 16 -4.29 -6.64 7.41
CA GLU A 16 -3.49 -6.23 8.55
C GLU A 16 -2.85 -7.45 9.18
N LYS A 17 -1.59 -7.69 8.86
CA LYS A 17 -0.85 -8.77 9.49
C LYS A 17 -0.15 -8.27 10.75
N PRO A 18 -0.58 -8.75 11.92
CA PRO A 18 0.03 -8.40 13.19
C PRO A 18 1.48 -8.86 13.25
N VAL A 19 2.40 -7.92 13.17
CA VAL A 19 3.82 -8.22 13.21
C VAL A 19 4.19 -8.90 14.53
N ASN A 20 3.43 -8.59 15.57
CA ASN A 20 3.71 -9.08 16.91
C ASN A 20 5.04 -8.53 17.40
N ASP A 21 5.00 -7.28 17.83
CA ASP A 21 6.19 -6.57 18.30
C ASP A 21 6.84 -7.33 19.44
N ARG A 22 6.00 -7.89 20.30
CA ARG A 22 6.47 -8.73 21.39
C ARG A 22 5.89 -10.13 21.25
N ARG A 23 6.74 -11.13 21.45
CA ARG A 23 6.29 -12.51 21.40
C ARG A 23 5.97 -13.02 22.80
N SER A 24 4.70 -12.91 23.18
CA SER A 24 4.26 -13.36 24.47
C SER A 24 3.51 -14.68 24.36
N ARG A 25 3.68 -15.54 25.36
CA ARG A 25 2.97 -16.82 25.41
C ARG A 25 1.48 -16.58 25.62
N GLN A 26 1.17 -15.67 26.52
CA GLN A 26 -0.21 -15.32 26.79
C GLN A 26 -0.63 -14.11 25.97
N GLN A 27 -1.90 -14.05 25.61
CA GLN A 27 -2.40 -13.01 24.73
C GLN A 27 -3.69 -12.43 25.29
N GLU A 28 -4.33 -11.57 24.51
CA GLU A 28 -5.60 -11.00 24.89
C GLU A 28 -6.74 -11.85 24.33
N VAL A 29 -7.63 -12.30 25.18
CA VAL A 29 -8.78 -13.06 24.72
C VAL A 29 -9.76 -12.12 24.04
N SER A 30 -9.92 -10.94 24.63
CA SER A 30 -10.68 -9.88 24.02
C SER A 30 -9.73 -8.77 23.55
N PRO A 31 -9.20 -8.91 22.33
CA PRO A 31 -8.20 -7.99 21.80
C PRO A 31 -8.81 -6.70 21.27
N ALA A 32 -7.96 -5.80 20.76
CA ALA A 32 -8.42 -4.53 20.21
C ALA A 32 -9.19 -4.74 18.91
N GLY A 33 -9.01 -5.90 18.29
CA GLY A 33 -9.70 -6.20 17.05
C GLY A 33 -8.91 -5.80 15.83
N THR A 34 -8.46 -4.56 15.81
CA THR A 34 -7.65 -4.04 14.72
C THR A 34 -6.70 -2.99 15.25
N SER A 35 -5.49 -2.95 14.71
CA SER A 35 -4.50 -1.98 15.13
C SER A 35 -4.56 -0.74 14.24
N MET A 36 -3.45 -0.04 14.10
CA MET A 36 -3.39 1.12 13.21
C MET A 36 -2.55 0.79 11.98
N ARG A 37 -2.58 -0.47 11.59
CA ARG A 37 -1.82 -0.94 10.43
C ARG A 37 -2.77 -1.31 9.31
N TYR A 38 -2.47 -0.85 8.11
CA TYR A 38 -3.30 -1.16 6.97
C TYR A 38 -2.43 -1.50 5.77
N GLU A 39 -2.57 -2.71 5.27
CA GLU A 39 -1.82 -3.16 4.13
C GLU A 39 -2.68 -3.15 2.88
N ALA A 40 -2.07 -2.94 1.73
CA ALA A 40 -2.79 -2.92 0.48
C ALA A 40 -2.28 -4.02 -0.44
N SER A 41 -3.21 -4.70 -1.10
CA SER A 41 -2.85 -5.77 -2.01
C SER A 41 -2.77 -5.23 -3.43
N PHE A 42 -1.58 -5.25 -4.00
CA PHE A 42 -1.38 -4.75 -5.36
C PHE A 42 -1.25 -5.93 -6.31
N LYS A 43 -2.23 -6.06 -7.18
CA LYS A 43 -2.30 -7.19 -8.10
C LYS A 43 -1.77 -6.80 -9.48
N PRO A 44 -0.84 -7.60 -10.02
CA PRO A 44 -0.31 -7.41 -11.37
C PRO A 44 -1.33 -7.80 -12.44
N LEU A 45 -1.31 -7.09 -13.56
CA LEU A 45 -2.27 -7.33 -14.65
C LEU A 45 -1.69 -8.25 -15.71
N ASN A 46 -0.39 -8.52 -15.63
CA ASN A 46 0.29 -9.31 -16.65
C ASN A 46 0.74 -10.65 -16.08
N GLY A 47 -0.01 -11.13 -15.09
CA GLY A 47 0.35 -12.37 -14.44
C GLY A 47 1.28 -12.15 -13.26
N GLY A 48 0.98 -12.78 -12.14
CA GLY A 48 1.80 -12.63 -10.96
C GLY A 48 1.00 -12.76 -9.69
N LEU A 49 1.70 -12.89 -8.57
CA LEU A 49 1.05 -12.97 -7.27
C LEU A 49 0.79 -11.56 -6.73
N GLU A 50 -0.25 -11.43 -5.94
CA GLU A 50 -0.60 -10.15 -5.35
C GLU A 50 0.43 -9.76 -4.29
N LYS A 51 1.01 -8.58 -4.44
CA LYS A 51 1.97 -8.07 -3.47
C LYS A 51 1.26 -7.22 -2.42
N THR A 52 1.25 -7.69 -1.19
CA THR A 52 0.61 -6.95 -0.12
C THR A 52 1.66 -6.19 0.69
N PHE A 53 1.66 -4.87 0.56
CA PHE A 53 2.61 -4.04 1.28
C PHE A 53 1.93 -3.34 2.45
N ARG A 54 2.59 -3.34 3.59
CA ARG A 54 2.07 -2.69 4.78
C ARG A 54 2.20 -1.18 4.67
N LEU A 55 1.11 -0.48 4.97
CA LEU A 55 1.08 0.96 4.83
C LEU A 55 0.75 1.62 6.17
N GLN A 56 1.12 2.89 6.29
CA GLN A 56 0.78 3.70 7.43
C GLN A 56 -0.62 4.27 7.24
N ALA A 57 -1.30 4.61 8.32
CA ALA A 57 -2.65 5.15 8.25
C ALA A 57 -2.71 6.41 7.37
N GLN A 58 -1.64 7.20 7.43
CA GLN A 58 -1.54 8.43 6.66
C GLN A 58 -1.37 8.14 5.17
N GLN A 59 -0.94 6.93 4.86
CA GLN A 59 -0.77 6.50 3.47
C GLN A 59 -2.06 5.90 2.95
N TYR A 60 -2.66 5.02 3.75
CA TYR A 60 -3.90 4.34 3.37
C TYR A 60 -5.05 5.35 3.27
N HIS A 61 -4.87 6.52 3.89
CA HIS A 61 -5.87 7.58 3.84
C HIS A 61 -6.10 8.06 2.40
N ALA A 62 -5.11 7.82 1.54
CA ALA A 62 -5.22 8.23 0.15
C ALA A 62 -5.41 7.02 -0.77
N LEU A 63 -5.41 5.83 -0.19
CA LEU A 63 -5.51 4.60 -0.95
C LEU A 63 -6.95 4.34 -1.37
N THR A 64 -7.13 3.98 -2.63
CA THR A 64 -8.45 3.70 -3.16
C THR A 64 -8.51 2.30 -3.76
N VAL A 65 -9.34 1.44 -3.17
CA VAL A 65 -9.53 0.09 -3.69
C VAL A 65 -10.19 0.14 -5.07
N GLY A 66 -9.56 -0.53 -6.02
CA GLY A 66 -10.06 -0.52 -7.38
C GLY A 66 -9.36 0.52 -8.24
N ASP A 67 -8.68 1.46 -7.59
CA ASP A 67 -8.00 2.52 -8.34
C ASP A 67 -6.74 1.99 -8.99
N GLN A 68 -6.87 1.63 -10.26
CA GLN A 68 -5.71 1.26 -11.06
C GLN A 68 -4.79 2.46 -11.21
N GLY A 69 -3.55 2.30 -10.79
CA GLY A 69 -2.63 3.41 -10.77
C GLY A 69 -1.19 2.96 -10.69
N THR A 70 -0.29 3.91 -10.48
CA THR A 70 1.14 3.65 -10.56
C THR A 70 1.72 3.27 -9.20
N LEU A 71 2.49 2.20 -9.19
CA LEU A 71 3.14 1.73 -7.97
C LEU A 71 4.65 1.77 -8.14
N SER A 72 5.33 2.45 -7.22
CA SER A 72 6.77 2.53 -7.21
C SER A 72 7.33 1.70 -6.06
N TYR A 73 7.88 0.54 -6.36
CA TYR A 73 8.50 -0.28 -5.34
C TYR A 73 9.85 -0.79 -5.83
N LYS A 74 10.80 -0.89 -4.93
CA LYS A 74 12.15 -1.27 -5.27
C LYS A 74 12.44 -2.65 -4.71
N GLY A 75 12.40 -3.65 -5.57
CA GLY A 75 12.58 -5.02 -5.12
C GLY A 75 11.40 -5.50 -4.33
N THR A 76 11.62 -5.76 -3.06
CA THR A 76 10.53 -6.16 -2.17
C THR A 76 10.22 -5.04 -1.18
N ARG A 77 10.79 -3.86 -1.43
CA ARG A 77 10.64 -2.72 -0.54
C ARG A 77 9.72 -1.68 -1.16
N PHE A 78 8.55 -1.51 -0.57
CA PHE A 78 7.58 -0.52 -1.02
C PHE A 78 8.16 0.89 -0.87
N VAL A 79 8.06 1.69 -1.92
CA VAL A 79 8.53 3.06 -1.87
C VAL A 79 7.34 4.02 -1.82
N GLY A 80 6.47 3.94 -2.81
CA GLY A 80 5.30 4.79 -2.84
C GLY A 80 4.30 4.38 -3.89
N PHE A 81 3.02 4.50 -3.56
CA PHE A 81 1.95 4.22 -4.51
C PHE A 81 1.22 5.52 -4.84
N VAL A 82 0.93 5.70 -6.11
CA VAL A 82 0.26 6.91 -6.57
C VAL A 82 -1.04 6.56 -7.28
N SER A 83 -2.17 6.78 -6.59
CA SER A 83 -3.46 6.71 -7.23
C SER A 83 -3.49 7.69 -8.39
N ARG A 84 -3.82 7.19 -9.57
CA ARG A 84 -3.59 7.91 -10.81
C ARG A 84 -4.20 9.31 -10.78
N THR A 85 -5.52 9.35 -10.65
CA THR A 85 -6.27 10.61 -10.60
C THR A 85 -5.87 11.56 -11.75
N PRO A 86 -6.47 11.38 -12.92
CA PRO A 86 -6.23 12.26 -14.06
C PRO A 86 -6.74 13.67 -13.80
N ASP A 87 -6.19 14.65 -14.52
CA ASP A 87 -6.61 16.03 -14.39
C ASP A 87 -8.12 16.13 -14.64
N ASN A 88 -8.53 15.48 -15.73
CA ASN A 88 -9.96 15.25 -16.01
C ASN A 88 -10.72 16.58 -16.18
N GLU A 89 -10.02 17.57 -16.72
CA GLU A 89 -10.61 18.89 -16.93
C GLU A 89 -11.67 18.86 -18.03
N LEU A 90 -11.50 17.94 -18.97
CA LEU A 90 -12.41 17.83 -20.10
C LEU A 90 -13.79 17.35 -19.65
N GLU A 91 -13.81 16.53 -18.61
CA GLU A 91 -15.05 16.05 -18.02
C GLU A 91 -15.36 16.91 -16.81
N HIS A 92 -16.41 17.73 -16.94
CA HIS A 92 -16.63 18.84 -16.01
C HIS A 92 -17.32 18.43 -14.71
N HIS A 93 -16.98 17.26 -14.20
CA HIS A 93 -17.34 16.88 -12.84
C HIS A 93 -16.08 16.57 -12.06
N HIS A 94 -14.98 16.42 -12.81
CA HIS A 94 -13.66 16.02 -12.28
C HIS A 94 -13.65 14.52 -11.98
N HIS A 95 -14.83 13.95 -11.80
CA HIS A 95 -15.03 12.51 -11.69
C HIS A 95 -16.47 12.17 -12.04
N HIS A 96 -16.68 10.97 -12.58
CA HIS A 96 -17.98 10.59 -13.10
C HIS A 96 -18.99 10.41 -11.96
N HIS A 97 -20.09 11.16 -12.05
CA HIS A 97 -21.17 11.07 -11.08
C HIS A 97 -22.21 10.09 -11.61
N MET A 1 12.36 -0.20 -20.60
CA MET A 1 12.19 -0.31 -19.13
C MET A 1 13.10 0.67 -18.42
N ALA A 2 13.16 0.56 -17.10
CA ALA A 2 14.00 1.43 -16.29
C ALA A 2 14.44 0.67 -15.05
N PRO A 3 15.48 1.16 -14.34
CA PRO A 3 15.91 0.58 -13.07
C PRO A 3 14.76 0.53 -12.06
N LEU A 4 13.91 1.54 -12.10
CA LEU A 4 12.70 1.57 -11.30
C LEU A 4 11.61 0.77 -11.98
N GLN A 5 11.09 -0.22 -11.29
CA GLN A 5 10.04 -1.05 -11.84
C GLN A 5 8.68 -0.40 -11.58
N GLN A 6 8.04 0.03 -12.66
CA GLN A 6 6.73 0.67 -12.56
C GLN A 6 5.65 -0.26 -13.06
N LYS A 7 4.78 -0.70 -12.16
CA LYS A 7 3.64 -1.53 -12.52
C LYS A 7 2.35 -0.80 -12.22
N GLN A 8 1.39 -0.89 -13.13
CA GLN A 8 0.06 -0.39 -12.85
C GLN A 8 -0.75 -1.51 -12.22
N VAL A 9 -0.93 -1.43 -10.91
CA VAL A 9 -1.52 -2.53 -10.15
C VAL A 9 -2.93 -2.19 -9.67
N VAL A 10 -3.62 -3.21 -9.21
CA VAL A 10 -4.95 -3.06 -8.66
C VAL A 10 -4.92 -3.07 -7.15
N VAL A 11 -5.38 -2.00 -6.52
CA VAL A 11 -5.59 -2.00 -5.09
C VAL A 11 -6.82 -2.85 -4.80
N SER A 12 -6.60 -4.12 -4.51
CA SER A 12 -7.69 -5.08 -4.42
C SER A 12 -8.55 -4.86 -3.18
N ASN A 13 -7.90 -4.66 -2.03
CA ASN A 13 -8.60 -4.45 -0.78
C ASN A 13 -7.61 -4.20 0.35
N LYS A 14 -8.09 -3.61 1.44
CA LYS A 14 -7.32 -3.51 2.65
C LYS A 14 -7.21 -4.90 3.28
N ARG A 15 -6.11 -5.18 3.93
CA ARG A 15 -5.93 -6.48 4.52
C ARG A 15 -4.90 -6.41 5.62
N GLU A 16 -4.98 -7.34 6.56
CA GLU A 16 -3.98 -7.46 7.60
C GLU A 16 -3.76 -8.92 7.90
N LYS A 17 -2.59 -9.44 7.56
CA LYS A 17 -2.22 -10.78 7.97
C LYS A 17 -1.40 -10.69 9.24
N PRO A 18 -2.06 -10.85 10.39
CA PRO A 18 -1.47 -10.58 11.68
C PRO A 18 -0.42 -11.60 12.07
N VAL A 19 0.83 -11.19 12.00
CA VAL A 19 1.92 -11.98 12.52
C VAL A 19 1.83 -11.96 14.04
N ASN A 20 1.79 -13.14 14.64
CA ASN A 20 1.65 -13.25 16.09
C ASN A 20 2.81 -12.56 16.80
N ASP A 21 3.97 -12.54 16.15
CA ASP A 21 5.13 -11.86 16.69
C ASP A 21 5.07 -10.36 16.40
N ARG A 22 4.33 -9.64 17.23
CA ARG A 22 4.27 -8.18 17.17
C ARG A 22 4.47 -7.61 18.57
N ARG A 23 5.73 -7.46 18.97
CA ARG A 23 6.04 -6.99 20.31
C ARG A 23 6.31 -5.50 20.32
N SER A 24 5.52 -4.77 21.11
CA SER A 24 5.64 -3.34 21.22
C SER A 24 6.65 -2.96 22.30
N ARG A 25 7.85 -2.60 21.88
CA ARG A 25 8.89 -2.20 22.81
C ARG A 25 8.77 -0.72 23.17
N GLN A 26 8.80 -0.42 24.47
CA GLN A 26 8.72 0.96 24.97
C GLN A 26 7.42 1.63 24.55
N GLN A 27 6.43 0.80 24.19
CA GLN A 27 5.11 1.26 23.76
C GLN A 27 5.18 2.07 22.47
N GLU A 28 4.93 1.40 21.35
CA GLU A 28 4.84 2.07 20.07
C GLU A 28 3.52 2.82 19.94
N VAL A 29 3.62 4.11 19.64
CA VAL A 29 2.45 4.96 19.46
C VAL A 29 1.53 4.37 18.40
N SER A 30 2.14 3.79 17.37
CA SER A 30 1.42 3.12 16.29
C SER A 30 0.57 4.09 15.48
N PRO A 31 1.18 4.71 14.45
CA PRO A 31 0.49 5.68 13.58
C PRO A 31 -0.48 5.02 12.61
N ALA A 32 -0.97 3.84 12.97
CA ALA A 32 -1.96 3.13 12.17
C ALA A 32 -3.33 3.26 12.83
N GLY A 33 -3.40 4.05 13.89
CA GLY A 33 -4.65 4.26 14.59
C GLY A 33 -4.63 3.60 15.95
N THR A 34 -4.20 2.36 15.99
CA THR A 34 -4.14 1.60 17.23
C THR A 34 -3.34 0.31 17.00
N SER A 35 -3.58 -0.71 17.82
CA SER A 35 -2.84 -1.97 17.74
C SER A 35 -2.95 -2.62 16.35
N MET A 36 -4.06 -2.38 15.67
CA MET A 36 -4.29 -2.96 14.35
C MET A 36 -3.50 -2.22 13.28
N ARG A 37 -2.97 -2.97 12.33
CA ARG A 37 -2.24 -2.39 11.21
C ARG A 37 -3.08 -2.45 9.95
N TYR A 38 -3.02 -1.40 9.15
CA TYR A 38 -3.77 -1.37 7.91
C TYR A 38 -2.85 -1.55 6.72
N GLU A 39 -2.87 -2.74 6.14
CA GLU A 39 -2.03 -3.02 4.99
C GLU A 39 -2.90 -3.01 3.73
N ALA A 40 -2.28 -2.72 2.61
CA ALA A 40 -3.00 -2.67 1.34
C ALA A 40 -2.45 -3.71 0.38
N SER A 41 -3.33 -4.42 -0.28
CA SER A 41 -2.94 -5.48 -1.18
C SER A 41 -2.92 -4.97 -2.62
N PHE A 42 -1.77 -5.09 -3.26
CA PHE A 42 -1.62 -4.67 -4.64
C PHE A 42 -1.61 -5.88 -5.56
N LYS A 43 -2.51 -5.87 -6.53
CA LYS A 43 -2.69 -7.00 -7.44
C LYS A 43 -1.89 -6.78 -8.72
N PRO A 44 -0.90 -7.65 -8.97
CA PRO A 44 -0.14 -7.64 -10.22
C PRO A 44 -0.95 -8.23 -11.37
N LEU A 45 -0.85 -7.61 -12.53
CA LEU A 45 -1.63 -8.04 -13.70
C LEU A 45 -0.83 -9.03 -14.54
N ASN A 46 0.46 -9.13 -14.26
CA ASN A 46 1.38 -9.89 -15.10
C ASN A 46 1.53 -11.32 -14.59
N GLY A 47 0.53 -11.79 -13.88
CA GLY A 47 0.59 -13.12 -13.30
C GLY A 47 1.37 -13.14 -12.00
N GLY A 48 0.70 -13.51 -10.92
CA GLY A 48 1.36 -13.57 -9.64
C GLY A 48 0.42 -13.26 -8.49
N LEU A 49 0.89 -13.47 -7.27
CA LEU A 49 0.09 -13.23 -6.09
C LEU A 49 0.17 -11.77 -5.67
N GLU A 50 -0.81 -11.33 -4.90
CA GLU A 50 -0.89 -9.94 -4.45
C GLU A 50 0.29 -9.59 -3.54
N LYS A 51 0.78 -8.36 -3.67
CA LYS A 51 1.79 -7.85 -2.77
C LYS A 51 1.12 -6.94 -1.74
N THR A 52 1.03 -7.42 -0.51
CA THR A 52 0.42 -6.66 0.56
C THR A 52 1.48 -5.88 1.33
N PHE A 53 1.34 -4.56 1.36
CA PHE A 53 2.31 -3.71 2.05
C PHE A 53 1.67 -3.03 3.26
N ARG A 54 2.42 -2.99 4.35
CA ARG A 54 1.95 -2.40 5.60
C ARG A 54 1.94 -0.88 5.49
N LEU A 55 0.80 -0.28 5.82
CA LEU A 55 0.64 1.16 5.73
C LEU A 55 0.21 1.74 7.07
N GLN A 56 0.41 3.04 7.23
CA GLN A 56 -0.09 3.75 8.40
C GLN A 56 -1.45 4.37 8.09
N ALA A 57 -2.07 4.97 9.10
CA ALA A 57 -3.44 5.48 8.98
C ALA A 57 -3.58 6.50 7.85
N GLN A 58 -2.73 7.52 7.87
CA GLN A 58 -2.81 8.59 6.88
C GLN A 58 -2.47 8.08 5.49
N GLN A 59 -1.58 7.09 5.41
CA GLN A 59 -1.21 6.50 4.14
C GLN A 59 -2.39 5.76 3.53
N TYR A 60 -3.08 4.99 4.37
CA TYR A 60 -4.25 4.24 3.95
C TYR A 60 -5.36 5.17 3.47
N HIS A 61 -5.41 6.39 4.01
CA HIS A 61 -6.43 7.36 3.61
C HIS A 61 -6.33 7.70 2.13
N ALA A 62 -5.12 7.61 1.58
CA ALA A 62 -4.90 7.90 0.17
C ALA A 62 -5.15 6.66 -0.69
N LEU A 63 -4.93 5.49 -0.11
CA LEU A 63 -5.10 4.24 -0.83
C LEU A 63 -6.57 3.94 -1.05
N THR A 64 -7.01 4.12 -2.28
CA THR A 64 -8.40 3.89 -2.66
C THR A 64 -8.54 2.52 -3.31
N VAL A 65 -9.33 1.66 -2.70
CA VAL A 65 -9.57 0.32 -3.23
C VAL A 65 -10.24 0.37 -4.60
N GLY A 66 -9.70 -0.39 -5.54
CA GLY A 66 -10.23 -0.41 -6.90
C GLY A 66 -9.55 0.61 -7.78
N ASP A 67 -8.93 1.59 -7.18
CA ASP A 67 -8.29 2.66 -7.94
C ASP A 67 -6.92 2.19 -8.44
N GLN A 68 -6.93 1.63 -9.65
CA GLN A 68 -5.71 1.16 -10.29
C GLN A 68 -4.76 2.32 -10.57
N GLY A 69 -3.48 2.10 -10.33
CA GLY A 69 -2.49 3.14 -10.53
C GLY A 69 -1.08 2.58 -10.62
N THR A 70 -0.11 3.47 -10.77
CA THR A 70 1.26 3.07 -10.99
C THR A 70 2.01 2.92 -9.66
N LEU A 71 2.84 1.89 -9.58
CA LEU A 71 3.58 1.61 -8.38
C LEU A 71 5.09 1.73 -8.65
N SER A 72 5.75 2.49 -7.80
CA SER A 72 7.17 2.73 -7.91
C SER A 72 7.91 1.83 -6.91
N TYR A 73 8.46 0.74 -7.39
CA TYR A 73 9.21 -0.17 -6.53
C TYR A 73 10.53 -0.54 -7.16
N LYS A 74 11.56 -0.66 -6.33
CA LYS A 74 12.87 -1.10 -6.77
C LYS A 74 13.41 -2.10 -5.78
N GLY A 75 13.50 -3.35 -6.20
CA GLY A 75 13.84 -4.41 -5.28
C GLY A 75 12.63 -4.85 -4.49
N THR A 76 12.66 -4.62 -3.18
CA THR A 76 11.53 -4.98 -2.34
C THR A 76 11.06 -3.79 -1.53
N ARG A 77 11.79 -2.68 -1.61
CA ARG A 77 11.44 -1.49 -0.85
C ARG A 77 10.43 -0.64 -1.61
N PHE A 78 9.38 -0.25 -0.89
CA PHE A 78 8.36 0.64 -1.42
C PHE A 78 8.95 2.04 -1.61
N VAL A 79 9.07 2.46 -2.86
CA VAL A 79 9.61 3.78 -3.17
C VAL A 79 8.50 4.82 -3.15
N GLY A 80 7.43 4.55 -3.90
CA GLY A 80 6.31 5.46 -3.93
C GLY A 80 5.14 4.87 -4.69
N PHE A 81 3.99 5.53 -4.62
CA PHE A 81 2.80 5.07 -5.32
C PHE A 81 2.09 6.23 -5.99
N VAL A 82 1.95 6.16 -7.29
CA VAL A 82 1.29 7.21 -8.05
C VAL A 82 0.14 6.62 -8.86
N SER A 83 -1.04 6.65 -8.29
CA SER A 83 -2.22 6.10 -8.93
C SER A 83 -2.77 7.08 -9.95
N ARG A 84 -3.90 6.75 -10.55
CA ARG A 84 -4.53 7.63 -11.52
C ARG A 84 -5.18 8.81 -10.81
N THR A 85 -5.48 8.60 -9.53
CA THR A 85 -6.00 9.67 -8.69
C THR A 85 -4.92 10.71 -8.40
N PRO A 86 -5.31 12.00 -8.37
CA PRO A 86 -4.39 13.08 -8.00
C PRO A 86 -4.15 13.11 -6.50
N ASP A 87 -3.38 14.10 -6.04
CA ASP A 87 -3.07 14.26 -4.63
C ASP A 87 -4.34 14.38 -3.81
N ASN A 88 -5.23 15.25 -4.26
CA ASN A 88 -6.52 15.45 -3.59
C ASN A 88 -6.32 15.92 -2.15
N GLU A 89 -5.21 16.61 -1.94
CA GLU A 89 -4.85 17.10 -0.62
C GLU A 89 -5.86 18.13 -0.12
N LEU A 90 -6.32 18.99 -1.03
CA LEU A 90 -7.33 19.99 -0.72
C LEU A 90 -8.70 19.36 -0.57
N GLU A 91 -8.86 18.19 -1.18
CA GLU A 91 -10.13 17.48 -1.23
C GLU A 91 -11.24 18.32 -1.87
N HIS A 92 -11.40 18.20 -3.17
CA HIS A 92 -12.54 18.80 -3.83
C HIS A 92 -13.76 17.93 -3.61
N HIS A 93 -14.54 18.27 -2.59
CA HIS A 93 -15.69 17.47 -2.21
C HIS A 93 -16.72 17.47 -3.32
N HIS A 94 -16.81 18.57 -4.04
CA HIS A 94 -17.62 18.64 -5.24
C HIS A 94 -16.70 18.65 -6.47
N HIS A 95 -16.57 17.51 -7.11
CA HIS A 95 -15.79 17.43 -8.33
C HIS A 95 -16.49 18.14 -9.47
N HIS A 96 -15.73 18.94 -10.21
CA HIS A 96 -16.22 19.46 -11.48
C HIS A 96 -16.23 18.31 -12.45
N HIS A 97 -15.18 17.48 -12.35
CA HIS A 97 -15.10 16.19 -13.02
C HIS A 97 -13.76 15.55 -12.68
N MET A 1 19.21 4.61 -17.58
CA MET A 1 18.87 3.50 -16.67
C MET A 1 17.61 3.82 -15.88
N ALA A 2 16.76 2.83 -15.68
CA ALA A 2 15.55 3.01 -14.89
C ALA A 2 15.71 2.37 -13.51
N PRO A 3 15.94 3.18 -12.48
CA PRO A 3 16.18 2.68 -11.12
C PRO A 3 14.89 2.38 -10.37
N LEU A 4 13.78 2.92 -10.84
CA LEU A 4 12.50 2.74 -10.18
C LEU A 4 11.60 1.82 -11.01
N GLN A 5 11.17 0.72 -10.40
CA GLN A 5 10.30 -0.21 -11.08
C GLN A 5 8.86 0.21 -10.90
N GLN A 6 8.17 0.43 -12.01
CA GLN A 6 6.80 0.90 -11.99
C GLN A 6 5.90 0.02 -12.84
N LYS A 7 4.83 -0.45 -12.22
CA LYS A 7 3.77 -1.15 -12.93
C LYS A 7 2.42 -0.67 -12.42
N GLN A 8 1.44 -0.64 -13.29
CA GLN A 8 0.09 -0.30 -12.88
C GLN A 8 -0.57 -1.51 -12.26
N VAL A 9 -1.00 -1.37 -11.01
CA VAL A 9 -1.60 -2.47 -10.28
C VAL A 9 -2.97 -2.09 -9.76
N VAL A 10 -3.73 -3.09 -9.36
CA VAL A 10 -5.05 -2.86 -8.78
C VAL A 10 -5.01 -2.96 -7.26
N VAL A 11 -5.43 -1.91 -6.58
CA VAL A 11 -5.62 -1.97 -5.13
C VAL A 11 -6.91 -2.74 -4.85
N SER A 12 -6.80 -4.05 -4.81
CA SER A 12 -7.98 -4.91 -4.77
C SER A 12 -8.64 -4.95 -3.39
N ASN A 13 -7.85 -5.25 -2.37
CA ASN A 13 -8.41 -5.50 -1.05
C ASN A 13 -7.45 -5.05 0.06
N LYS A 14 -8.02 -4.79 1.23
CA LYS A 14 -7.24 -4.43 2.41
C LYS A 14 -6.96 -5.69 3.22
N ARG A 15 -5.82 -5.71 3.90
CA ARG A 15 -5.40 -6.89 4.63
C ARG A 15 -4.91 -6.52 6.03
N GLU A 16 -4.74 -7.53 6.87
CA GLU A 16 -4.23 -7.32 8.22
C GLU A 16 -3.39 -8.52 8.67
N LYS A 17 -2.08 -8.33 8.70
CA LYS A 17 -1.18 -9.30 9.30
C LYS A 17 -0.51 -8.68 10.54
N PRO A 18 -1.06 -8.95 11.73
CA PRO A 18 -0.49 -8.45 12.99
C PRO A 18 0.86 -9.10 13.27
N VAL A 19 1.77 -8.34 13.86
CA VAL A 19 3.10 -8.86 14.13
C VAL A 19 3.12 -9.64 15.43
N ASN A 20 2.70 -10.89 15.36
CA ASN A 20 2.81 -11.79 16.51
C ASN A 20 4.22 -12.36 16.55
N ASP A 21 5.08 -11.68 17.27
CA ASP A 21 6.51 -11.94 17.22
C ASP A 21 6.97 -12.69 18.44
N ARG A 22 6.78 -12.09 19.60
CA ARG A 22 7.20 -12.69 20.86
C ARG A 22 6.10 -12.55 21.90
N ARG A 23 5.98 -11.35 22.44
CA ARG A 23 4.97 -11.06 23.45
C ARG A 23 4.96 -9.57 23.75
N SER A 24 4.07 -8.85 23.10
CA SER A 24 3.93 -7.42 23.34
C SER A 24 3.10 -7.19 24.59
N ARG A 25 3.62 -6.38 25.50
CA ARG A 25 2.95 -6.17 26.78
C ARG A 25 1.74 -5.28 26.63
N GLN A 26 0.59 -5.80 26.99
CA GLN A 26 -0.66 -5.08 26.88
C GLN A 26 -1.01 -4.46 28.22
N GLN A 27 -0.84 -3.15 28.31
CA GLN A 27 -1.04 -2.42 29.55
C GLN A 27 -2.50 -2.46 29.99
N GLU A 28 -2.70 -2.40 31.28
CA GLU A 28 -4.03 -2.46 31.87
C GLU A 28 -4.71 -1.10 31.74
N VAL A 29 -5.84 -1.07 31.03
CA VAL A 29 -6.63 0.15 30.81
C VAL A 29 -5.99 1.06 29.76
N SER A 30 -4.68 1.25 29.85
CA SER A 30 -3.95 2.12 28.94
C SER A 30 -3.82 1.52 27.54
N PRO A 31 -4.56 2.06 26.55
CA PRO A 31 -4.54 1.61 25.17
C PRO A 31 -3.75 2.55 24.26
N ALA A 32 -2.73 3.20 24.82
CA ALA A 32 -1.98 4.22 24.10
C ALA A 32 -0.95 3.61 23.15
N GLY A 33 -0.80 2.30 23.20
CA GLY A 33 0.15 1.63 22.33
C GLY A 33 -0.51 0.94 21.15
N THR A 34 -1.77 1.29 20.89
CA THR A 34 -2.52 0.67 19.82
C THR A 34 -2.37 1.44 18.52
N SER A 35 -1.45 1.00 17.67
CA SER A 35 -1.26 1.60 16.37
C SER A 35 -1.53 0.56 15.28
N MET A 36 -2.72 0.60 14.71
CA MET A 36 -3.10 -0.36 13.68
C MET A 36 -2.51 -0.01 12.33
N ARG A 37 -1.56 -0.80 11.90
CA ARG A 37 -0.97 -0.64 10.59
C ARG A 37 -1.66 -1.58 9.60
N TYR A 38 -2.47 -1.01 8.74
CA TYR A 38 -3.24 -1.78 7.77
C TYR A 38 -2.32 -2.32 6.67
N GLU A 39 -2.89 -3.10 5.77
CA GLU A 39 -2.17 -3.59 4.61
C GLU A 39 -3.01 -3.38 3.37
N ALA A 40 -2.36 -3.14 2.25
CA ALA A 40 -3.04 -3.00 0.98
C ALA A 40 -2.45 -3.97 -0.02
N SER A 41 -3.31 -4.74 -0.66
CA SER A 41 -2.86 -5.70 -1.66
C SER A 41 -2.92 -5.10 -3.05
N PHE A 42 -1.77 -5.06 -3.70
CA PHE A 42 -1.68 -4.56 -5.06
C PHE A 42 -1.58 -5.74 -6.02
N LYS A 43 -2.57 -5.87 -6.87
CA LYS A 43 -2.70 -7.04 -7.72
C LYS A 43 -2.07 -6.81 -9.08
N PRO A 44 -1.06 -7.62 -9.43
CA PRO A 44 -0.40 -7.57 -10.73
C PRO A 44 -1.36 -7.89 -11.86
N LEU A 45 -1.28 -7.10 -12.93
CA LEU A 45 -2.20 -7.24 -14.05
C LEU A 45 -1.90 -8.50 -14.86
N ASN A 46 -0.65 -8.96 -14.82
CA ASN A 46 -0.29 -10.16 -15.58
C ASN A 46 -0.41 -11.39 -14.70
N GLY A 47 -1.12 -11.24 -13.60
CA GLY A 47 -1.27 -12.31 -12.65
C GLY A 47 -0.03 -12.54 -11.81
N GLY A 48 -0.21 -13.17 -10.66
CA GLY A 48 0.91 -13.49 -9.81
C GLY A 48 0.51 -13.50 -8.35
N LEU A 49 1.44 -13.11 -7.50
CA LEU A 49 1.15 -12.95 -6.08
C LEU A 49 0.89 -11.49 -5.78
N GLU A 50 -0.29 -11.19 -5.26
CA GLU A 50 -0.65 -9.84 -4.92
C GLU A 50 0.33 -9.26 -3.90
N LYS A 51 0.86 -8.09 -4.20
CA LYS A 51 1.84 -7.45 -3.33
C LYS A 51 1.13 -6.72 -2.20
N THR A 52 1.14 -7.33 -1.03
CA THR A 52 0.48 -6.76 0.12
C THR A 52 1.48 -6.04 1.01
N PHE A 53 1.43 -4.72 1.00
CA PHE A 53 2.34 -3.91 1.79
C PHE A 53 1.63 -3.32 2.99
N ARG A 54 2.25 -3.41 4.16
CA ARG A 54 1.69 -2.85 5.37
C ARG A 54 1.90 -1.34 5.38
N LEU A 55 0.81 -0.61 5.58
CA LEU A 55 0.80 0.83 5.45
C LEU A 55 0.29 1.49 6.73
N GLN A 56 0.57 2.78 6.86
CA GLN A 56 0.05 3.55 7.98
C GLN A 56 -1.36 4.05 7.65
N ALA A 57 -2.11 4.42 8.68
CA ALA A 57 -3.50 4.86 8.51
C ALA A 57 -3.63 5.97 7.47
N GLN A 58 -2.77 6.97 7.58
CA GLN A 58 -2.81 8.11 6.66
C GLN A 58 -2.52 7.69 5.22
N GLN A 59 -1.66 6.69 5.08
CA GLN A 59 -1.26 6.20 3.76
C GLN A 59 -2.36 5.34 3.15
N TYR A 60 -3.01 4.57 4.00
CA TYR A 60 -4.14 3.74 3.58
C TYR A 60 -5.33 4.63 3.20
N HIS A 61 -5.35 5.85 3.71
CA HIS A 61 -6.40 6.79 3.39
C HIS A 61 -6.07 7.55 2.11
N ALA A 62 -4.80 7.56 1.74
CA ALA A 62 -4.35 8.29 0.55
C ALA A 62 -4.70 7.52 -0.72
N LEU A 63 -4.30 6.26 -0.77
CA LEU A 63 -4.61 5.41 -1.92
C LEU A 63 -5.94 4.70 -1.70
N THR A 64 -6.72 4.55 -2.76
CA THR A 64 -8.07 4.06 -2.64
C THR A 64 -8.23 2.67 -3.26
N VAL A 65 -9.04 1.84 -2.64
CA VAL A 65 -9.35 0.52 -3.17
C VAL A 65 -10.06 0.64 -4.52
N GLY A 66 -9.60 -0.14 -5.49
CA GLY A 66 -10.15 -0.09 -6.83
C GLY A 66 -9.41 0.87 -7.71
N ASP A 67 -8.52 1.66 -7.13
CA ASP A 67 -7.77 2.62 -7.90
C ASP A 67 -6.61 1.95 -8.61
N GLN A 68 -6.86 1.55 -9.85
CA GLN A 68 -5.81 1.03 -10.71
C GLN A 68 -4.80 2.13 -11.03
N GLY A 69 -3.57 1.95 -10.62
CA GLY A 69 -2.58 2.99 -10.81
C GLY A 69 -1.16 2.49 -10.69
N THR A 70 -0.21 3.39 -10.86
CA THR A 70 1.19 3.03 -10.95
C THR A 70 1.79 2.78 -9.57
N LEU A 71 2.58 1.72 -9.45
CA LEU A 71 3.24 1.39 -8.20
C LEU A 71 4.75 1.45 -8.40
N SER A 72 5.40 2.28 -7.60
CA SER A 72 6.85 2.46 -7.68
C SER A 72 7.53 1.72 -6.54
N TYR A 73 8.39 0.78 -6.89
CA TYR A 73 9.09 -0.01 -5.90
C TYR A 73 10.46 -0.43 -6.41
N LYS A 74 11.33 -0.83 -5.50
CA LYS A 74 12.64 -1.34 -5.86
C LYS A 74 12.88 -2.66 -5.16
N GLY A 75 12.70 -3.75 -5.89
CA GLY A 75 12.83 -5.06 -5.28
C GLY A 75 11.69 -5.33 -4.32
N THR A 76 12.01 -5.45 -3.05
CA THR A 76 11.00 -5.67 -2.03
C THR A 76 10.59 -4.36 -1.36
N ARG A 77 11.29 -3.28 -1.68
CA ARG A 77 11.08 -2.01 -1.01
C ARG A 77 9.97 -1.21 -1.68
N PHE A 78 8.91 -0.99 -0.91
CA PHE A 78 7.81 -0.12 -1.33
C PHE A 78 8.27 1.33 -1.33
N VAL A 79 8.42 1.91 -2.51
CA VAL A 79 8.89 3.28 -2.61
C VAL A 79 7.71 4.24 -2.53
N GLY A 80 6.64 3.94 -3.26
CA GLY A 80 5.46 4.76 -3.21
C GLY A 80 4.46 4.42 -4.30
N PHE A 81 3.19 4.59 -4.00
CA PHE A 81 2.13 4.36 -4.96
C PHE A 81 1.76 5.68 -5.62
N VAL A 82 1.66 5.68 -6.94
CA VAL A 82 1.34 6.89 -7.68
C VAL A 82 0.02 6.71 -8.40
N SER A 83 -1.02 7.36 -7.89
CA SER A 83 -2.34 7.27 -8.48
C SER A 83 -2.33 7.93 -9.86
N ARG A 84 -3.14 7.40 -10.76
CA ARG A 84 -3.24 7.93 -12.11
C ARG A 84 -3.87 9.31 -12.08
N THR A 85 -4.74 9.51 -11.11
CA THR A 85 -5.30 10.83 -10.86
C THR A 85 -4.54 11.48 -9.70
N PRO A 86 -3.97 12.67 -9.93
CA PRO A 86 -3.20 13.39 -8.91
C PRO A 86 -4.01 13.65 -7.64
N ASP A 87 -3.32 13.73 -6.51
CA ASP A 87 -3.98 13.97 -5.22
C ASP A 87 -4.74 15.29 -5.21
N ASN A 88 -4.37 16.17 -6.12
CA ASN A 88 -5.07 17.43 -6.30
C ASN A 88 -5.46 17.57 -7.77
N GLU A 89 -6.60 18.23 -8.01
CA GLU A 89 -7.23 18.29 -9.34
C GLU A 89 -7.96 16.99 -9.63
N LEU A 90 -8.83 16.60 -8.71
CA LEU A 90 -9.64 15.41 -8.88
C LEU A 90 -10.69 15.65 -9.96
N GLU A 91 -10.34 15.30 -11.20
CA GLU A 91 -11.26 15.43 -12.32
C GLU A 91 -12.50 14.59 -12.08
N HIS A 92 -12.32 13.48 -11.39
CA HIS A 92 -13.42 12.64 -10.97
C HIS A 92 -13.50 12.66 -9.45
N HIS A 93 -14.44 13.44 -8.93
CA HIS A 93 -14.55 13.64 -7.49
C HIS A 93 -14.98 12.35 -6.81
N HIS A 94 -15.84 11.60 -7.49
CA HIS A 94 -16.13 10.24 -7.09
C HIS A 94 -15.36 9.29 -8.00
N HIS A 95 -14.42 8.56 -7.42
CA HIS A 95 -13.63 7.61 -8.17
C HIS A 95 -14.53 6.52 -8.73
N HIS A 96 -15.44 6.06 -7.87
CA HIS A 96 -16.45 5.10 -8.27
C HIS A 96 -17.82 5.76 -8.27
N HIS A 97 -18.40 5.93 -9.45
CA HIS A 97 -19.70 6.55 -9.56
C HIS A 97 -20.79 5.49 -9.73
N MET A 1 22.89 0.80 -11.29
CA MET A 1 22.28 1.08 -9.97
C MET A 1 20.95 0.36 -9.86
N ALA A 2 20.46 0.21 -8.64
CA ALA A 2 19.20 -0.48 -8.39
C ALA A 2 18.02 0.42 -8.74
N PRO A 3 17.29 0.09 -9.81
CA PRO A 3 16.15 0.87 -10.25
C PRO A 3 14.86 0.43 -9.59
N LEU A 4 13.84 1.28 -9.65
CA LEU A 4 12.54 0.92 -9.15
C LEU A 4 11.63 0.58 -10.32
N GLN A 5 10.73 -0.36 -10.12
CA GLN A 5 9.85 -0.81 -11.18
C GLN A 5 8.52 -0.09 -11.08
N GLN A 6 8.08 0.49 -12.19
CA GLN A 6 6.82 1.21 -12.24
C GLN A 6 5.87 0.53 -13.20
N LYS A 7 4.84 -0.09 -12.65
CA LYS A 7 3.85 -0.77 -13.47
C LYS A 7 2.45 -0.41 -12.97
N GLN A 8 1.45 -0.71 -13.78
CA GLN A 8 0.06 -0.44 -13.41
C GLN A 8 -0.51 -1.61 -12.64
N VAL A 9 -0.87 -1.38 -11.38
CA VAL A 9 -1.42 -2.44 -10.55
C VAL A 9 -2.77 -2.03 -9.98
N VAL A 10 -3.50 -3.00 -9.48
CA VAL A 10 -4.78 -2.75 -8.85
C VAL A 10 -4.67 -2.89 -7.34
N VAL A 11 -5.02 -1.85 -6.61
CA VAL A 11 -5.15 -1.97 -5.16
C VAL A 11 -6.45 -2.71 -4.86
N SER A 12 -6.33 -4.02 -4.63
CA SER A 12 -7.49 -4.90 -4.56
C SER A 12 -8.23 -4.78 -3.23
N ASN A 13 -7.52 -4.99 -2.13
CA ASN A 13 -8.15 -4.99 -0.82
C ASN A 13 -7.15 -4.71 0.29
N LYS A 14 -7.68 -4.46 1.47
CA LYS A 14 -6.86 -4.30 2.66
C LYS A 14 -6.60 -5.66 3.29
N ARG A 15 -5.44 -5.81 3.88
CA ARG A 15 -5.07 -7.06 4.56
C ARG A 15 -4.62 -6.73 5.98
N GLU A 16 -4.60 -7.73 6.86
CA GLU A 16 -4.28 -7.49 8.26
C GLU A 16 -3.53 -8.69 8.85
N LYS A 17 -2.22 -8.56 8.99
CA LYS A 17 -1.41 -9.61 9.62
C LYS A 17 -1.31 -9.40 11.12
N PRO A 18 -1.59 -10.43 11.92
CA PRO A 18 -1.37 -10.42 13.36
C PRO A 18 0.11 -10.62 13.68
N VAL A 19 0.76 -9.57 14.15
CA VAL A 19 2.19 -9.62 14.43
C VAL A 19 2.46 -10.40 15.70
N ASN A 20 3.18 -11.50 15.57
CA ASN A 20 3.57 -12.32 16.71
C ASN A 20 5.08 -12.51 16.73
N ASP A 21 5.67 -12.52 17.91
CA ASP A 21 7.12 -12.70 18.04
C ASP A 21 7.43 -14.18 18.30
N ARG A 22 8.65 -14.46 18.71
CA ARG A 22 9.10 -15.82 18.92
C ARG A 22 9.39 -16.07 20.40
N ARG A 23 8.94 -15.15 21.23
CA ARG A 23 9.20 -15.23 22.65
C ARG A 23 8.08 -15.96 23.38
N SER A 24 8.41 -16.52 24.53
CA SER A 24 7.45 -17.27 25.33
C SER A 24 6.46 -16.33 26.01
N ARG A 25 5.36 -16.88 26.49
CA ARG A 25 4.31 -16.08 27.15
C ARG A 25 4.83 -15.45 28.44
N GLN A 26 5.93 -16.00 28.96
CA GLN A 26 6.56 -15.45 30.16
C GLN A 26 7.18 -14.09 29.85
N GLN A 27 7.54 -13.88 28.59
CA GLN A 27 8.17 -12.65 28.16
C GLN A 27 7.14 -11.74 27.48
N GLU A 28 6.79 -10.66 28.15
CA GLU A 28 5.81 -9.72 27.63
C GLU A 28 6.51 -8.72 26.71
N VAL A 29 5.86 -8.35 25.62
CA VAL A 29 6.46 -7.46 24.63
C VAL A 29 6.35 -6.00 25.06
N SER A 30 5.22 -5.67 25.70
CA SER A 30 4.96 -4.31 26.19
C SER A 30 5.01 -3.28 25.05
N PRO A 31 3.91 -3.17 24.29
CA PRO A 31 3.79 -2.22 23.19
C PRO A 31 3.72 -0.77 23.69
N ALA A 32 4.55 0.08 23.14
CA ALA A 32 4.60 1.48 23.55
C ALA A 32 4.69 2.37 22.33
N GLY A 33 3.55 2.65 21.74
CA GLY A 33 3.50 3.43 20.53
C GLY A 33 3.30 2.55 19.31
N THR A 34 2.14 1.94 19.23
CA THR A 34 1.83 1.03 18.14
C THR A 34 0.80 1.64 17.20
N SER A 35 1.27 2.12 16.06
CA SER A 35 0.40 2.67 15.05
C SER A 35 -0.35 1.53 14.35
N MET A 36 -1.65 1.69 14.15
CA MET A 36 -2.46 0.68 13.52
C MET A 36 -2.00 0.41 12.09
N ARG A 37 -1.63 -0.82 11.82
CA ARG A 37 -1.09 -1.18 10.53
C ARG A 37 -2.17 -1.70 9.61
N TYR A 38 -2.38 -1.00 8.52
CA TYR A 38 -3.31 -1.44 7.50
C TYR A 38 -2.53 -1.85 6.27
N GLU A 39 -2.79 -3.02 5.73
CA GLU A 39 -2.04 -3.49 4.59
C GLU A 39 -2.85 -3.34 3.32
N ALA A 40 -2.16 -3.09 2.23
CA ALA A 40 -2.82 -2.96 0.95
C ALA A 40 -2.31 -4.03 0.00
N SER A 41 -3.22 -4.72 -0.66
CA SER A 41 -2.84 -5.76 -1.60
C SER A 41 -2.79 -5.17 -3.00
N PHE A 42 -1.63 -5.27 -3.63
CA PHE A 42 -1.46 -4.78 -4.98
C PHE A 42 -1.47 -5.94 -5.95
N LYS A 43 -2.51 -5.98 -6.76
CA LYS A 43 -2.72 -7.06 -7.70
C LYS A 43 -2.18 -6.67 -9.07
N PRO A 44 -1.15 -7.37 -9.54
CA PRO A 44 -0.57 -7.13 -10.86
C PRO A 44 -1.50 -7.57 -11.97
N LEU A 45 -1.54 -6.77 -13.04
CA LEU A 45 -2.33 -7.12 -14.21
C LEU A 45 -1.66 -8.27 -14.96
N ASN A 46 -0.40 -8.52 -14.61
CA ASN A 46 0.29 -9.71 -15.05
C ASN A 46 0.14 -10.78 -13.98
N GLY A 47 -0.70 -11.78 -14.30
CA GLY A 47 -1.04 -12.83 -13.35
C GLY A 47 0.12 -13.30 -12.49
N GLY A 48 -0.09 -13.22 -11.17
CA GLY A 48 0.92 -13.60 -10.22
C GLY A 48 0.43 -13.41 -8.81
N LEU A 49 1.35 -13.28 -7.85
CA LEU A 49 0.97 -13.07 -6.47
C LEU A 49 0.78 -11.60 -6.15
N GLU A 50 -0.31 -11.31 -5.47
CA GLU A 50 -0.58 -9.96 -4.99
C GLU A 50 0.41 -9.59 -3.89
N LYS A 51 1.02 -8.43 -4.01
CA LYS A 51 2.05 -8.03 -3.08
C LYS A 51 1.45 -7.12 -2.00
N THR A 52 1.41 -7.62 -0.78
CA THR A 52 0.83 -6.91 0.34
C THR A 52 1.89 -6.07 1.05
N PHE A 53 1.68 -4.76 1.11
CA PHE A 53 2.58 -3.88 1.83
C PHE A 53 1.88 -3.28 3.03
N ARG A 54 2.63 -3.07 4.12
CA ARG A 54 2.06 -2.53 5.35
C ARG A 54 2.07 -1.00 5.34
N LEU A 55 0.90 -0.43 5.55
CA LEU A 55 0.73 1.01 5.53
C LEU A 55 0.23 1.51 6.89
N GLN A 56 0.37 2.81 7.14
CA GLN A 56 -0.18 3.42 8.33
C GLN A 56 -1.47 4.16 7.97
N ALA A 57 -2.11 4.77 8.98
CA ALA A 57 -3.40 5.46 8.78
C ALA A 57 -3.35 6.46 7.63
N GLN A 58 -2.46 7.44 7.74
CA GLN A 58 -2.36 8.50 6.73
C GLN A 58 -1.98 7.94 5.35
N GLN A 59 -1.24 6.85 5.35
CA GLN A 59 -0.76 6.25 4.12
C GLN A 59 -1.87 5.47 3.42
N TYR A 60 -2.62 4.69 4.19
CA TYR A 60 -3.73 3.93 3.65
C TYR A 60 -4.83 4.87 3.18
N HIS A 61 -4.92 6.03 3.82
CA HIS A 61 -5.87 7.06 3.44
C HIS A 61 -5.52 7.64 2.07
N ALA A 62 -4.28 7.43 1.65
CA ALA A 62 -3.81 7.93 0.36
C ALA A 62 -3.78 6.80 -0.68
N LEU A 63 -4.26 5.63 -0.28
CA LEU A 63 -4.32 4.49 -1.16
C LEU A 63 -5.75 4.18 -1.56
N THR A 64 -6.11 4.53 -2.77
CA THR A 64 -7.47 4.33 -3.25
C THR A 64 -7.67 2.88 -3.72
N VAL A 65 -8.39 2.09 -2.93
CA VAL A 65 -8.71 0.73 -3.30
C VAL A 65 -9.60 0.70 -4.54
N GLY A 66 -9.16 -0.06 -5.53
CA GLY A 66 -9.86 -0.11 -6.81
C GLY A 66 -9.20 0.76 -7.85
N ASP A 67 -8.37 1.69 -7.40
CA ASP A 67 -7.71 2.60 -8.32
C ASP A 67 -6.55 1.91 -9.00
N GLN A 68 -6.82 1.39 -10.18
CA GLN A 68 -5.79 0.82 -11.03
C GLN A 68 -4.84 1.93 -11.48
N GLY A 69 -3.59 1.87 -11.05
CA GLY A 69 -2.69 2.97 -11.28
C GLY A 69 -1.23 2.59 -11.13
N THR A 70 -0.36 3.58 -11.16
CA THR A 70 1.07 3.35 -11.23
C THR A 70 1.65 3.05 -9.84
N LEU A 71 2.40 1.96 -9.75
CA LEU A 71 3.07 1.59 -8.51
C LEU A 71 4.57 1.61 -8.70
N SER A 72 5.26 2.35 -7.85
CA SER A 72 6.70 2.42 -7.87
C SER A 72 7.28 1.68 -6.67
N TYR A 73 8.11 0.69 -6.94
CA TYR A 73 8.70 -0.10 -5.88
C TYR A 73 10.09 -0.57 -6.26
N LYS A 74 10.99 -0.58 -5.30
CA LYS A 74 12.36 -0.98 -5.54
C LYS A 74 12.66 -2.25 -4.72
N GLY A 75 12.71 -3.38 -5.40
CA GLY A 75 12.88 -4.64 -4.71
C GLY A 75 11.59 -5.04 -4.01
N THR A 76 11.64 -5.07 -2.69
CA THR A 76 10.45 -5.37 -1.90
C THR A 76 10.04 -4.14 -1.08
N ARG A 77 10.62 -2.99 -1.40
CA ARG A 77 10.33 -1.78 -0.66
C ARG A 77 9.37 -0.88 -1.43
N PHE A 78 8.29 -0.50 -0.76
CA PHE A 78 7.29 0.40 -1.32
C PHE A 78 7.86 1.81 -1.44
N VAL A 79 7.94 2.30 -2.67
CA VAL A 79 8.42 3.65 -2.92
C VAL A 79 7.26 4.63 -2.94
N GLY A 80 6.24 4.31 -3.72
CA GLY A 80 5.06 5.16 -3.79
C GLY A 80 4.07 4.67 -4.81
N PHE A 81 2.80 4.94 -4.55
CA PHE A 81 1.74 4.56 -5.48
C PHE A 81 1.03 5.79 -6.00
N VAL A 82 0.99 5.92 -7.32
CA VAL A 82 0.36 7.07 -7.95
C VAL A 82 -1.03 6.70 -8.44
N SER A 83 -2.02 7.04 -7.62
CA SER A 83 -3.41 6.80 -7.99
C SER A 83 -3.83 7.76 -9.09
N ARG A 84 -4.78 7.30 -9.92
CA ARG A 84 -5.28 8.09 -11.03
C ARG A 84 -5.89 9.38 -10.53
N THR A 85 -5.14 10.46 -10.66
CA THR A 85 -5.60 11.74 -10.18
C THR A 85 -6.70 12.28 -11.10
N PRO A 86 -7.94 12.36 -10.60
CA PRO A 86 -9.08 12.79 -11.38
C PRO A 86 -9.26 14.30 -11.36
N ASP A 87 -8.57 15.00 -12.25
CA ASP A 87 -8.74 16.43 -12.38
C ASP A 87 -10.15 16.71 -12.85
N ASN A 88 -10.85 17.58 -12.13
CA ASN A 88 -12.28 17.78 -12.32
C ASN A 88 -12.61 18.27 -13.74
N GLU A 89 -11.65 18.87 -14.41
CA GLU A 89 -11.90 19.44 -15.72
C GLU A 89 -11.49 18.50 -16.84
N LEU A 90 -10.96 17.33 -16.49
CA LEU A 90 -10.53 16.37 -17.50
C LEU A 90 -11.15 15.01 -17.26
N GLU A 91 -11.97 14.60 -18.22
CA GLU A 91 -12.61 13.30 -18.17
C GLU A 91 -11.68 12.23 -18.72
N HIS A 92 -11.40 11.22 -17.91
CA HIS A 92 -10.50 10.15 -18.34
C HIS A 92 -11.28 9.07 -19.08
N HIS A 93 -11.37 9.21 -20.40
CA HIS A 93 -12.04 8.21 -21.23
C HIS A 93 -11.03 7.14 -21.64
N HIS A 94 -11.48 5.90 -21.76
CA HIS A 94 -10.58 4.80 -22.09
C HIS A 94 -10.97 4.17 -23.41
N HIS A 95 -10.13 3.26 -23.88
CA HIS A 95 -10.44 2.46 -25.06
C HIS A 95 -11.13 1.18 -24.63
N HIS A 96 -11.64 1.22 -23.41
CA HIS A 96 -12.36 0.10 -22.83
C HIS A 96 -13.70 0.62 -22.29
N HIS A 97 -13.66 1.81 -21.71
CA HIS A 97 -14.87 2.55 -21.33
C HIS A 97 -14.99 3.79 -22.20
N MET A 1 19.03 4.28 -17.25
CA MET A 1 18.97 3.12 -16.35
C MET A 1 17.60 3.02 -15.69
N ALA A 2 17.33 3.93 -14.76
CA ALA A 2 16.07 3.96 -14.02
C ALA A 2 15.86 2.68 -13.22
N PRO A 3 16.39 2.63 -11.98
CA PRO A 3 16.21 1.48 -11.09
C PRO A 3 14.77 1.37 -10.57
N LEU A 4 14.05 2.49 -10.59
CA LEU A 4 12.66 2.51 -10.13
C LEU A 4 11.78 1.77 -11.11
N GLN A 5 11.21 0.66 -10.69
CA GLN A 5 10.32 -0.09 -11.53
C GLN A 5 8.88 0.24 -11.17
N GLN A 6 8.20 0.90 -12.10
CA GLN A 6 6.83 1.29 -11.87
C GLN A 6 5.87 0.36 -12.60
N LYS A 7 5.13 -0.39 -11.81
CA LYS A 7 4.14 -1.33 -12.33
C LYS A 7 2.76 -0.89 -11.91
N GLN A 8 1.85 -0.79 -12.86
CA GLN A 8 0.48 -0.44 -12.54
C GLN A 8 -0.24 -1.66 -11.97
N VAL A 9 -0.79 -1.47 -10.79
CA VAL A 9 -1.39 -2.57 -10.05
C VAL A 9 -2.76 -2.20 -9.53
N VAL A 10 -3.51 -3.21 -9.11
CA VAL A 10 -4.80 -3.01 -8.50
C VAL A 10 -4.68 -3.15 -6.99
N VAL A 11 -5.13 -2.15 -6.25
CA VAL A 11 -5.27 -2.28 -4.81
C VAL A 11 -6.47 -3.17 -4.53
N SER A 12 -6.21 -4.46 -4.39
CA SER A 12 -7.27 -5.46 -4.34
C SER A 12 -8.08 -5.35 -3.05
N ASN A 13 -7.39 -5.24 -1.92
CA ASN A 13 -8.06 -5.14 -0.64
C ASN A 13 -7.07 -4.74 0.44
N LYS A 14 -7.55 -4.00 1.44
CA LYS A 14 -6.75 -3.68 2.60
C LYS A 14 -6.94 -4.76 3.66
N ARG A 15 -5.86 -5.41 4.03
CA ARG A 15 -5.95 -6.55 4.92
C ARG A 15 -5.38 -6.23 6.29
N GLU A 16 -6.00 -6.78 7.31
CA GLU A 16 -5.46 -6.67 8.65
C GLU A 16 -4.63 -7.91 8.96
N LYS A 17 -3.34 -7.83 8.74
CA LYS A 17 -2.46 -8.96 8.96
C LYS A 17 -1.71 -8.85 10.28
N PRO A 18 -2.09 -9.67 11.27
CA PRO A 18 -1.37 -9.78 12.52
C PRO A 18 -0.28 -10.85 12.43
N VAL A 19 0.96 -10.41 12.33
CA VAL A 19 2.08 -11.32 12.13
C VAL A 19 2.39 -12.10 13.41
N ASN A 20 2.99 -11.41 14.39
CA ASN A 20 3.42 -12.04 15.62
C ASN A 20 4.28 -13.27 15.34
N ASP A 21 5.48 -13.00 14.82
CA ASP A 21 6.42 -14.04 14.44
C ASP A 21 6.90 -14.81 15.67
N ARG A 22 7.55 -15.94 15.46
CA ARG A 22 8.08 -16.75 16.56
C ARG A 22 9.13 -15.96 17.34
N ARG A 23 9.70 -14.95 16.68
CA ARG A 23 10.68 -14.09 17.32
C ARG A 23 10.03 -13.24 18.40
N SER A 24 8.78 -12.87 18.18
CA SER A 24 8.04 -12.05 19.12
C SER A 24 7.16 -12.91 20.02
N ARG A 25 7.33 -12.77 21.32
CA ARG A 25 6.58 -13.56 22.28
C ARG A 25 5.84 -12.64 23.24
N GLN A 26 5.10 -13.22 24.19
CA GLN A 26 4.33 -12.43 25.14
C GLN A 26 5.23 -11.81 26.21
N GLN A 27 6.54 -12.00 26.04
CA GLN A 27 7.52 -11.33 26.87
C GLN A 27 7.71 -9.89 26.41
N GLU A 28 7.23 -9.62 25.20
CA GLU A 28 7.21 -8.27 24.67
C GLU A 28 5.91 -7.58 25.07
N VAL A 29 6.01 -6.34 25.51
CA VAL A 29 4.82 -5.61 25.94
C VAL A 29 4.18 -4.91 24.75
N SER A 30 4.99 -4.56 23.77
CA SER A 30 4.50 -3.94 22.56
C SER A 30 4.72 -4.85 21.35
N PRO A 31 3.85 -5.85 21.17
CA PRO A 31 3.90 -6.76 20.02
C PRO A 31 3.23 -6.15 18.80
N ALA A 32 2.31 -5.22 19.09
CA ALA A 32 1.58 -4.50 18.06
C ALA A 32 0.86 -3.31 18.67
N GLY A 33 1.53 -2.15 18.65
CA GLY A 33 0.89 -0.93 19.09
C GLY A 33 -0.37 -0.64 18.29
N THR A 34 -0.21 -0.67 16.97
CA THR A 34 -1.35 -0.62 16.08
C THR A 34 -1.90 -2.03 15.90
N SER A 35 -2.94 -2.36 16.66
CA SER A 35 -3.51 -3.70 16.64
C SER A 35 -4.08 -4.01 15.27
N MET A 36 -4.66 -3.02 14.64
CA MET A 36 -5.16 -3.16 13.29
C MET A 36 -4.10 -2.69 12.29
N ARG A 37 -3.11 -3.54 12.04
CA ARG A 37 -2.06 -3.23 11.09
C ARG A 37 -2.60 -3.28 9.67
N TYR A 38 -2.64 -2.12 9.04
CA TYR A 38 -3.18 -2.01 7.70
C TYR A 38 -2.13 -2.38 6.68
N GLU A 39 -2.42 -3.41 5.91
CA GLU A 39 -1.59 -3.78 4.78
C GLU A 39 -2.42 -3.77 3.52
N ALA A 40 -1.82 -3.38 2.42
CA ALA A 40 -2.53 -3.34 1.15
C ALA A 40 -1.88 -4.28 0.15
N SER A 41 -2.70 -5.08 -0.51
CA SER A 41 -2.21 -5.99 -1.52
C SER A 41 -2.31 -5.35 -2.89
N PHE A 42 -1.17 -5.29 -3.58
CA PHE A 42 -1.12 -4.74 -4.92
C PHE A 42 -1.05 -5.87 -5.94
N LYS A 43 -2.10 -6.00 -6.71
CA LYS A 43 -2.25 -7.08 -7.67
C LYS A 43 -1.90 -6.59 -9.07
N PRO A 44 -0.85 -7.16 -9.69
CA PRO A 44 -0.38 -6.75 -11.01
C PRO A 44 -1.43 -6.98 -12.10
N LEU A 45 -1.59 -5.98 -12.97
CA LEU A 45 -2.58 -6.04 -14.05
C LEU A 45 -2.30 -7.17 -15.02
N ASN A 46 -1.03 -7.47 -15.25
CA ASN A 46 -0.64 -8.52 -16.19
C ASN A 46 -0.45 -9.85 -15.47
N GLY A 47 -1.00 -9.94 -14.29
CA GLY A 47 -0.90 -11.15 -13.50
C GLY A 47 0.30 -11.13 -12.56
N GLY A 48 0.16 -11.79 -11.42
CA GLY A 48 1.24 -11.85 -10.47
C GLY A 48 0.74 -11.95 -9.05
N LEU A 49 1.64 -12.28 -8.12
CA LEU A 49 1.28 -12.42 -6.71
C LEU A 49 0.89 -11.07 -6.12
N GLU A 50 -0.13 -11.08 -5.28
CA GLU A 50 -0.56 -9.86 -4.59
C GLU A 50 0.49 -9.43 -3.58
N LYS A 51 1.10 -8.28 -3.85
CA LYS A 51 2.16 -7.76 -3.00
C LYS A 51 1.55 -6.99 -1.83
N THR A 52 1.68 -7.55 -0.64
CA THR A 52 1.12 -6.93 0.55
C THR A 52 2.20 -6.14 1.29
N PHE A 53 1.97 -4.83 1.43
CA PHE A 53 2.93 -3.95 2.09
C PHE A 53 2.28 -3.21 3.25
N ARG A 54 3.12 -2.71 4.16
CA ARG A 54 2.64 -2.00 5.35
C ARG A 54 2.23 -0.58 4.97
N LEU A 55 1.02 -0.20 5.34
CA LEU A 55 0.52 1.14 5.06
C LEU A 55 -0.17 1.74 6.28
N GLN A 56 0.17 2.97 6.60
CA GLN A 56 -0.48 3.67 7.69
C GLN A 56 -1.74 4.37 7.18
N ALA A 57 -2.59 4.81 8.11
CA ALA A 57 -3.84 5.47 7.75
C ALA A 57 -3.58 6.72 6.91
N GLN A 58 -2.54 7.45 7.26
CA GLN A 58 -2.15 8.65 6.52
C GLN A 58 -1.74 8.30 5.10
N GLN A 59 -1.11 7.15 4.94
CA GLN A 59 -0.65 6.70 3.63
C GLN A 59 -1.81 6.16 2.82
N TYR A 60 -2.62 5.29 3.43
CA TYR A 60 -3.76 4.68 2.77
C TYR A 60 -4.78 5.73 2.32
N HIS A 61 -4.76 6.88 2.99
CA HIS A 61 -5.64 8.00 2.64
C HIS A 61 -5.47 8.42 1.17
N ALA A 62 -4.34 8.07 0.58
CA ALA A 62 -4.02 8.51 -0.78
C ALA A 62 -4.47 7.50 -1.85
N LEU A 63 -4.94 6.34 -1.44
CA LEU A 63 -5.34 5.31 -2.39
C LEU A 63 -6.65 4.63 -1.97
N THR A 64 -7.35 4.07 -2.94
CA THR A 64 -8.62 3.41 -2.68
C THR A 64 -8.59 1.96 -3.16
N VAL A 65 -9.29 1.08 -2.45
CA VAL A 65 -9.43 -0.30 -2.90
C VAL A 65 -10.18 -0.37 -4.23
N GLY A 66 -9.54 -0.98 -5.21
CA GLY A 66 -10.11 -1.02 -6.55
C GLY A 66 -9.51 0.02 -7.46
N ASP A 67 -8.89 1.03 -6.86
CA ASP A 67 -8.30 2.11 -7.63
C ASP A 67 -6.99 1.67 -8.26
N GLN A 68 -7.08 1.22 -9.50
CA GLN A 68 -5.91 0.82 -10.26
C GLN A 68 -5.00 2.02 -10.50
N GLY A 69 -3.71 1.86 -10.24
CA GLY A 69 -2.78 2.95 -10.39
C GLY A 69 -1.35 2.47 -10.47
N THR A 70 -0.42 3.40 -10.51
CA THR A 70 0.99 3.07 -10.74
C THR A 70 1.70 2.81 -9.41
N LEU A 71 2.60 1.83 -9.39
CA LEU A 71 3.34 1.51 -8.17
C LEU A 71 4.83 1.73 -8.37
N SER A 72 5.39 2.61 -7.55
CA SER A 72 6.81 2.91 -7.55
C SER A 72 7.53 2.01 -6.55
N TYR A 73 8.31 1.06 -7.06
CA TYR A 73 9.02 0.14 -6.19
C TYR A 73 10.39 -0.20 -6.76
N LYS A 74 11.23 -0.79 -5.92
CA LYS A 74 12.50 -1.33 -6.35
C LYS A 74 12.66 -2.74 -5.81
N GLY A 75 12.20 -3.71 -6.58
CA GLY A 75 12.14 -5.08 -6.10
C GLY A 75 10.94 -5.28 -5.20
N THR A 76 11.19 -5.54 -3.93
CA THR A 76 10.12 -5.62 -2.95
C THR A 76 10.10 -4.38 -2.07
N ARG A 77 10.98 -3.44 -2.38
CA ARG A 77 11.06 -2.18 -1.65
C ARG A 77 9.94 -1.25 -2.10
N PHE A 78 8.99 -1.03 -1.23
CA PHE A 78 7.87 -0.14 -1.50
C PHE A 78 8.31 1.32 -1.37
N VAL A 79 8.48 1.98 -2.51
CA VAL A 79 8.87 3.38 -2.53
C VAL A 79 7.64 4.27 -2.36
N GLY A 80 6.58 3.93 -3.07
CA GLY A 80 5.33 4.66 -2.93
C GLY A 80 4.32 4.30 -4.00
N PHE A 81 3.05 4.45 -3.70
CA PHE A 81 2.00 4.19 -4.66
C PHE A 81 1.62 5.51 -5.34
N VAL A 82 1.50 5.47 -6.65
CA VAL A 82 1.21 6.66 -7.41
C VAL A 82 -0.23 6.65 -7.90
N SER A 83 -1.10 7.26 -7.12
CA SER A 83 -2.49 7.41 -7.50
C SER A 83 -2.62 8.51 -8.55
N ARG A 84 -3.64 8.42 -9.40
CA ARG A 84 -3.83 9.41 -10.45
C ARG A 84 -4.23 10.76 -9.87
N THR A 85 -4.77 10.74 -8.66
CA THR A 85 -5.07 11.97 -7.94
C THR A 85 -4.97 11.74 -6.43
N PRO A 86 -3.88 12.19 -5.81
CA PRO A 86 -3.63 12.01 -4.38
C PRO A 86 -4.11 13.20 -3.53
N ASP A 87 -3.88 13.10 -2.23
CA ASP A 87 -4.28 14.12 -1.27
C ASP A 87 -3.33 15.32 -1.34
N ASN A 88 -2.19 15.11 -1.98
CA ASN A 88 -1.15 16.13 -2.08
C ASN A 88 -1.67 17.43 -2.66
N GLU A 89 -2.49 17.33 -3.69
CA GLU A 89 -2.95 18.50 -4.42
C GLU A 89 -4.32 18.97 -3.93
N LEU A 90 -4.80 18.35 -2.87
CA LEU A 90 -6.11 18.70 -2.33
C LEU A 90 -5.99 19.19 -0.91
N GLU A 91 -6.49 20.37 -0.64
CA GLU A 91 -6.47 20.91 0.70
C GLU A 91 -7.64 20.36 1.49
N HIS A 92 -7.39 19.97 2.73
CA HIS A 92 -8.42 19.43 3.58
C HIS A 92 -9.49 20.48 3.84
N HIS A 93 -9.04 21.67 4.26
CA HIS A 93 -9.89 22.87 4.36
C HIS A 93 -11.23 22.57 5.06
N HIS A 94 -12.25 22.28 4.27
CA HIS A 94 -13.58 21.94 4.76
C HIS A 94 -14.31 21.16 3.68
N HIS A 95 -15.02 20.12 4.09
CA HIS A 95 -15.77 19.32 3.13
C HIS A 95 -17.26 19.66 3.21
N HIS A 96 -17.75 20.25 2.13
CA HIS A 96 -19.15 20.67 2.07
C HIS A 96 -20.08 19.48 2.03
N HIS A 97 -21.06 19.50 2.92
CA HIS A 97 -22.12 18.49 2.92
C HIS A 97 -23.47 19.18 2.90
N MET A 1 13.19 0.42 -18.86
CA MET A 1 14.39 -0.10 -18.18
C MET A 1 14.83 0.85 -17.07
N ALA A 2 14.64 0.41 -15.83
CA ALA A 2 15.02 1.19 -14.67
C ALA A 2 14.99 0.32 -13.43
N PRO A 3 15.84 0.60 -12.43
CA PRO A 3 15.84 -0.13 -11.15
C PRO A 3 14.52 0.07 -10.41
N LEU A 4 13.82 1.14 -10.74
CA LEU A 4 12.51 1.40 -10.19
C LEU A 4 11.46 0.70 -11.04
N GLN A 5 10.94 -0.40 -10.53
CA GLN A 5 9.96 -1.17 -11.26
C GLN A 5 8.58 -0.55 -11.12
N GLN A 6 7.98 -0.18 -12.24
CA GLN A 6 6.71 0.52 -12.24
C GLN A 6 5.77 -0.01 -13.30
N LYS A 7 4.49 -0.03 -12.96
CA LYS A 7 3.41 -0.29 -13.93
C LYS A 7 2.09 0.04 -13.26
N GLN A 8 1.03 0.17 -14.04
CA GLN A 8 -0.30 0.38 -13.49
C GLN A 8 -0.84 -0.93 -12.92
N VAL A 9 -1.12 -0.92 -11.63
CA VAL A 9 -1.59 -2.11 -10.93
C VAL A 9 -2.95 -1.87 -10.30
N VAL A 10 -3.48 -2.90 -9.66
CA VAL A 10 -4.77 -2.81 -9.00
C VAL A 10 -4.63 -2.93 -7.49
N VAL A 11 -5.07 -1.91 -6.76
CA VAL A 11 -5.21 -2.01 -5.33
C VAL A 11 -6.47 -2.82 -5.03
N SER A 12 -6.30 -4.11 -4.80
CA SER A 12 -7.40 -5.05 -4.83
C SER A 12 -8.16 -5.15 -3.50
N ASN A 13 -7.44 -5.12 -2.39
CA ASN A 13 -8.08 -5.33 -1.09
C ASN A 13 -7.17 -4.85 0.04
N LYS A 14 -7.70 -4.84 1.25
CA LYS A 14 -6.96 -4.44 2.43
C LYS A 14 -7.01 -5.55 3.48
N ARG A 15 -5.90 -5.77 4.17
CA ARG A 15 -5.82 -6.85 5.16
C ARG A 15 -4.98 -6.44 6.36
N GLU A 16 -4.82 -7.37 7.29
CA GLU A 16 -4.02 -7.14 8.49
C GLU A 16 -3.28 -8.41 8.87
N LYS A 17 -1.96 -8.33 8.91
CA LYS A 17 -1.14 -9.45 9.35
C LYS A 17 -0.44 -9.11 10.66
N PRO A 18 -0.35 -10.07 11.58
CA PRO A 18 0.32 -9.88 12.86
C PRO A 18 1.84 -9.76 12.70
N VAL A 19 2.35 -8.56 12.93
CA VAL A 19 3.79 -8.32 12.80
C VAL A 19 4.55 -8.91 13.97
N ASN A 20 5.46 -9.83 13.67
CA ASN A 20 6.26 -10.48 14.70
C ASN A 20 7.49 -9.63 15.04
N ASP A 21 8.27 -9.29 14.02
CA ASP A 21 9.46 -8.46 14.20
C ASP A 21 9.06 -7.04 14.59
N ARG A 22 9.03 -6.78 15.88
CA ARG A 22 8.61 -5.48 16.39
C ARG A 22 9.73 -4.83 17.18
N ARG A 23 9.56 -3.54 17.46
CA ARG A 23 10.54 -2.78 18.23
C ARG A 23 10.23 -2.86 19.73
N SER A 24 9.30 -3.75 20.07
CA SER A 24 8.89 -3.94 21.45
C SER A 24 8.94 -5.42 21.81
N ARG A 25 9.97 -6.10 21.26
CA ARG A 25 10.19 -7.54 21.48
C ARG A 25 9.15 -8.39 20.76
N GLN A 26 9.45 -9.68 20.61
CA GLN A 26 8.58 -10.60 19.90
C GLN A 26 7.77 -11.44 20.90
N GLN A 27 8.44 -11.90 21.93
CA GLN A 27 7.79 -12.72 22.95
C GLN A 27 6.96 -11.84 23.88
N GLU A 28 5.68 -11.70 23.53
CA GLU A 28 4.73 -10.94 24.33
C GLU A 28 3.38 -11.64 24.29
N VAL A 29 2.57 -11.43 25.32
CA VAL A 29 1.23 -12.02 25.37
C VAL A 29 0.37 -11.48 24.23
N SER A 30 0.53 -10.20 23.93
CA SER A 30 -0.17 -9.57 22.84
C SER A 30 0.64 -9.69 21.54
N PRO A 31 0.21 -10.60 20.63
CA PRO A 31 0.95 -10.88 19.41
C PRO A 31 0.49 -10.01 18.24
N ALA A 32 -0.44 -9.10 18.51
CA ALA A 32 -0.98 -8.24 17.48
C ALA A 32 -0.78 -6.76 17.84
N GLY A 33 -1.61 -6.28 18.77
CA GLY A 33 -1.53 -4.88 19.15
C GLY A 33 -2.56 -4.04 18.43
N THR A 34 -2.50 -2.72 18.63
CA THR A 34 -3.46 -1.80 18.04
C THR A 34 -3.47 -1.91 16.51
N SER A 35 -4.67 -1.90 15.93
CA SER A 35 -4.83 -2.00 14.49
C SER A 35 -4.69 -0.63 13.83
N MET A 36 -3.51 -0.04 13.98
CA MET A 36 -3.19 1.19 13.27
C MET A 36 -2.25 0.87 12.12
N ARG A 37 -1.91 -0.40 12.01
CA ARG A 37 -1.01 -0.88 10.99
C ARG A 37 -1.75 -1.78 10.00
N TYR A 38 -2.23 -1.18 8.93
CA TYR A 38 -3.02 -1.90 7.94
C TYR A 38 -2.12 -2.33 6.80
N GLU A 39 -2.62 -3.21 5.95
CA GLU A 39 -1.89 -3.59 4.75
C GLU A 39 -2.81 -3.56 3.55
N ALA A 40 -2.23 -3.26 2.40
CA ALA A 40 -2.99 -3.22 1.16
C ALA A 40 -2.46 -4.26 0.18
N SER A 41 -3.38 -4.91 -0.52
CA SER A 41 -3.03 -5.93 -1.49
C SER A 41 -2.93 -5.31 -2.87
N PHE A 42 -1.76 -5.39 -3.47
CA PHE A 42 -1.55 -4.89 -4.81
C PHE A 42 -1.52 -6.03 -5.79
N LYS A 43 -2.52 -6.07 -6.66
CA LYS A 43 -2.65 -7.12 -7.64
C LYS A 43 -2.02 -6.70 -8.96
N PRO A 44 -0.95 -7.39 -9.37
CA PRO A 44 -0.28 -7.10 -10.63
C PRO A 44 -1.09 -7.58 -11.83
N LEU A 45 -1.06 -6.81 -12.90
CA LEU A 45 -1.72 -7.22 -14.14
C LEU A 45 -0.90 -8.32 -14.81
N ASN A 46 0.34 -8.47 -14.34
CA ASN A 46 1.16 -9.59 -14.71
C ASN A 46 0.79 -10.76 -13.81
N GLY A 47 0.07 -11.73 -14.38
CA GLY A 47 -0.48 -12.84 -13.63
C GLY A 47 0.47 -13.43 -12.61
N GLY A 48 0.20 -13.16 -11.33
CA GLY A 48 1.03 -13.66 -10.27
C GLY A 48 0.38 -13.48 -8.91
N LEU A 49 1.17 -13.54 -7.86
CA LEU A 49 0.66 -13.40 -6.51
C LEU A 49 0.56 -11.94 -6.11
N GLU A 50 -0.48 -11.60 -5.35
CA GLU A 50 -0.67 -10.25 -4.86
C GLU A 50 0.32 -9.96 -3.74
N LYS A 51 0.86 -8.75 -3.73
CA LYS A 51 1.79 -8.35 -2.68
C LYS A 51 1.08 -7.46 -1.67
N THR A 52 1.16 -7.83 -0.40
CA THR A 52 0.53 -7.07 0.66
C THR A 52 1.56 -6.16 1.33
N PHE A 53 1.40 -4.86 1.14
CA PHE A 53 2.33 -3.89 1.72
C PHE A 53 1.68 -3.19 2.90
N ARG A 54 2.45 -3.02 3.96
CA ARG A 54 1.97 -2.39 5.18
C ARG A 54 1.83 -0.88 4.98
N LEU A 55 0.66 -0.37 5.31
CA LEU A 55 0.37 1.05 5.19
C LEU A 55 -0.26 1.58 6.47
N GLN A 56 0.14 2.77 6.87
CA GLN A 56 -0.42 3.41 8.05
C GLN A 56 -1.82 3.93 7.72
N ALA A 57 -2.59 4.28 8.76
CA ALA A 57 -3.94 4.84 8.56
C ALA A 57 -3.89 6.06 7.64
N GLN A 58 -2.87 6.87 7.81
CA GLN A 58 -2.68 8.06 6.99
C GLN A 58 -2.39 7.68 5.53
N GLN A 59 -1.72 6.56 5.33
CA GLN A 59 -1.37 6.11 3.99
C GLN A 59 -2.60 5.55 3.28
N TYR A 60 -3.40 4.79 4.01
CA TYR A 60 -4.65 4.26 3.46
C TYR A 60 -5.65 5.39 3.21
N HIS A 61 -5.43 6.52 3.88
CA HIS A 61 -6.28 7.68 3.74
C HIS A 61 -5.94 8.43 2.45
N ALA A 62 -4.88 8.00 1.78
CA ALA A 62 -4.47 8.61 0.53
C ALA A 62 -4.93 7.78 -0.67
N LEU A 63 -4.45 6.55 -0.76
CA LEU A 63 -4.81 5.67 -1.87
C LEU A 63 -6.07 4.90 -1.54
N THR A 64 -6.83 4.54 -2.56
CA THR A 64 -8.11 3.87 -2.37
C THR A 64 -8.15 2.53 -3.10
N VAL A 65 -8.89 1.57 -2.55
CA VAL A 65 -9.06 0.27 -3.18
C VAL A 65 -9.78 0.42 -4.52
N GLY A 66 -9.21 -0.19 -5.56
CA GLY A 66 -9.75 -0.05 -6.89
C GLY A 66 -9.00 0.98 -7.71
N ASP A 67 -8.07 1.67 -7.07
CA ASP A 67 -7.29 2.68 -7.76
C ASP A 67 -6.28 2.02 -8.69
N GLN A 68 -6.64 1.93 -9.96
CA GLN A 68 -5.71 1.47 -10.97
C GLN A 68 -4.70 2.57 -11.27
N GLY A 69 -3.46 2.36 -10.87
CA GLY A 69 -2.44 3.36 -11.06
C GLY A 69 -1.05 2.78 -10.96
N THR A 70 -0.05 3.61 -11.18
CA THR A 70 1.33 3.14 -11.23
C THR A 70 1.87 2.82 -9.85
N LEU A 71 2.67 1.78 -9.76
CA LEU A 71 3.28 1.38 -8.51
C LEU A 71 4.80 1.48 -8.62
N SER A 72 5.38 2.30 -7.75
CA SER A 72 6.81 2.53 -7.75
C SER A 72 7.46 1.73 -6.63
N TYR A 73 8.33 0.80 -6.99
CA TYR A 73 9.03 0.01 -5.98
C TYR A 73 10.36 -0.53 -6.49
N LYS A 74 11.36 -0.49 -5.63
CA LYS A 74 12.61 -1.21 -5.87
C LYS A 74 12.63 -2.45 -5.00
N GLY A 75 12.57 -3.61 -5.62
CA GLY A 75 12.53 -4.84 -4.87
C GLY A 75 11.26 -4.96 -4.04
N THR A 76 11.43 -5.00 -2.72
CA THR A 76 10.29 -5.13 -1.83
C THR A 76 10.20 -3.90 -0.91
N ARG A 77 10.98 -2.87 -1.24
CA ARG A 77 11.07 -1.67 -0.40
C ARG A 77 9.77 -0.88 -0.40
N PHE A 78 9.06 -0.90 -1.53
CA PHE A 78 7.85 -0.11 -1.72
C PHE A 78 8.16 1.38 -1.65
N VAL A 79 8.25 2.02 -2.81
CA VAL A 79 8.57 3.43 -2.89
C VAL A 79 7.29 4.25 -2.75
N GLY A 80 6.19 3.69 -3.25
CA GLY A 80 4.91 4.33 -3.09
C GLY A 80 3.99 4.07 -4.26
N PHE A 81 2.70 4.13 -4.01
CA PHE A 81 1.71 3.99 -5.07
C PHE A 81 1.45 5.36 -5.68
N VAL A 82 1.52 5.44 -7.00
CA VAL A 82 1.39 6.70 -7.69
C VAL A 82 0.11 6.75 -8.50
N SER A 83 -0.86 7.51 -8.02
CA SER A 83 -2.08 7.75 -8.76
C SER A 83 -1.83 8.79 -9.85
N ARG A 84 -0.95 8.42 -10.78
CA ARG A 84 -0.51 9.29 -11.85
C ARG A 84 -1.68 9.77 -12.69
N THR A 85 -2.03 11.04 -12.53
CA THR A 85 -3.13 11.63 -13.27
C THR A 85 -2.61 12.72 -14.20
N PRO A 86 -2.55 12.43 -15.51
CA PRO A 86 -2.13 13.41 -16.52
C PRO A 86 -3.20 14.47 -16.76
N ASP A 87 -2.79 15.56 -17.39
CA ASP A 87 -3.70 16.68 -17.69
C ASP A 87 -4.96 16.17 -18.39
N ASN A 88 -6.12 16.67 -17.94
CA ASN A 88 -7.39 16.16 -18.44
C ASN A 88 -7.83 16.88 -19.71
N GLU A 89 -7.07 16.68 -20.77
CA GLU A 89 -7.46 17.09 -22.10
C GLU A 89 -6.61 16.34 -23.11
N LEU A 90 -6.15 15.18 -22.66
CA LEU A 90 -5.28 14.33 -23.44
C LEU A 90 -5.87 12.94 -23.49
N GLU A 91 -5.90 12.33 -24.67
CA GLU A 91 -6.51 11.01 -24.82
C GLU A 91 -5.74 9.94 -24.04
N HIS A 92 -4.49 10.24 -23.72
CA HIS A 92 -3.68 9.35 -22.88
C HIS A 92 -4.22 9.33 -21.45
N HIS A 93 -5.01 10.34 -21.09
CA HIS A 93 -5.67 10.39 -19.79
C HIS A 93 -6.85 9.42 -19.78
N HIS A 94 -7.41 9.18 -20.96
CA HIS A 94 -8.60 8.33 -21.09
C HIS A 94 -8.19 6.90 -21.40
N HIS A 95 -6.90 6.60 -21.27
CA HIS A 95 -6.38 5.28 -21.57
C HIS A 95 -5.75 4.65 -20.33
N HIS A 96 -5.38 3.38 -20.44
CA HIS A 96 -4.74 2.66 -19.34
C HIS A 96 -3.55 1.88 -19.87
N HIS A 97 -2.63 1.49 -18.99
CA HIS A 97 -1.43 0.79 -19.43
C HIS A 97 -1.02 -0.28 -18.42
N MET A 1 14.85 1.37 -16.74
CA MET A 1 15.54 2.67 -16.84
C MET A 1 15.90 3.19 -15.46
N ALA A 2 14.86 3.52 -14.68
CA ALA A 2 15.05 4.05 -13.35
C ALA A 2 15.18 2.91 -12.34
N PRO A 3 15.96 3.11 -11.27
CA PRO A 3 16.08 2.13 -10.19
C PRO A 3 14.73 1.87 -9.52
N LEU A 4 13.87 2.87 -9.55
CA LEU A 4 12.51 2.73 -9.05
C LEU A 4 11.64 2.11 -10.14
N GLN A 5 11.10 0.94 -9.88
CA GLN A 5 10.27 0.28 -10.86
C GLN A 5 8.81 0.59 -10.60
N GLN A 6 8.21 1.33 -11.50
CA GLN A 6 6.80 1.68 -11.38
C GLN A 6 5.97 0.85 -12.35
N LYS A 7 4.88 0.31 -11.86
CA LYS A 7 3.98 -0.47 -12.68
C LYS A 7 2.53 -0.21 -12.27
N GLN A 8 1.63 -0.23 -13.24
CA GLN A 8 0.21 -0.04 -12.96
C GLN A 8 -0.39 -1.33 -12.42
N VAL A 9 -0.94 -1.24 -11.22
CA VAL A 9 -1.52 -2.40 -10.55
C VAL A 9 -2.89 -2.06 -9.98
N VAL A 10 -3.58 -3.06 -9.44
CA VAL A 10 -4.89 -2.87 -8.85
C VAL A 10 -4.86 -3.13 -7.36
N VAL A 11 -5.31 -2.17 -6.57
CA VAL A 11 -5.48 -2.37 -5.13
C VAL A 11 -6.76 -3.15 -4.88
N SER A 12 -6.62 -4.44 -4.63
CA SER A 12 -7.77 -5.34 -4.56
C SER A 12 -8.57 -5.18 -3.28
N ASN A 13 -7.89 -5.24 -2.14
CA ASN A 13 -8.59 -5.22 -0.86
C ASN A 13 -7.63 -4.85 0.28
N LYS A 14 -8.18 -4.47 1.42
CA LYS A 14 -7.39 -4.11 2.59
C LYS A 14 -7.45 -5.22 3.64
N ARG A 15 -6.34 -5.42 4.32
CA ARG A 15 -6.24 -6.41 5.39
C ARG A 15 -5.23 -5.93 6.43
N GLU A 16 -4.93 -6.76 7.43
CA GLU A 16 -3.98 -6.39 8.46
C GLU A 16 -3.16 -7.59 8.93
N LYS A 17 -1.87 -7.56 8.65
CA LYS A 17 -0.94 -8.52 9.24
C LYS A 17 0.26 -7.76 9.78
N PRO A 18 0.35 -7.63 11.12
CA PRO A 18 1.46 -6.91 11.75
C PRO A 18 2.81 -7.50 11.38
N VAL A 19 3.54 -6.81 10.51
CA VAL A 19 4.83 -7.29 10.06
C VAL A 19 5.91 -6.93 11.08
N ASN A 20 5.87 -7.63 12.20
CA ASN A 20 6.85 -7.47 13.26
C ASN A 20 6.67 -8.59 14.26
N ASP A 21 7.28 -9.73 13.97
CA ASP A 21 7.13 -10.93 14.79
C ASP A 21 8.45 -11.35 15.39
N ARG A 22 9.54 -11.01 14.72
CA ARG A 22 10.86 -11.47 15.10
C ARG A 22 11.41 -10.73 16.32
N ARG A 23 11.11 -9.44 16.44
CA ARG A 23 11.58 -8.65 17.57
C ARG A 23 10.52 -7.70 18.09
N SER A 24 10.14 -7.90 19.34
CA SER A 24 9.26 -6.96 20.02
C SER A 24 10.02 -5.67 20.29
N ARG A 25 9.69 -4.64 19.51
CA ARG A 25 10.41 -3.37 19.57
C ARG A 25 10.09 -2.62 20.86
N GLN A 26 8.95 -2.94 21.45
CA GLN A 26 8.54 -2.34 22.71
C GLN A 26 8.91 -3.26 23.87
N GLN A 27 8.57 -2.83 25.08
CA GLN A 27 8.97 -3.55 26.27
C GLN A 27 7.99 -4.69 26.57
N GLU A 28 6.71 -4.43 26.37
CA GLU A 28 5.68 -5.43 26.63
C GLU A 28 5.49 -6.35 25.43
N VAL A 29 5.13 -7.60 25.72
CA VAL A 29 4.99 -8.63 24.70
C VAL A 29 3.87 -8.30 23.72
N SER A 30 2.78 -7.76 24.26
CA SER A 30 1.60 -7.41 23.46
C SER A 30 0.95 -8.66 22.87
N PRO A 31 0.27 -9.46 23.72
CA PRO A 31 -0.33 -10.74 23.33
C PRO A 31 -1.44 -10.61 22.30
N ALA A 32 -1.95 -9.39 22.14
CA ALA A 32 -3.01 -9.12 21.17
C ALA A 32 -2.52 -9.41 19.75
N GLY A 33 -1.24 -9.13 19.51
CA GLY A 33 -0.64 -9.42 18.21
C GLY A 33 -1.31 -8.66 17.07
N THR A 34 -1.65 -7.41 17.32
CA THR A 34 -2.28 -6.58 16.30
C THR A 34 -1.56 -5.24 16.18
N SER A 35 -1.56 -4.70 14.97
CA SER A 35 -0.96 -3.41 14.69
C SER A 35 -1.73 -2.76 13.56
N MET A 36 -2.32 -1.60 13.84
CA MET A 36 -3.27 -0.99 12.91
C MET A 36 -2.58 -0.31 11.72
N ARG A 37 -1.57 -0.97 11.18
CA ARG A 37 -0.98 -0.56 9.91
C ARG A 37 -1.56 -1.43 8.81
N TYR A 38 -2.57 -0.87 8.14
CA TYR A 38 -3.36 -1.61 7.17
C TYR A 38 -2.51 -2.00 5.98
N GLU A 39 -2.70 -3.22 5.50
CA GLU A 39 -2.04 -3.68 4.31
C GLU A 39 -3.01 -3.78 3.17
N ALA A 40 -2.52 -3.62 1.96
CA ALA A 40 -3.35 -3.76 0.78
C ALA A 40 -2.71 -4.76 -0.17
N SER A 41 -3.54 -5.53 -0.84
CA SER A 41 -3.04 -6.49 -1.80
C SER A 41 -3.04 -5.87 -3.19
N PHE A 42 -1.89 -5.90 -3.83
CA PHE A 42 -1.75 -5.31 -5.15
C PHE A 42 -1.74 -6.39 -6.20
N LYS A 43 -2.73 -6.33 -7.07
CA LYS A 43 -2.93 -7.31 -8.11
C LYS A 43 -2.29 -6.82 -9.41
N PRO A 44 -1.25 -7.52 -9.87
CA PRO A 44 -0.55 -7.16 -11.10
C PRO A 44 -1.36 -7.51 -12.33
N LEU A 45 -1.54 -6.54 -13.21
CA LEU A 45 -2.23 -6.76 -14.47
C LEU A 45 -1.48 -7.77 -15.30
N ASN A 46 -0.19 -7.52 -15.47
CA ASN A 46 0.70 -8.43 -16.18
C ASN A 46 1.34 -9.40 -15.19
N GLY A 47 0.77 -10.59 -15.08
CA GLY A 47 1.33 -11.60 -14.19
C GLY A 47 0.29 -12.19 -13.25
N GLY A 48 0.75 -12.66 -12.11
CA GLY A 48 -0.14 -13.27 -11.14
C GLY A 48 0.38 -13.12 -9.72
N LEU A 49 -0.39 -13.62 -8.76
CA LEU A 49 -0.07 -13.53 -7.34
C LEU A 49 -0.13 -12.09 -6.85
N GLU A 50 -0.89 -11.86 -5.79
CA GLU A 50 -1.07 -10.53 -5.25
C GLU A 50 -0.08 -10.26 -4.14
N LYS A 51 0.71 -9.21 -4.31
CA LYS A 51 1.69 -8.83 -3.32
C LYS A 51 1.06 -7.89 -2.30
N THR A 52 1.07 -8.30 -1.04
CA THR A 52 0.49 -7.52 0.02
C THR A 52 1.56 -6.64 0.67
N PHE A 53 1.34 -5.33 0.63
CA PHE A 53 2.31 -4.40 1.17
C PHE A 53 1.73 -3.62 2.34
N ARG A 54 2.61 -3.24 3.26
CA ARG A 54 2.23 -2.50 4.45
C ARG A 54 1.92 -1.04 4.10
N LEU A 55 0.88 -0.50 4.70
CA LEU A 55 0.51 0.88 4.50
C LEU A 55 0.32 1.59 5.84
N GLN A 56 0.66 2.87 5.88
CA GLN A 56 0.41 3.68 7.05
C GLN A 56 -0.95 4.36 6.88
N ALA A 57 -1.50 4.90 7.97
CA ALA A 57 -2.78 5.59 7.94
C ALA A 57 -2.81 6.67 6.85
N GLN A 58 -1.68 7.31 6.62
CA GLN A 58 -1.56 8.33 5.57
C GLN A 58 -1.82 7.71 4.21
N GLN A 59 -1.08 6.66 3.90
CA GLN A 59 -1.19 5.95 2.62
C GLN A 59 -2.58 5.33 2.46
N TYR A 60 -3.06 4.77 3.56
CA TYR A 60 -4.38 4.13 3.59
C TYR A 60 -5.49 5.10 3.19
N HIS A 61 -5.34 6.36 3.55
CA HIS A 61 -6.32 7.39 3.19
C HIS A 61 -5.99 7.98 1.82
N ALA A 62 -4.74 7.81 1.40
CA ALA A 62 -4.27 8.38 0.14
C ALA A 62 -4.68 7.52 -1.05
N LEU A 63 -4.58 6.21 -0.89
CA LEU A 63 -4.93 5.28 -1.95
C LEU A 63 -6.24 4.58 -1.62
N THR A 64 -6.97 4.18 -2.65
CA THR A 64 -8.28 3.59 -2.47
C THR A 64 -8.30 2.14 -2.98
N VAL A 65 -9.13 1.31 -2.37
CA VAL A 65 -9.36 -0.03 -2.89
C VAL A 65 -10.09 0.06 -4.23
N GLY A 66 -9.45 -0.44 -5.27
CA GLY A 66 -9.97 -0.30 -6.60
C GLY A 66 -9.22 0.76 -7.39
N ASP A 67 -8.29 1.43 -6.71
CA ASP A 67 -7.49 2.47 -7.34
C ASP A 67 -6.44 1.84 -8.24
N GLN A 68 -6.78 1.71 -9.51
CA GLN A 68 -5.83 1.23 -10.50
C GLN A 68 -4.82 2.33 -10.82
N GLY A 69 -3.58 2.14 -10.42
CA GLY A 69 -2.59 3.17 -10.60
C GLY A 69 -1.18 2.64 -10.51
N THR A 70 -0.21 3.55 -10.47
CA THR A 70 1.19 3.18 -10.52
C THR A 70 1.75 2.90 -9.12
N LEU A 71 2.60 1.88 -9.05
CA LEU A 71 3.22 1.51 -7.78
C LEU A 71 4.73 1.67 -7.88
N SER A 72 5.30 2.39 -6.92
CA SER A 72 6.73 2.63 -6.87
C SER A 72 7.39 1.70 -5.86
N TYR A 73 8.20 0.77 -6.36
CA TYR A 73 8.89 -0.16 -5.48
C TYR A 73 10.30 -0.43 -5.99
N LYS A 74 11.18 -0.82 -5.09
CA LYS A 74 12.54 -1.20 -5.44
C LYS A 74 12.82 -2.61 -4.94
N GLY A 75 12.49 -3.58 -5.76
CA GLY A 75 12.57 -4.97 -5.34
C GLY A 75 11.42 -5.33 -4.42
N THR A 76 11.73 -5.62 -3.17
CA THR A 76 10.70 -5.89 -2.18
C THR A 76 10.46 -4.65 -1.31
N ARG A 77 11.13 -3.56 -1.65
CA ARG A 77 11.04 -2.32 -0.88
C ARG A 77 9.87 -1.48 -1.37
N PHE A 78 8.83 -1.40 -0.56
CA PHE A 78 7.67 -0.59 -0.88
C PHE A 78 7.99 0.88 -0.66
N VAL A 79 8.13 1.62 -1.75
CA VAL A 79 8.41 3.05 -1.67
C VAL A 79 7.12 3.83 -1.50
N GLY A 80 6.12 3.49 -2.30
CA GLY A 80 4.83 4.15 -2.19
C GLY A 80 3.96 3.93 -3.41
N PHE A 81 2.65 3.98 -3.21
CA PHE A 81 1.71 3.83 -4.31
C PHE A 81 1.30 5.21 -4.82
N VAL A 82 1.39 5.40 -6.13
CA VAL A 82 1.11 6.70 -6.73
C VAL A 82 -0.13 6.62 -7.62
N SER A 83 -1.21 7.23 -7.15
CA SER A 83 -2.43 7.28 -7.94
C SER A 83 -2.23 8.22 -9.13
N ARG A 84 -2.88 7.92 -10.24
CA ARG A 84 -2.69 8.69 -11.46
C ARG A 84 -4.01 9.34 -11.88
N THR A 85 -4.11 10.64 -11.62
CA THR A 85 -5.30 11.41 -11.97
C THR A 85 -5.54 11.39 -13.48
N PRO A 86 -6.78 11.11 -13.91
CA PRO A 86 -7.16 11.07 -15.32
C PRO A 86 -6.73 12.33 -16.07
N ASP A 87 -6.04 12.13 -17.19
CA ASP A 87 -5.52 13.24 -17.98
C ASP A 87 -6.64 14.02 -18.65
N ASN A 88 -6.33 15.24 -19.06
CA ASN A 88 -7.32 16.12 -19.67
C ASN A 88 -6.83 16.60 -21.03
N GLU A 89 -7.72 16.57 -22.01
CA GLU A 89 -7.42 17.11 -23.33
C GLU A 89 -7.37 18.63 -23.26
N LEU A 90 -8.29 19.20 -22.51
CA LEU A 90 -8.35 20.63 -22.31
C LEU A 90 -7.64 21.00 -21.01
N GLU A 91 -6.46 21.59 -21.14
CA GLU A 91 -5.67 22.01 -20.00
C GLU A 91 -6.43 23.05 -19.17
N HIS A 92 -6.66 24.22 -19.78
CA HIS A 92 -7.46 25.25 -19.14
C HIS A 92 -8.93 25.09 -19.51
N HIS A 93 -9.70 24.56 -18.58
CA HIS A 93 -11.11 24.27 -18.83
C HIS A 93 -11.93 25.53 -18.99
N HIS A 94 -12.86 25.48 -19.93
CA HIS A 94 -13.82 26.56 -20.15
C HIS A 94 -15.21 25.98 -20.15
N HIS A 95 -16.11 26.52 -19.33
CA HIS A 95 -17.47 26.02 -19.25
C HIS A 95 -18.24 26.42 -20.50
N HIS A 96 -18.01 25.65 -21.57
CA HIS A 96 -18.52 25.94 -22.90
C HIS A 96 -17.80 25.05 -23.91
N HIS A 97 -16.58 24.64 -23.55
CA HIS A 97 -15.70 23.87 -24.42
C HIS A 97 -15.28 24.70 -25.62
N MET A 1 17.97 1.83 -17.16
CA MET A 1 17.20 2.97 -17.70
C MET A 1 16.32 3.59 -16.64
N ALA A 2 15.60 2.75 -15.90
CA ALA A 2 14.70 3.23 -14.86
C ALA A 2 15.03 2.59 -13.54
N PRO A 3 15.63 3.35 -12.61
CA PRO A 3 15.95 2.87 -11.26
C PRO A 3 14.68 2.57 -10.47
N LEU A 4 13.71 3.46 -10.60
CA LEU A 4 12.41 3.28 -9.97
C LEU A 4 11.45 2.67 -10.98
N GLN A 5 11.13 1.40 -10.80
CA GLN A 5 10.24 0.71 -11.70
C GLN A 5 8.80 1.05 -11.37
N GLN A 6 8.17 1.77 -12.28
CA GLN A 6 6.79 2.17 -12.11
C GLN A 6 5.87 1.37 -13.02
N LYS A 7 5.02 0.56 -12.42
CA LYS A 7 4.05 -0.22 -13.17
C LYS A 7 2.70 -0.09 -12.50
N GLN A 8 1.64 0.01 -13.29
CA GLN A 8 0.31 0.18 -12.74
C GLN A 8 -0.25 -1.16 -12.28
N VAL A 9 -0.77 -1.16 -11.06
CA VAL A 9 -1.31 -2.37 -10.44
C VAL A 9 -2.73 -2.15 -9.94
N VAL A 10 -3.34 -3.21 -9.45
CA VAL A 10 -4.68 -3.12 -8.88
C VAL A 10 -4.60 -3.18 -7.36
N VAL A 11 -5.18 -2.21 -6.69
CA VAL A 11 -5.30 -2.26 -5.25
C VAL A 11 -6.44 -3.20 -4.87
N SER A 12 -6.09 -4.44 -4.58
CA SER A 12 -7.07 -5.50 -4.33
C SER A 12 -8.00 -5.12 -3.20
N ASN A 13 -7.43 -4.93 -2.01
CA ASN A 13 -8.21 -4.60 -0.84
C ASN A 13 -7.29 -4.28 0.33
N LYS A 14 -7.80 -3.50 1.26
CA LYS A 14 -7.12 -3.24 2.51
C LYS A 14 -7.42 -4.37 3.48
N ARG A 15 -6.39 -5.03 3.97
CA ARG A 15 -6.58 -6.20 4.82
C ARG A 15 -5.93 -6.00 6.17
N GLU A 16 -6.61 -6.46 7.21
CA GLU A 16 -6.05 -6.45 8.55
C GLU A 16 -5.30 -7.76 8.78
N LYS A 17 -4.01 -7.73 8.55
CA LYS A 17 -3.19 -8.93 8.67
C LYS A 17 -2.62 -9.01 10.09
N PRO A 18 -2.60 -10.22 10.68
CA PRO A 18 -2.03 -10.45 12.02
C PRO A 18 -0.71 -9.72 12.25
N VAL A 19 -0.72 -8.84 13.24
CA VAL A 19 0.46 -8.06 13.60
C VAL A 19 1.26 -8.79 14.67
N ASN A 20 2.59 -8.75 14.54
CA ASN A 20 3.47 -9.55 15.38
C ASN A 20 3.48 -9.08 16.84
N ASP A 21 3.15 -7.81 17.07
CA ASP A 21 3.09 -7.30 18.44
C ASP A 21 1.72 -7.57 19.06
N ARG A 22 0.80 -8.12 18.27
CA ARG A 22 -0.49 -8.56 18.79
C ARG A 22 -0.46 -10.07 18.99
N ARG A 23 0.29 -10.50 20.00
CA ARG A 23 0.59 -11.90 20.24
C ARG A 23 1.49 -12.45 19.14
N SER A 24 2.74 -12.68 19.49
CA SER A 24 3.76 -13.05 18.52
C SER A 24 3.73 -14.56 18.23
N ARG A 25 2.91 -15.29 18.97
CA ARG A 25 2.85 -16.74 18.81
C ARG A 25 1.44 -17.17 18.38
N GLN A 26 1.37 -17.90 17.29
CA GLN A 26 0.10 -18.30 16.70
C GLN A 26 -0.48 -19.52 17.42
N GLN A 27 -1.71 -19.40 17.89
CA GLN A 27 -2.42 -20.51 18.51
C GLN A 27 -3.35 -21.17 17.51
N GLU A 28 -4.10 -22.17 17.97
CA GLU A 28 -5.15 -22.77 17.17
C GLU A 28 -6.38 -21.89 17.26
N VAL A 29 -6.99 -21.56 16.13
CA VAL A 29 -8.01 -20.52 16.07
C VAL A 29 -7.39 -19.21 16.52
N SER A 30 -6.48 -18.70 15.69
CA SER A 30 -5.68 -17.55 16.06
C SER A 30 -6.18 -16.27 15.41
N PRO A 31 -6.58 -15.30 16.23
CA PRO A 31 -6.91 -13.95 15.77
C PRO A 31 -5.68 -13.05 15.80
N ALA A 32 -5.90 -11.75 15.87
CA ALA A 32 -4.79 -10.80 15.95
C ALA A 32 -5.17 -9.64 16.87
N GLY A 33 -5.98 -8.73 16.34
CA GLY A 33 -6.40 -7.58 17.11
C GLY A 33 -6.56 -6.36 16.24
N THR A 34 -6.92 -5.24 16.85
CA THR A 34 -7.10 -4.00 16.13
C THR A 34 -5.76 -3.49 15.61
N SER A 35 -5.55 -3.63 14.31
CA SER A 35 -4.30 -3.24 13.69
C SER A 35 -4.29 -1.76 13.34
N MET A 36 -3.41 -1.00 13.99
CA MET A 36 -3.27 0.41 13.68
C MET A 36 -2.43 0.60 12.43
N ARG A 37 -1.67 -0.43 12.08
CA ARG A 37 -0.91 -0.44 10.84
C ARG A 37 -1.50 -1.48 9.91
N TYR A 38 -2.33 -1.02 9.00
CA TYR A 38 -3.00 -1.91 8.06
C TYR A 38 -2.05 -2.29 6.93
N GLU A 39 -2.38 -3.31 6.18
CA GLU A 39 -1.59 -3.69 5.03
C GLU A 39 -2.48 -3.83 3.81
N ALA A 40 -2.00 -3.41 2.67
CA ALA A 40 -2.79 -3.44 1.44
C ALA A 40 -2.13 -4.32 0.41
N SER A 41 -2.94 -5.15 -0.24
CA SER A 41 -2.45 -6.06 -1.24
C SER A 41 -2.57 -5.46 -2.64
N PHE A 42 -1.48 -5.49 -3.38
CA PHE A 42 -1.48 -5.03 -4.76
C PHE A 42 -1.49 -6.24 -5.69
N LYS A 43 -2.41 -6.21 -6.64
CA LYS A 43 -2.65 -7.35 -7.51
C LYS A 43 -1.85 -7.21 -8.80
N PRO A 44 -0.98 -8.18 -9.09
CA PRO A 44 -0.21 -8.22 -10.32
C PRO A 44 -1.08 -8.58 -11.52
N LEU A 45 -1.20 -7.64 -12.44
CA LEU A 45 -2.01 -7.84 -13.65
C LEU A 45 -1.52 -9.03 -14.46
N ASN A 46 -0.22 -9.25 -14.45
CA ASN A 46 0.37 -10.31 -15.27
C ASN A 46 0.45 -11.62 -14.51
N GLY A 47 -0.36 -11.72 -13.47
CA GLY A 47 -0.35 -12.91 -12.64
C GLY A 47 0.77 -12.88 -11.61
N GLY A 48 0.49 -13.43 -10.44
CA GLY A 48 1.48 -13.46 -9.39
C GLY A 48 0.84 -13.41 -8.02
N LEU A 49 1.67 -13.40 -6.98
CA LEU A 49 1.16 -13.28 -5.62
C LEU A 49 0.91 -11.82 -5.29
N GLU A 50 -0.18 -11.55 -4.59
CA GLU A 50 -0.54 -10.18 -4.25
C GLU A 50 0.46 -9.60 -3.26
N LYS A 51 1.02 -8.46 -3.60
CA LYS A 51 2.03 -7.81 -2.79
C LYS A 51 1.36 -7.01 -1.68
N THR A 52 1.40 -7.54 -0.47
CA THR A 52 0.77 -6.88 0.67
C THR A 52 1.80 -6.06 1.45
N PHE A 53 1.70 -4.74 1.33
CA PHE A 53 2.63 -3.85 2.01
C PHE A 53 1.92 -3.11 3.15
N ARG A 54 2.69 -2.72 4.15
CA ARG A 54 2.12 -2.10 5.35
C ARG A 54 1.94 -0.60 5.16
N LEU A 55 0.87 -0.08 5.74
CA LEU A 55 0.51 1.32 5.57
C LEU A 55 0.26 2.01 6.90
N GLN A 56 0.47 3.31 6.92
CA GLN A 56 0.03 4.16 8.03
C GLN A 56 -1.38 4.65 7.73
N ALA A 57 -2.08 5.16 8.72
CA ALA A 57 -3.43 5.68 8.51
C ALA A 57 -3.45 6.77 7.43
N GLN A 58 -2.44 7.62 7.45
CA GLN A 58 -2.29 8.67 6.46
C GLN A 58 -2.13 8.08 5.05
N GLN A 59 -1.28 7.06 4.95
CA GLN A 59 -1.05 6.37 3.67
C GLN A 59 -2.32 5.62 3.26
N TYR A 60 -2.97 5.04 4.26
CA TYR A 60 -4.21 4.28 4.10
C TYR A 60 -5.29 5.11 3.39
N HIS A 61 -5.28 6.43 3.64
CA HIS A 61 -6.22 7.33 2.99
C HIS A 61 -6.00 7.38 1.48
N ALA A 62 -4.76 7.17 1.05
CA ALA A 62 -4.41 7.30 -0.35
C ALA A 62 -4.59 5.98 -1.10
N LEU A 63 -4.91 4.93 -0.37
CA LEU A 63 -5.10 3.62 -0.96
C LEU A 63 -6.56 3.38 -1.28
N THR A 64 -6.96 3.74 -2.49
CA THR A 64 -8.32 3.53 -2.93
C THR A 64 -8.47 2.14 -3.57
N VAL A 65 -9.21 1.27 -2.90
CA VAL A 65 -9.44 -0.08 -3.40
C VAL A 65 -10.17 -0.07 -4.74
N GLY A 66 -9.58 -0.74 -5.72
CA GLY A 66 -10.16 -0.76 -7.05
C GLY A 66 -9.54 0.27 -7.95
N ASP A 67 -8.98 1.33 -7.36
CA ASP A 67 -8.38 2.40 -8.14
C ASP A 67 -7.01 1.97 -8.64
N GLN A 68 -6.98 1.42 -9.84
CA GLN A 68 -5.73 1.02 -10.47
C GLN A 68 -4.83 2.23 -10.65
N GLY A 69 -3.56 2.08 -10.31
CA GLY A 69 -2.65 3.20 -10.36
C GLY A 69 -1.21 2.77 -10.39
N THR A 70 -0.32 3.73 -10.52
CA THR A 70 1.09 3.46 -10.70
C THR A 70 1.75 3.09 -9.38
N LEU A 71 2.60 2.07 -9.42
CA LEU A 71 3.32 1.63 -8.25
C LEU A 71 4.82 1.78 -8.47
N SER A 72 5.46 2.50 -7.56
CA SER A 72 6.90 2.74 -7.64
C SER A 72 7.63 1.81 -6.68
N TYR A 73 8.39 0.88 -7.24
CA TYR A 73 9.13 -0.07 -6.43
C TYR A 73 10.55 -0.24 -6.96
N LYS A 74 11.44 -0.69 -6.10
CA LYS A 74 12.81 -0.98 -6.48
C LYS A 74 13.20 -2.36 -5.98
N GLY A 75 13.57 -3.25 -6.89
CA GLY A 75 13.89 -4.60 -6.51
C GLY A 75 12.66 -5.35 -6.05
N THR A 76 12.63 -5.70 -4.77
CA THR A 76 11.49 -6.38 -4.20
C THR A 76 10.81 -5.51 -3.13
N ARG A 77 11.31 -4.29 -2.97
CA ARG A 77 10.85 -3.43 -1.89
C ARG A 77 9.95 -2.31 -2.41
N PHE A 78 8.91 -2.03 -1.63
CA PHE A 78 7.96 -0.96 -1.93
C PHE A 78 8.57 0.40 -1.64
N VAL A 79 8.42 1.34 -2.57
CA VAL A 79 8.91 2.70 -2.39
C VAL A 79 7.74 3.65 -2.16
N GLY A 80 6.80 3.66 -3.10
CA GLY A 80 5.64 4.53 -2.97
C GLY A 80 4.56 4.20 -3.98
N PHE A 81 3.33 4.53 -3.64
CA PHE A 81 2.20 4.33 -4.53
C PHE A 81 1.74 5.66 -5.09
N VAL A 82 1.47 5.69 -6.39
CA VAL A 82 1.07 6.93 -7.05
C VAL A 82 -0.26 6.74 -7.78
N SER A 83 -1.34 7.23 -7.19
CA SER A 83 -2.63 7.21 -7.85
C SER A 83 -2.61 8.16 -9.04
N ARG A 84 -3.47 7.91 -10.01
CA ARG A 84 -3.53 8.73 -11.21
C ARG A 84 -3.94 10.16 -10.88
N THR A 85 -4.73 10.29 -9.82
CA THR A 85 -5.13 11.59 -9.29
C THR A 85 -5.39 11.48 -7.78
N PRO A 86 -4.60 12.20 -6.97
CA PRO A 86 -4.74 12.17 -5.50
C PRO A 86 -5.89 13.06 -5.01
N ASP A 87 -5.87 13.37 -3.72
CA ASP A 87 -6.88 14.26 -3.13
C ASP A 87 -6.65 15.69 -3.62
N ASN A 88 -5.39 16.02 -3.80
CA ASN A 88 -4.98 17.34 -4.22
C ASN A 88 -4.10 17.26 -5.45
N GLU A 89 -3.60 18.39 -5.90
CA GLU A 89 -2.66 18.42 -7.00
C GLU A 89 -1.25 18.12 -6.50
N LEU A 90 -1.05 18.32 -5.21
CA LEU A 90 0.23 18.08 -4.58
C LEU A 90 0.24 16.71 -3.89
N GLU A 91 1.38 16.05 -3.94
CA GLU A 91 1.54 14.72 -3.34
C GLU A 91 1.68 14.81 -1.82
N HIS A 92 1.80 16.03 -1.32
CA HIS A 92 2.04 16.28 0.11
C HIS A 92 3.40 15.70 0.52
N HIS A 93 4.30 15.59 -0.45
CA HIS A 93 5.62 15.02 -0.19
C HIS A 93 6.51 16.08 0.44
N HIS A 94 6.02 17.31 0.43
CA HIS A 94 6.63 18.40 1.16
C HIS A 94 5.54 19.16 1.92
N HIS A 95 5.43 18.89 3.20
CA HIS A 95 4.35 19.46 4.01
C HIS A 95 4.74 20.84 4.55
N HIS A 96 5.93 21.30 4.17
CA HIS A 96 6.37 22.65 4.45
C HIS A 96 7.37 23.07 3.39
N HIS A 97 7.28 24.31 2.94
CA HIS A 97 8.18 24.82 1.92
C HIS A 97 8.97 25.98 2.49
N MET A 1 18.08 2.01 -18.02
CA MET A 1 17.37 1.20 -17.01
C MET A 1 16.91 2.08 -15.86
N ALA A 2 15.61 2.06 -15.61
CA ALA A 2 15.04 2.87 -14.55
C ALA A 2 15.36 2.27 -13.18
N PRO A 3 15.96 3.06 -12.29
CA PRO A 3 16.29 2.61 -10.93
C PRO A 3 15.04 2.33 -10.12
N LEU A 4 13.97 3.03 -10.45
CA LEU A 4 12.69 2.86 -9.80
C LEU A 4 11.78 2.03 -10.70
N GLN A 5 11.40 0.85 -10.22
CA GLN A 5 10.56 -0.04 -10.99
C GLN A 5 9.11 0.40 -10.87
N GLN A 6 8.55 0.86 -11.98
CA GLN A 6 7.18 1.33 -12.00
C GLN A 6 6.32 0.47 -12.91
N LYS A 7 5.12 0.19 -12.45
CA LYS A 7 4.15 -0.56 -13.22
C LYS A 7 2.75 -0.25 -12.70
N GLN A 8 1.73 -0.48 -13.51
CA GLN A 8 0.36 -0.25 -13.08
C GLN A 8 -0.20 -1.49 -12.41
N VAL A 9 -0.78 -1.30 -11.24
CA VAL A 9 -1.30 -2.40 -10.44
C VAL A 9 -2.70 -2.06 -9.91
N VAL A 10 -3.31 -3.04 -9.26
CA VAL A 10 -4.62 -2.85 -8.67
C VAL A 10 -4.55 -3.01 -7.16
N VAL A 11 -5.03 -2.02 -6.43
CA VAL A 11 -5.20 -2.15 -5.00
C VAL A 11 -6.45 -2.98 -4.74
N SER A 12 -6.26 -4.29 -4.67
CA SER A 12 -7.36 -5.23 -4.64
C SER A 12 -7.95 -5.40 -3.24
N ASN A 13 -7.10 -5.71 -2.27
CA ASN A 13 -7.58 -5.96 -0.92
C ASN A 13 -6.78 -5.19 0.12
N LYS A 14 -7.46 -4.73 1.14
CA LYS A 14 -6.81 -4.15 2.31
C LYS A 14 -6.73 -5.22 3.38
N ARG A 15 -5.53 -5.52 3.82
CA ARG A 15 -5.31 -6.59 4.79
C ARG A 15 -4.68 -6.03 6.05
N GLU A 16 -4.92 -6.70 7.16
CA GLU A 16 -4.31 -6.34 8.43
C GLU A 16 -3.88 -7.60 9.16
N LYS A 17 -2.62 -7.96 8.98
CA LYS A 17 -2.08 -9.15 9.63
C LYS A 17 -1.31 -8.76 10.87
N PRO A 18 -1.77 -9.21 12.05
CA PRO A 18 -1.06 -8.97 13.31
C PRO A 18 0.32 -9.60 13.31
N VAL A 19 1.34 -8.77 13.30
CA VAL A 19 2.72 -9.24 13.34
C VAL A 19 3.31 -9.02 14.72
N ASN A 20 3.58 -10.11 15.41
CA ASN A 20 4.10 -10.05 16.78
C ASN A 20 5.59 -9.81 16.77
N ASP A 21 6.00 -8.68 16.22
CA ASP A 21 7.40 -8.27 16.22
C ASP A 21 7.59 -7.16 17.23
N ARG A 22 7.90 -7.55 18.46
CA ARG A 22 7.92 -6.60 19.57
C ARG A 22 9.28 -5.92 19.68
N ARG A 23 9.33 -4.65 19.31
CA ARG A 23 10.54 -3.84 19.50
C ARG A 23 10.84 -3.71 20.99
N SER A 24 9.78 -3.73 21.79
CA SER A 24 9.90 -3.65 23.23
C SER A 24 10.62 -4.88 23.79
N ARG A 25 10.51 -6.00 23.07
CA ARG A 25 11.18 -7.25 23.46
C ARG A 25 10.68 -7.75 24.81
N GLN A 26 9.44 -7.41 25.13
CA GLN A 26 8.83 -7.81 26.39
C GLN A 26 8.15 -9.16 26.26
N GLN A 27 8.06 -9.88 27.36
CA GLN A 27 7.30 -11.12 27.42
C GLN A 27 5.85 -10.80 27.75
N GLU A 28 5.64 -9.59 28.26
CA GLU A 28 4.33 -9.09 28.60
C GLU A 28 3.45 -8.94 27.37
N VAL A 29 2.15 -8.82 27.59
CA VAL A 29 1.18 -8.73 26.50
C VAL A 29 0.92 -7.27 26.13
N SER A 30 1.79 -6.39 26.60
CA SER A 30 1.65 -4.96 26.37
C SER A 30 1.88 -4.62 24.90
N PRO A 31 0.83 -4.12 24.23
CA PRO A 31 0.91 -3.70 22.83
C PRO A 31 1.40 -2.25 22.70
N ALA A 32 2.04 -1.76 23.75
CA ALA A 32 2.52 -0.39 23.78
C ALA A 32 3.63 -0.16 22.76
N GLY A 33 4.41 -1.21 22.50
CA GLY A 33 5.47 -1.11 21.53
C GLY A 33 5.09 -1.71 20.19
N THR A 34 3.81 -1.64 19.87
CA THR A 34 3.29 -2.19 18.63
C THR A 34 2.12 -1.36 18.14
N SER A 35 2.12 -1.04 16.86
CA SER A 35 1.02 -0.28 16.26
C SER A 35 0.32 -1.12 15.20
N MET A 36 -0.90 -0.75 14.86
CA MET A 36 -1.68 -1.47 13.87
C MET A 36 -1.12 -1.23 12.48
N ARG A 37 -1.15 -2.25 11.65
CA ARG A 37 -0.58 -2.17 10.32
C ARG A 37 -1.66 -2.35 9.26
N TYR A 38 -2.01 -1.26 8.60
CA TYR A 38 -2.98 -1.31 7.52
C TYR A 38 -2.26 -1.62 6.22
N GLU A 39 -2.42 -2.83 5.74
CA GLU A 39 -1.65 -3.28 4.60
C GLU A 39 -2.51 -3.28 3.34
N ALA A 40 -1.88 -2.96 2.23
CA ALA A 40 -2.57 -2.91 0.94
C ALA A 40 -1.96 -3.93 0.00
N SER A 41 -2.80 -4.75 -0.59
CA SER A 41 -2.35 -5.77 -1.51
C SER A 41 -2.43 -5.24 -2.94
N PHE A 42 -1.31 -5.26 -3.63
CA PHE A 42 -1.25 -4.80 -5.00
C PHE A 42 -1.21 -5.99 -5.95
N LYS A 43 -2.22 -6.08 -6.79
CA LYS A 43 -2.35 -7.19 -7.72
C LYS A 43 -1.76 -6.83 -9.09
N PRO A 44 -0.87 -7.69 -9.62
CA PRO A 44 -0.29 -7.51 -10.94
C PRO A 44 -1.31 -7.73 -12.06
N LEU A 45 -1.42 -6.76 -12.96
CA LEU A 45 -2.39 -6.82 -14.06
C LEU A 45 -2.13 -7.98 -15.01
N ASN A 46 -0.89 -8.45 -15.06
CA ASN A 46 -0.51 -9.49 -16.02
C ASN A 46 -0.33 -10.82 -15.34
N GLY A 47 -0.98 -10.97 -14.19
CA GLY A 47 -0.91 -12.21 -13.45
C GLY A 47 0.17 -12.19 -12.38
N GLY A 48 -0.13 -12.76 -11.23
CA GLY A 48 0.80 -12.80 -10.14
C GLY A 48 0.09 -12.78 -8.80
N LEU A 49 0.84 -12.93 -7.73
CA LEU A 49 0.26 -12.89 -6.39
C LEU A 49 0.23 -11.47 -5.87
N GLU A 50 -0.73 -11.20 -4.99
CA GLU A 50 -0.88 -9.87 -4.43
C GLU A 50 0.31 -9.53 -3.55
N LYS A 51 0.91 -8.37 -3.80
CA LYS A 51 2.01 -7.89 -2.98
C LYS A 51 1.46 -7.06 -1.83
N THR A 52 1.45 -7.65 -0.64
CA THR A 52 0.91 -6.98 0.53
C THR A 52 1.95 -6.07 1.16
N PHE A 53 1.88 -4.79 0.86
CA PHE A 53 2.77 -3.81 1.46
C PHE A 53 2.06 -3.13 2.62
N ARG A 54 2.80 -2.91 3.69
CA ARG A 54 2.21 -2.38 4.92
C ARG A 54 2.19 -0.86 4.88
N LEU A 55 1.08 -0.28 5.32
CA LEU A 55 0.88 1.15 5.28
C LEU A 55 0.36 1.67 6.61
N GLN A 56 0.32 2.98 6.74
CA GLN A 56 -0.28 3.63 7.90
C GLN A 56 -1.71 4.03 7.57
N ALA A 57 -2.47 4.45 8.59
CA ALA A 57 -3.85 4.86 8.38
C ALA A 57 -3.90 6.11 7.52
N GLN A 58 -2.94 7.00 7.75
CA GLN A 58 -2.80 8.21 6.95
C GLN A 58 -2.55 7.85 5.48
N GLN A 59 -1.70 6.87 5.27
CA GLN A 59 -1.35 6.45 3.93
C GLN A 59 -2.52 5.74 3.25
N TYR A 60 -3.29 4.99 4.03
CA TYR A 60 -4.47 4.30 3.51
C TYR A 60 -5.53 5.31 3.08
N HIS A 61 -5.48 6.49 3.69
CA HIS A 61 -6.42 7.56 3.38
C HIS A 61 -6.04 8.22 2.05
N ALA A 62 -4.88 7.89 1.52
CA ALA A 62 -4.38 8.49 0.29
C ALA A 62 -4.82 7.70 -0.94
N LEU A 63 -4.94 6.39 -0.81
CA LEU A 63 -5.30 5.54 -1.95
C LEU A 63 -6.66 4.89 -1.75
N THR A 64 -7.22 4.35 -2.82
CA THR A 64 -8.54 3.74 -2.79
C THR A 64 -8.47 2.29 -3.27
N VAL A 65 -9.22 1.41 -2.61
CA VAL A 65 -9.30 0.02 -3.05
C VAL A 65 -10.07 -0.05 -4.37
N GLY A 66 -9.41 -0.56 -5.40
CA GLY A 66 -10.00 -0.59 -6.73
C GLY A 66 -9.40 0.48 -7.62
N ASP A 67 -8.67 1.41 -7.02
CA ASP A 67 -8.06 2.49 -7.78
C ASP A 67 -6.80 1.99 -8.48
N GLN A 68 -6.98 1.55 -9.72
CA GLN A 68 -5.86 1.10 -10.53
C GLN A 68 -4.93 2.26 -10.85
N GLY A 69 -3.65 2.08 -10.57
CA GLY A 69 -2.70 3.16 -10.76
C GLY A 69 -1.28 2.64 -10.81
N THR A 70 -0.31 3.55 -10.79
CA THR A 70 1.08 3.18 -10.97
C THR A 70 1.78 3.00 -9.62
N LEU A 71 2.59 1.97 -9.52
CA LEU A 71 3.32 1.68 -8.29
C LEU A 71 4.82 1.79 -8.53
N SER A 72 5.48 2.51 -7.63
CA SER A 72 6.92 2.65 -7.67
C SER A 72 7.55 1.76 -6.60
N TYR A 73 8.29 0.76 -7.02
CA TYR A 73 8.89 -0.18 -6.10
C TYR A 73 10.30 -0.55 -6.55
N LYS A 74 11.03 -1.25 -5.69
CA LYS A 74 12.35 -1.78 -6.04
C LYS A 74 12.47 -3.19 -5.48
N GLY A 75 12.03 -4.16 -6.26
CA GLY A 75 11.93 -5.51 -5.77
C GLY A 75 10.77 -5.64 -4.80
N THR A 76 10.99 -6.34 -3.70
CA THR A 76 9.97 -6.45 -2.68
C THR A 76 10.12 -5.31 -1.67
N ARG A 77 9.90 -4.08 -2.13
CA ARG A 77 9.98 -2.91 -1.28
C ARG A 77 9.11 -1.78 -1.82
N PHE A 78 8.23 -1.28 -0.96
CA PHE A 78 7.32 -0.21 -1.30
C PHE A 78 8.04 1.14 -1.25
N VAL A 79 8.13 1.81 -2.38
CA VAL A 79 8.70 3.14 -2.43
C VAL A 79 7.59 4.19 -2.40
N GLY A 80 6.60 3.99 -3.26
CA GLY A 80 5.46 4.89 -3.28
C GLY A 80 4.43 4.48 -4.31
N PHE A 81 3.17 4.61 -3.96
CA PHE A 81 2.09 4.32 -4.89
C PHE A 81 1.57 5.61 -5.49
N VAL A 82 1.58 5.69 -6.81
CA VAL A 82 1.17 6.88 -7.50
C VAL A 82 -0.16 6.66 -8.21
N SER A 83 -1.25 7.02 -7.56
CA SER A 83 -2.55 6.99 -8.17
C SER A 83 -2.66 8.16 -9.13
N ARG A 84 -3.64 8.14 -10.02
CA ARG A 84 -3.76 9.19 -11.02
C ARG A 84 -4.74 10.26 -10.54
N THR A 85 -5.01 10.25 -9.24
CA THR A 85 -5.81 11.29 -8.62
C THR A 85 -5.06 12.64 -8.68
N PRO A 86 -3.78 12.69 -8.26
CA PRO A 86 -2.95 13.89 -8.40
C PRO A 86 -2.54 14.12 -9.86
N ASP A 87 -1.57 15.00 -10.06
CA ASP A 87 -1.15 15.40 -11.40
C ASP A 87 -0.02 14.51 -11.92
N ASN A 88 0.35 13.50 -11.12
CA ASN A 88 1.49 12.63 -11.44
C ASN A 88 2.77 13.46 -11.56
N GLU A 89 2.79 14.59 -10.85
CA GLU A 89 3.92 15.51 -10.90
C GLU A 89 5.10 14.96 -10.08
N LEU A 90 4.85 13.87 -9.39
CA LEU A 90 5.91 13.17 -8.65
C LEU A 90 6.80 12.42 -9.63
N GLU A 91 6.25 12.12 -10.79
CA GLU A 91 6.97 11.40 -11.82
C GLU A 91 7.65 12.35 -12.78
N HIS A 92 8.78 11.92 -13.31
CA HIS A 92 9.32 12.52 -14.51
C HIS A 92 8.67 11.83 -15.69
N HIS A 93 7.84 12.57 -16.42
CA HIS A 93 6.97 11.99 -17.43
C HIS A 93 7.77 11.28 -18.50
N HIS A 94 7.71 9.95 -18.46
CA HIS A 94 8.51 9.12 -19.33
C HIS A 94 7.65 8.41 -20.37
N HIS A 95 6.47 8.96 -20.62
CA HIS A 95 5.60 8.46 -21.67
C HIS A 95 5.42 9.51 -22.75
N HIS A 96 5.21 10.74 -22.35
CA HIS A 96 5.12 11.85 -23.28
C HIS A 96 5.95 13.01 -22.77
N HIS A 97 6.92 13.43 -23.56
CA HIS A 97 7.74 14.57 -23.18
C HIS A 97 7.27 15.81 -23.92
N MET A 1 18.47 9.73 -12.86
CA MET A 1 18.73 8.28 -12.76
C MET A 1 17.58 7.59 -12.05
N ALA A 2 16.77 6.87 -12.81
CA ALA A 2 15.60 6.18 -12.27
C ALA A 2 15.51 4.76 -12.81
N PRO A 3 16.20 3.82 -12.16
CA PRO A 3 16.19 2.41 -12.54
C PRO A 3 15.16 1.60 -11.77
N LEU A 4 14.26 2.27 -11.08
CA LEU A 4 13.22 1.59 -10.33
C LEU A 4 12.13 1.10 -11.27
N GLN A 5 11.37 0.12 -10.83
CA GLN A 5 10.34 -0.47 -11.66
C GLN A 5 8.98 0.16 -11.36
N GLN A 6 8.37 0.76 -12.35
CA GLN A 6 7.03 1.31 -12.20
C GLN A 6 6.01 0.42 -12.89
N LYS A 7 5.21 -0.26 -12.09
CA LYS A 7 4.18 -1.15 -12.60
C LYS A 7 2.84 -0.74 -12.01
N GLN A 8 1.80 -0.72 -12.83
CA GLN A 8 0.48 -0.40 -12.34
C GLN A 8 -0.18 -1.63 -11.73
N VAL A 9 -0.72 -1.46 -10.55
CA VAL A 9 -1.31 -2.56 -9.80
C VAL A 9 -2.75 -2.24 -9.39
N VAL A 10 -3.45 -3.27 -8.94
CA VAL A 10 -4.80 -3.11 -8.43
C VAL A 10 -4.81 -3.17 -6.92
N VAL A 11 -5.32 -2.12 -6.29
CA VAL A 11 -5.53 -2.12 -4.85
C VAL A 11 -6.72 -3.02 -4.54
N SER A 12 -6.42 -4.26 -4.16
CA SER A 12 -7.41 -5.29 -3.99
C SER A 12 -8.26 -5.06 -2.74
N ASN A 13 -7.60 -4.96 -1.58
CA ASN A 13 -8.31 -4.81 -0.31
C ASN A 13 -7.31 -4.63 0.82
N LYS A 14 -7.80 -4.13 1.95
CA LYS A 14 -6.99 -4.03 3.15
C LYS A 14 -7.03 -5.35 3.89
N ARG A 15 -5.88 -5.84 4.32
CA ARG A 15 -5.79 -7.11 4.98
C ARG A 15 -4.95 -7.01 6.25
N GLU A 16 -5.28 -7.85 7.21
CA GLU A 16 -4.58 -7.88 8.48
C GLU A 16 -3.74 -9.15 8.59
N LYS A 17 -2.44 -8.98 8.73
CA LYS A 17 -1.55 -10.13 8.87
C LYS A 17 -1.40 -10.52 10.33
N PRO A 18 -1.16 -11.81 10.61
CA PRO A 18 -0.94 -12.31 11.97
C PRO A 18 0.12 -11.50 12.70
N VAL A 19 -0.29 -10.92 13.82
CA VAL A 19 0.58 -10.06 14.61
C VAL A 19 1.75 -10.86 15.19
N ASN A 20 2.94 -10.58 14.67
CA ASN A 20 4.15 -11.23 15.16
C ASN A 20 4.72 -10.46 16.34
N ASP A 21 4.11 -9.33 16.63
CA ASP A 21 4.43 -8.57 17.83
C ASP A 21 3.82 -9.29 19.02
N ARG A 22 4.64 -10.09 19.69
CA ARG A 22 4.16 -11.03 20.70
C ARG A 22 3.56 -10.33 21.91
N ARG A 23 2.37 -10.81 22.29
CA ARG A 23 1.61 -10.25 23.40
C ARG A 23 2.29 -10.56 24.73
N SER A 24 1.91 -9.82 25.77
CA SER A 24 2.39 -10.09 27.11
C SER A 24 1.49 -11.15 27.75
N ARG A 25 2.08 -12.28 28.12
CA ARG A 25 1.35 -13.37 28.75
C ARG A 25 0.75 -12.91 30.08
N GLN A 26 1.55 -12.23 30.87
CA GLN A 26 1.09 -11.68 32.13
C GLN A 26 0.75 -10.21 31.93
N GLN A 27 -0.28 -9.74 32.61
CA GLN A 27 -0.81 -8.41 32.37
C GLN A 27 0.04 -7.33 33.03
N GLU A 28 0.99 -6.80 32.28
CA GLU A 28 1.72 -5.61 32.68
C GLU A 28 1.03 -4.40 32.09
N VAL A 29 1.54 -3.21 32.37
CA VAL A 29 0.99 -2.00 31.78
C VAL A 29 1.44 -1.89 30.33
N SER A 30 2.76 -1.90 30.14
CA SER A 30 3.36 -1.85 28.81
C SER A 30 2.87 -0.64 28.02
N PRO A 31 3.43 0.55 28.30
CA PRO A 31 2.98 1.81 27.68
C PRO A 31 3.49 1.97 26.24
N ALA A 32 3.60 0.86 25.54
CA ALA A 32 4.04 0.89 24.15
C ALA A 32 2.86 1.15 23.23
N GLY A 33 1.69 0.68 23.64
CA GLY A 33 0.49 0.87 22.85
C GLY A 33 0.28 -0.26 21.86
N THR A 34 -0.17 0.09 20.67
CA THR A 34 -0.41 -0.90 19.63
C THR A 34 -0.19 -0.28 18.25
N SER A 35 0.83 -0.77 17.54
CA SER A 35 1.12 -0.29 16.21
C SER A 35 0.12 -0.83 15.20
N MET A 36 -0.92 -0.06 14.93
CA MET A 36 -1.94 -0.44 13.97
C MET A 36 -1.39 -0.37 12.55
N ARG A 37 -1.29 -1.52 11.90
CA ARG A 37 -0.77 -1.57 10.55
C ARG A 37 -1.80 -2.20 9.62
N TYR A 38 -2.43 -1.37 8.80
CA TYR A 38 -3.37 -1.86 7.82
C TYR A 38 -2.61 -2.11 6.52
N GLU A 39 -2.48 -3.36 6.14
CA GLU A 39 -1.67 -3.67 4.98
C GLU A 39 -2.59 -3.97 3.81
N ALA A 40 -2.16 -3.59 2.63
CA ALA A 40 -3.05 -3.64 1.48
C ALA A 40 -2.50 -4.58 0.42
N SER A 41 -3.41 -5.20 -0.30
CA SER A 41 -3.06 -6.18 -1.31
C SER A 41 -2.98 -5.50 -2.68
N PHE A 42 -1.77 -5.43 -3.22
CA PHE A 42 -1.55 -4.85 -4.53
C PHE A 42 -1.27 -5.94 -5.54
N LYS A 43 -2.23 -6.17 -6.43
CA LYS A 43 -2.10 -7.19 -7.45
C LYS A 43 -1.58 -6.60 -8.76
N PRO A 44 -0.47 -7.13 -9.28
CA PRO A 44 0.03 -6.77 -10.61
C PRO A 44 -0.94 -7.19 -11.71
N LEU A 45 -1.18 -6.30 -12.66
CA LEU A 45 -2.13 -6.55 -13.73
C LEU A 45 -1.69 -7.70 -14.63
N ASN A 46 -0.53 -7.56 -15.24
CA ASN A 46 -0.06 -8.54 -16.21
C ASN A 46 0.93 -9.50 -15.58
N GLY A 47 0.41 -10.60 -15.03
CA GLY A 47 1.26 -11.63 -14.48
C GLY A 47 1.88 -11.25 -13.14
N GLY A 48 1.25 -11.68 -12.06
CA GLY A 48 1.79 -11.38 -10.75
C GLY A 48 0.83 -11.70 -9.63
N LEU A 49 1.37 -12.18 -8.53
CA LEU A 49 0.58 -12.46 -7.34
C LEU A 49 0.52 -11.21 -6.46
N GLU A 50 -0.52 -11.11 -5.65
CA GLU A 50 -0.74 -9.94 -4.80
C GLU A 50 0.43 -9.71 -3.84
N LYS A 51 0.94 -8.49 -3.82
CA LYS A 51 1.95 -8.10 -2.85
C LYS A 51 1.30 -7.30 -1.74
N THR A 52 1.76 -7.48 -0.52
CA THR A 52 1.15 -6.81 0.62
C THR A 52 2.07 -5.71 1.17
N PHE A 53 1.61 -4.48 1.13
CA PHE A 53 2.39 -3.35 1.64
C PHE A 53 1.69 -2.71 2.83
N ARG A 54 2.48 -2.17 3.75
CA ARG A 54 1.96 -1.61 4.99
C ARG A 54 1.43 -0.19 4.80
N LEU A 55 0.22 0.06 5.29
CA LEU A 55 -0.40 1.38 5.19
C LEU A 55 -1.00 1.80 6.53
N GLN A 56 -0.89 3.08 6.84
CA GLN A 56 -1.58 3.64 8.01
C GLN A 56 -2.55 4.73 7.58
N ALA A 57 -3.05 5.50 8.55
CA ALA A 57 -4.16 6.44 8.33
C ALA A 57 -4.03 7.25 7.04
N GLN A 58 -3.18 8.27 7.03
CA GLN A 58 -3.07 9.16 5.89
C GLN A 58 -2.43 8.48 4.69
N GLN A 59 -1.69 7.41 4.94
CA GLN A 59 -1.03 6.66 3.89
C GLN A 59 -2.04 5.90 3.06
N TYR A 60 -2.96 5.23 3.74
CA TYR A 60 -4.02 4.47 3.09
C TYR A 60 -5.09 5.42 2.54
N HIS A 61 -5.16 6.60 3.14
CA HIS A 61 -6.14 7.60 2.74
C HIS A 61 -5.78 8.21 1.38
N ALA A 62 -4.54 8.03 0.96
CA ALA A 62 -4.05 8.62 -0.27
C ALA A 62 -4.47 7.81 -1.50
N LEU A 63 -5.09 6.66 -1.28
CA LEU A 63 -5.54 5.82 -2.37
C LEU A 63 -6.85 5.13 -2.01
N THR A 64 -7.54 4.60 -3.00
CA THR A 64 -8.81 3.93 -2.79
C THR A 64 -8.76 2.50 -3.31
N VAL A 65 -9.44 1.59 -2.61
CA VAL A 65 -9.55 0.21 -3.08
C VAL A 65 -10.27 0.16 -4.42
N GLY A 66 -9.61 -0.45 -5.39
CA GLY A 66 -10.15 -0.50 -6.73
C GLY A 66 -9.49 0.50 -7.64
N ASP A 67 -8.84 1.50 -7.06
CA ASP A 67 -8.17 2.53 -7.85
C ASP A 67 -6.85 1.99 -8.37
N GLN A 68 -6.90 1.43 -9.58
CA GLN A 68 -5.70 0.96 -10.25
C GLN A 68 -4.77 2.13 -10.49
N GLY A 69 -3.49 1.95 -10.19
CA GLY A 69 -2.56 3.05 -10.30
C GLY A 69 -1.12 2.59 -10.37
N THR A 70 -0.22 3.54 -10.52
CA THR A 70 1.18 3.24 -10.75
C THR A 70 1.93 3.00 -9.44
N LEU A 71 2.71 1.94 -9.40
CA LEU A 71 3.50 1.61 -8.23
C LEU A 71 4.98 1.66 -8.56
N SER A 72 5.71 2.45 -7.80
CA SER A 72 7.14 2.59 -7.97
C SER A 72 7.87 1.83 -6.87
N TYR A 73 8.73 0.90 -7.25
CA TYR A 73 9.40 0.05 -6.27
C TYR A 73 10.77 -0.38 -6.77
N LYS A 74 11.60 -0.81 -5.83
CA LYS A 74 12.88 -1.39 -6.15
C LYS A 74 12.97 -2.77 -5.53
N GLY A 75 12.85 -3.79 -6.37
CA GLY A 75 12.83 -5.15 -5.86
C GLY A 75 11.50 -5.48 -5.24
N THR A 76 11.50 -5.71 -3.94
CA THR A 76 10.27 -6.00 -3.21
C THR A 76 9.95 -4.87 -2.23
N ARG A 77 10.75 -3.81 -2.27
CA ARG A 77 10.61 -2.72 -1.32
C ARG A 77 9.80 -1.57 -1.91
N PHE A 78 8.84 -1.09 -1.13
CA PHE A 78 7.97 0.01 -1.54
C PHE A 78 8.75 1.32 -1.58
N VAL A 79 8.67 2.02 -2.70
CA VAL A 79 9.29 3.33 -2.85
C VAL A 79 8.24 4.43 -2.87
N GLY A 80 7.23 4.25 -3.71
CA GLY A 80 6.16 5.22 -3.80
C GLY A 80 5.01 4.72 -4.65
N PHE A 81 3.82 5.25 -4.41
CA PHE A 81 2.64 4.85 -5.17
C PHE A 81 1.96 6.07 -5.76
N VAL A 82 1.62 5.99 -7.03
CA VAL A 82 0.95 7.08 -7.71
C VAL A 82 -0.50 6.69 -8.00
N SER A 83 -1.40 7.09 -7.12
CA SER A 83 -2.80 6.79 -7.28
C SER A 83 -3.44 7.73 -8.28
N ARG A 84 -4.51 7.28 -8.93
CA ARG A 84 -5.21 8.10 -9.90
C ARG A 84 -6.20 9.02 -9.20
N THR A 85 -6.61 8.63 -8.00
CA THR A 85 -7.43 9.48 -7.17
C THR A 85 -6.91 9.53 -5.74
N PRO A 86 -6.00 10.48 -5.45
CA PRO A 86 -5.46 10.69 -4.12
C PRO A 86 -6.25 11.74 -3.34
N ASP A 87 -5.84 12.00 -2.10
CA ASP A 87 -6.50 13.01 -1.28
C ASP A 87 -5.90 14.39 -1.53
N ASN A 88 -4.73 14.41 -2.13
CA ASN A 88 -4.04 15.65 -2.45
C ASN A 88 -3.30 15.50 -3.76
N GLU A 89 -3.34 16.53 -4.59
CA GLU A 89 -2.53 16.58 -5.79
C GLU A 89 -1.07 16.60 -5.42
N LEU A 90 -0.79 17.16 -4.24
CA LEU A 90 0.55 17.22 -3.70
C LEU A 90 0.75 16.10 -2.68
N GLU A 91 1.80 16.20 -1.88
CA GLU A 91 2.09 15.22 -0.86
C GLU A 91 1.57 15.67 0.49
N HIS A 92 1.87 14.91 1.54
CA HIS A 92 1.51 15.31 2.89
C HIS A 92 2.71 15.94 3.57
N HIS A 93 3.77 16.10 2.78
CA HIS A 93 4.99 16.75 3.22
C HIS A 93 5.53 17.58 2.06
N HIS A 94 5.96 18.81 2.34
CA HIS A 94 6.38 19.73 1.29
C HIS A 94 7.62 19.21 0.56
N HIS A 95 8.65 18.86 1.33
CA HIS A 95 9.85 18.28 0.75
C HIS A 95 9.68 16.77 0.64
N HIS A 96 10.24 16.18 -0.40
CA HIS A 96 10.22 14.72 -0.54
C HIS A 96 11.11 14.13 0.55
N HIS A 97 12.29 14.72 0.66
CA HIS A 97 13.21 14.41 1.75
C HIS A 97 13.78 15.71 2.28
N MET A 1 17.51 -1.38 -17.05
CA MET A 1 17.18 0.06 -17.16
C MET A 1 17.26 0.73 -15.79
N ALA A 2 16.33 0.40 -14.90
CA ALA A 2 16.26 1.03 -13.60
C ALA A 2 15.78 0.05 -12.53
N PRO A 3 16.28 0.19 -11.30
CA PRO A 3 15.87 -0.65 -10.16
C PRO A 3 14.45 -0.36 -9.70
N LEU A 4 14.00 0.87 -9.94
CA LEU A 4 12.65 1.28 -9.58
C LEU A 4 11.68 0.93 -10.69
N GLN A 5 10.89 -0.11 -10.49
CA GLN A 5 9.93 -0.52 -11.49
C GLN A 5 8.59 0.14 -11.22
N GLN A 6 8.19 1.02 -12.12
CA GLN A 6 6.91 1.71 -12.00
C GLN A 6 5.88 1.12 -12.95
N LYS A 7 4.85 0.52 -12.38
CA LYS A 7 3.77 -0.04 -13.17
C LYS A 7 2.43 0.38 -12.59
N GLN A 8 1.36 0.13 -13.33
CA GLN A 8 0.02 0.36 -12.84
C GLN A 8 -0.45 -0.89 -12.08
N VAL A 9 -0.86 -0.71 -10.84
CA VAL A 9 -1.33 -1.83 -10.04
C VAL A 9 -2.73 -1.60 -9.53
N VAL A 10 -3.41 -2.68 -9.19
CA VAL A 10 -4.76 -2.61 -8.66
C VAL A 10 -4.74 -2.82 -7.15
N VAL A 11 -5.23 -1.84 -6.39
CA VAL A 11 -5.42 -2.03 -4.96
C VAL A 11 -6.55 -3.03 -4.75
N SER A 12 -6.18 -4.25 -4.38
CA SER A 12 -7.13 -5.34 -4.37
C SER A 12 -7.71 -5.59 -2.98
N ASN A 13 -6.86 -5.86 -2.01
CA ASN A 13 -7.33 -6.22 -0.67
C ASN A 13 -6.69 -5.35 0.40
N LYS A 14 -7.45 -5.07 1.44
CA LYS A 14 -6.90 -4.43 2.64
C LYS A 14 -6.96 -5.43 3.79
N ARG A 15 -5.81 -5.66 4.40
CA ARG A 15 -5.69 -6.72 5.39
C ARG A 15 -4.84 -6.26 6.57
N GLU A 16 -4.92 -6.98 7.67
CA GLU A 16 -4.05 -6.75 8.81
C GLU A 16 -3.75 -8.06 9.52
N LYS A 17 -2.51 -8.52 9.40
CA LYS A 17 -2.07 -9.73 10.07
C LYS A 17 -1.38 -9.40 11.40
N PRO A 18 -2.01 -9.79 12.52
CA PRO A 18 -1.42 -9.63 13.85
C PRO A 18 -0.35 -10.68 14.11
N VAL A 19 0.91 -10.25 14.06
CA VAL A 19 2.03 -11.15 14.28
C VAL A 19 2.14 -11.52 15.76
N ASN A 20 2.45 -12.78 16.04
CA ASN A 20 2.59 -13.26 17.41
C ASN A 20 3.80 -12.62 18.10
N ASP A 21 4.80 -12.26 17.30
CA ASP A 21 5.95 -11.54 17.83
C ASP A 21 5.58 -10.10 18.13
N ARG A 22 5.54 -9.77 19.41
CA ARG A 22 5.08 -8.46 19.84
C ARG A 22 6.21 -7.67 20.49
N ARG A 23 5.94 -6.39 20.74
CA ARG A 23 6.83 -5.56 21.54
C ARG A 23 6.79 -6.03 22.98
N SER A 24 5.65 -5.82 23.62
CA SER A 24 5.39 -6.36 24.94
C SER A 24 4.85 -7.78 24.78
N ARG A 25 5.54 -8.75 25.37
CA ARG A 25 5.15 -10.16 25.28
C ARG A 25 3.75 -10.35 25.86
N GLN A 26 3.47 -9.61 26.91
CA GLN A 26 2.17 -9.66 27.56
C GLN A 26 1.13 -8.95 26.71
N GLN A 27 0.00 -9.61 26.49
CA GLN A 27 -1.08 -9.03 25.70
C GLN A 27 -2.37 -9.01 26.50
N GLU A 28 -2.90 -7.81 26.70
CA GLU A 28 -4.19 -7.64 27.35
C GLU A 28 -5.11 -6.84 26.43
N VAL A 29 -6.26 -6.42 26.95
CA VAL A 29 -7.23 -5.70 26.13
C VAL A 29 -6.91 -4.21 26.10
N SER A 30 -5.72 -3.89 25.59
CA SER A 30 -5.28 -2.52 25.50
C SER A 30 -4.80 -2.21 24.09
N PRO A 31 -5.57 -1.37 23.36
CA PRO A 31 -5.20 -0.94 22.02
C PRO A 31 -3.91 -0.11 22.01
N ALA A 32 -3.57 0.43 23.18
CA ALA A 32 -2.33 1.19 23.33
C ALA A 32 -1.13 0.24 23.39
N GLY A 33 -1.41 -1.02 23.70
CA GLY A 33 -0.36 -2.01 23.81
C GLY A 33 -0.20 -2.79 22.52
N THR A 34 -0.45 -2.13 21.40
CA THR A 34 -0.29 -2.73 20.09
C THR A 34 -0.26 -1.63 19.02
N SER A 35 0.22 -1.97 17.84
CA SER A 35 0.32 -1.02 16.75
C SER A 35 -0.39 -1.53 15.51
N MET A 36 -1.43 -0.82 15.11
CA MET A 36 -2.18 -1.18 13.92
C MET A 36 -1.57 -0.54 12.68
N ARG A 37 -1.66 -1.22 11.56
CA ARG A 37 -1.08 -0.75 10.31
C ARG A 37 -1.72 -1.44 9.13
N TYR A 38 -2.57 -0.70 8.43
CA TYR A 38 -3.35 -1.26 7.33
C TYR A 38 -2.44 -1.77 6.23
N GLU A 39 -2.62 -3.03 5.86
CA GLU A 39 -1.80 -3.65 4.83
C GLU A 39 -2.61 -3.73 3.55
N ALA A 40 -1.98 -3.40 2.44
CA ALA A 40 -2.67 -3.36 1.16
C ALA A 40 -2.07 -4.35 0.19
N SER A 41 -2.92 -5.16 -0.40
CA SER A 41 -2.50 -6.12 -1.40
C SER A 41 -2.68 -5.52 -2.80
N PHE A 42 -1.59 -5.45 -3.55
CA PHE A 42 -1.61 -4.88 -4.88
C PHE A 42 -1.60 -5.98 -5.92
N LYS A 43 -2.54 -5.90 -6.84
CA LYS A 43 -2.71 -6.91 -7.87
C LYS A 43 -2.01 -6.48 -9.15
N PRO A 44 -1.07 -7.30 -9.66
CA PRO A 44 -0.30 -6.99 -10.86
C PRO A 44 -1.11 -7.19 -12.14
N LEU A 45 -1.07 -6.21 -13.03
CA LEU A 45 -1.76 -6.29 -14.31
C LEU A 45 -1.11 -7.33 -15.22
N ASN A 46 0.16 -7.62 -14.97
CA ASN A 46 0.92 -8.53 -15.83
C ASN A 46 0.73 -9.97 -15.37
N GLY A 47 -0.30 -10.19 -14.58
CA GLY A 47 -0.56 -11.51 -14.04
C GLY A 47 0.37 -11.86 -12.89
N GLY A 48 -0.21 -12.25 -11.77
CA GLY A 48 0.60 -12.62 -10.61
C GLY A 48 -0.22 -12.79 -9.36
N LEU A 49 0.36 -12.46 -8.22
CA LEU A 49 -0.32 -12.58 -6.94
C LEU A 49 -0.32 -11.24 -6.22
N GLU A 50 -1.31 -11.07 -5.35
CA GLU A 50 -1.48 -9.82 -4.63
C GLU A 50 -0.34 -9.60 -3.62
N LYS A 51 0.47 -8.58 -3.88
CA LYS A 51 1.57 -8.24 -3.00
C LYS A 51 1.07 -7.39 -1.84
N THR A 52 1.26 -7.88 -0.62
CA THR A 52 0.72 -7.21 0.55
C THR A 52 1.80 -6.43 1.28
N PHE A 53 1.70 -5.11 1.23
CA PHE A 53 2.64 -4.24 1.92
C PHE A 53 1.93 -3.49 3.04
N ARG A 54 2.68 -3.14 4.09
CA ARG A 54 2.11 -2.48 5.24
C ARG A 54 2.10 -0.97 5.06
N LEU A 55 0.99 -0.35 5.40
CA LEU A 55 0.78 1.07 5.18
C LEU A 55 0.22 1.74 6.43
N GLN A 56 0.22 3.07 6.41
CA GLN A 56 -0.39 3.85 7.48
C GLN A 56 -1.71 4.44 6.98
N ALA A 57 -2.53 4.93 7.91
CA ALA A 57 -3.81 5.53 7.55
C ALA A 57 -3.58 6.79 6.72
N GLN A 58 -2.52 7.52 7.05
CA GLN A 58 -2.12 8.70 6.31
C GLN A 58 -1.87 8.37 4.84
N GLN A 59 -1.37 7.17 4.60
CA GLN A 59 -1.04 6.72 3.25
C GLN A 59 -2.27 6.11 2.58
N TYR A 60 -3.03 5.35 3.36
CA TYR A 60 -4.27 4.71 2.87
C TYR A 60 -5.29 5.78 2.46
N HIS A 61 -5.06 7.00 2.92
CA HIS A 61 -5.87 8.15 2.57
C HIS A 61 -6.01 8.30 1.06
N ALA A 62 -4.99 7.87 0.33
CA ALA A 62 -4.96 8.03 -1.12
C ALA A 62 -5.53 6.81 -1.84
N LEU A 63 -4.90 5.65 -1.65
CA LEU A 63 -5.26 4.45 -2.39
C LEU A 63 -6.59 3.87 -1.93
N THR A 64 -7.42 3.53 -2.90
CA THR A 64 -8.71 2.90 -2.63
C THR A 64 -8.79 1.57 -3.37
N VAL A 65 -9.53 0.62 -2.82
CA VAL A 65 -9.71 -0.69 -3.46
C VAL A 65 -10.34 -0.53 -4.83
N GLY A 66 -9.68 -1.08 -5.85
CA GLY A 66 -10.13 -0.94 -7.21
C GLY A 66 -9.45 0.22 -7.92
N ASP A 67 -8.97 1.18 -7.14
CA ASP A 67 -8.36 2.37 -7.70
C ASP A 67 -6.95 2.05 -8.19
N GLN A 68 -6.86 1.78 -9.48
CA GLN A 68 -5.58 1.57 -10.14
C GLN A 68 -4.69 2.80 -10.04
N GLY A 69 -3.41 2.57 -9.86
CA GLY A 69 -2.46 3.67 -9.75
C GLY A 69 -1.05 3.21 -10.02
N THR A 70 -0.11 4.14 -10.00
CA THR A 70 1.27 3.83 -10.33
C THR A 70 2.04 3.46 -9.06
N LEU A 71 2.76 2.36 -9.13
CA LEU A 71 3.51 1.88 -8.00
C LEU A 71 5.00 1.86 -8.30
N SER A 72 5.75 2.57 -7.48
CA SER A 72 7.20 2.59 -7.57
C SER A 72 7.78 1.62 -6.55
N TYR A 73 8.26 0.48 -7.03
CA TYR A 73 8.91 -0.48 -6.16
C TYR A 73 10.33 -0.74 -6.65
N LYS A 74 11.29 -0.50 -5.77
CA LYS A 74 12.69 -0.67 -6.10
C LYS A 74 13.15 -2.01 -5.58
N GLY A 75 13.30 -2.96 -6.49
CA GLY A 75 13.62 -4.31 -6.10
C GLY A 75 12.37 -5.05 -5.64
N THR A 76 12.34 -5.41 -4.36
CA THR A 76 11.20 -6.11 -3.80
C THR A 76 10.55 -5.31 -2.68
N ARG A 77 10.89 -4.02 -2.63
CA ARG A 77 10.43 -3.17 -1.54
C ARG A 77 9.47 -2.11 -2.04
N PHE A 78 8.43 -1.87 -1.24
CA PHE A 78 7.47 -0.80 -1.51
C PHE A 78 8.15 0.55 -1.28
N VAL A 79 8.26 1.34 -2.33
CA VAL A 79 8.85 2.67 -2.21
C VAL A 79 7.76 3.72 -2.09
N GLY A 80 6.86 3.76 -3.08
CA GLY A 80 5.78 4.72 -3.05
C GLY A 80 4.69 4.39 -4.05
N PHE A 81 3.45 4.64 -3.65
CA PHE A 81 2.31 4.41 -4.53
C PHE A 81 1.59 5.72 -4.80
N VAL A 82 1.36 6.01 -6.07
CA VAL A 82 0.68 7.24 -6.47
C VAL A 82 -0.43 6.91 -7.47
N SER A 83 -1.67 7.08 -7.06
CA SER A 83 -2.79 6.91 -7.95
C SER A 83 -2.69 7.91 -9.11
N ARG A 84 -3.11 7.50 -10.29
CA ARG A 84 -3.01 8.36 -11.46
C ARG A 84 -4.07 9.47 -11.42
N THR A 85 -4.96 9.37 -10.44
CA THR A 85 -5.89 10.43 -10.14
C THR A 85 -5.33 11.29 -8.98
N PRO A 86 -5.00 12.56 -9.26
CA PRO A 86 -4.36 13.44 -8.27
C PRO A 86 -5.27 13.77 -7.10
N ASP A 87 -4.71 13.72 -5.89
CA ASP A 87 -5.41 14.13 -4.69
C ASP A 87 -5.52 15.65 -4.65
N ASN A 88 -6.55 16.16 -3.99
CA ASN A 88 -6.89 17.58 -4.06
C ASN A 88 -6.26 18.37 -2.90
N GLU A 89 -5.06 17.97 -2.50
CA GLU A 89 -4.36 18.67 -1.43
C GLU A 89 -3.16 19.45 -1.97
N LEU A 90 -2.17 18.72 -2.43
CA LEU A 90 -0.94 19.32 -2.93
C LEU A 90 -1.19 20.11 -4.20
N GLU A 91 -0.73 21.34 -4.23
CA GLU A 91 -0.92 22.21 -5.38
C GLU A 91 0.13 21.92 -6.44
N HIS A 92 -0.33 21.57 -7.63
CA HIS A 92 0.57 21.28 -8.73
C HIS A 92 0.27 22.20 -9.90
N HIS A 93 1.33 22.72 -10.51
CA HIS A 93 1.18 23.60 -11.67
C HIS A 93 0.71 22.80 -12.87
N HIS A 94 1.05 21.51 -12.88
CA HIS A 94 0.63 20.61 -13.94
C HIS A 94 -0.27 19.54 -13.33
N HIS A 95 -1.52 19.49 -13.79
CA HIS A 95 -2.51 18.59 -13.21
C HIS A 95 -2.68 17.34 -14.06
N HIS A 96 -2.72 17.53 -15.37
CA HIS A 96 -2.92 16.42 -16.30
C HIS A 96 -1.60 15.68 -16.50
N HIS A 97 -1.66 14.36 -16.62
CA HIS A 97 -0.45 13.55 -16.72
C HIS A 97 -0.40 12.83 -18.06
N MET A 1 17.28 1.86 -17.34
CA MET A 1 17.74 1.31 -16.04
C MET A 1 16.57 1.20 -15.07
N ALA A 2 15.84 2.31 -14.93
CA ALA A 2 14.71 2.40 -14.01
C ALA A 2 15.15 2.13 -12.56
N PRO A 3 15.67 3.17 -11.88
CA PRO A 3 16.02 3.07 -10.46
C PRO A 3 14.79 2.85 -9.60
N LEU A 4 13.71 3.50 -9.97
CA LEU A 4 12.42 3.29 -9.35
C LEU A 4 11.52 2.55 -10.33
N GLN A 5 11.25 1.29 -10.03
CA GLN A 5 10.46 0.47 -10.92
C GLN A 5 8.98 0.76 -10.75
N GLN A 6 8.39 1.35 -11.77
CA GLN A 6 6.99 1.76 -11.71
C GLN A 6 6.14 0.94 -12.67
N LYS A 7 5.23 0.16 -12.11
CA LYS A 7 4.25 -0.56 -12.90
C LYS A 7 2.89 -0.42 -12.25
N GLN A 8 1.83 -0.44 -13.04
CA GLN A 8 0.50 -0.22 -12.51
C GLN A 8 -0.09 -1.51 -11.96
N VAL A 9 -0.80 -1.38 -10.85
CA VAL A 9 -1.43 -2.52 -10.18
C VAL A 9 -2.83 -2.16 -9.72
N VAL A 10 -3.55 -3.17 -9.25
CA VAL A 10 -4.87 -2.96 -8.67
C VAL A 10 -4.82 -3.14 -7.15
N VAL A 11 -5.16 -2.08 -6.42
CA VAL A 11 -5.31 -2.19 -4.99
C VAL A 11 -6.54 -3.05 -4.69
N SER A 12 -6.31 -4.32 -4.44
CA SER A 12 -7.40 -5.29 -4.41
C SER A 12 -8.15 -5.24 -3.08
N ASN A 13 -7.43 -5.26 -1.97
CA ASN A 13 -8.06 -5.31 -0.66
C ASN A 13 -7.08 -4.94 0.43
N LYS A 14 -7.60 -4.40 1.52
CA LYS A 14 -6.80 -4.12 2.70
C LYS A 14 -6.80 -5.35 3.60
N ARG A 15 -5.74 -5.54 4.35
CA ARG A 15 -5.63 -6.68 5.24
C ARG A 15 -5.02 -6.26 6.57
N GLU A 16 -5.10 -7.16 7.54
CA GLU A 16 -4.42 -6.99 8.81
C GLU A 16 -3.92 -8.34 9.28
N LYS A 17 -2.67 -8.63 8.98
CA LYS A 17 -2.04 -9.87 9.44
C LYS A 17 -1.01 -9.56 10.50
N PRO A 18 -1.41 -9.55 11.78
CA PRO A 18 -0.49 -9.28 12.87
C PRO A 18 0.59 -10.35 12.98
N VAL A 19 1.82 -9.92 13.19
CA VAL A 19 2.91 -10.86 13.39
C VAL A 19 2.60 -11.71 14.62
N ASN A 20 2.59 -13.03 14.41
CA ASN A 20 2.15 -13.97 15.45
C ASN A 20 3.11 -14.00 16.63
N ASP A 21 4.19 -13.22 16.55
CA ASP A 21 5.14 -13.11 17.64
C ASP A 21 4.62 -12.12 18.68
N ARG A 22 3.56 -11.40 18.33
CA ARG A 22 2.91 -10.49 19.26
C ARG A 22 1.87 -11.27 20.06
N ARG A 23 2.30 -11.79 21.21
CA ARG A 23 1.45 -12.65 22.01
C ARG A 23 1.25 -12.08 23.40
N SER A 24 0.74 -12.91 24.29
CA SER A 24 0.58 -12.56 25.68
C SER A 24 1.58 -13.35 26.52
N ARG A 25 1.76 -12.97 27.78
CA ARG A 25 2.64 -13.70 28.69
C ARG A 25 1.95 -14.96 29.19
N GLN A 26 0.63 -14.96 29.09
CA GLN A 26 -0.19 -16.09 29.49
C GLN A 26 -1.25 -16.36 28.44
N GLN A 27 -2.17 -17.25 28.77
CA GLN A 27 -3.33 -17.50 27.91
C GLN A 27 -4.48 -16.64 28.38
N GLU A 28 -4.31 -16.04 29.56
CA GLU A 28 -5.27 -15.10 30.10
C GLU A 28 -5.03 -13.72 29.51
N VAL A 29 -6.06 -13.17 28.87
CA VAL A 29 -5.96 -11.89 28.19
C VAL A 29 -4.98 -11.97 27.03
N SER A 30 -5.47 -12.33 25.86
CA SER A 30 -4.65 -12.43 24.68
C SER A 30 -5.25 -11.63 23.53
N PRO A 31 -4.60 -10.53 23.15
CA PRO A 31 -5.05 -9.68 22.04
C PRO A 31 -4.90 -10.39 20.70
N ALA A 32 -5.79 -10.07 19.76
CA ALA A 32 -5.78 -10.70 18.45
C ALA A 32 -4.65 -10.13 17.59
N GLY A 33 -4.15 -8.98 18.00
CA GLY A 33 -3.06 -8.35 17.28
C GLY A 33 -3.54 -7.18 16.45
N THR A 34 -4.59 -6.51 16.93
CA THR A 34 -5.16 -5.38 16.22
C THR A 34 -4.21 -4.20 16.22
N SER A 35 -4.21 -3.45 15.12
CA SER A 35 -3.37 -2.27 15.00
C SER A 35 -3.97 -1.29 13.98
N MET A 36 -3.47 -0.06 13.98
CA MET A 36 -3.94 0.93 13.03
C MET A 36 -3.06 0.95 11.78
N ARG A 37 -2.02 0.14 11.80
CA ARG A 37 -1.15 -0.01 10.65
C ARG A 37 -1.57 -1.23 9.86
N TYR A 38 -2.41 -1.00 8.86
CA TYR A 38 -2.97 -2.09 8.07
C TYR A 38 -2.03 -2.48 6.96
N GLU A 39 -2.49 -3.37 6.09
CA GLU A 39 -1.71 -3.83 4.95
C GLU A 39 -2.57 -3.76 3.70
N ALA A 40 -1.94 -3.60 2.55
CA ALA A 40 -2.67 -3.51 1.29
C ALA A 40 -2.20 -4.55 0.30
N SER A 41 -3.14 -5.25 -0.31
CA SER A 41 -2.82 -6.26 -1.30
C SER A 41 -2.91 -5.68 -2.70
N PHE A 42 -1.79 -5.67 -3.40
CA PHE A 42 -1.73 -5.15 -4.76
C PHE A 42 -1.71 -6.29 -5.76
N LYS A 43 -2.74 -6.34 -6.60
CA LYS A 43 -2.87 -7.39 -7.59
C LYS A 43 -2.39 -6.88 -8.95
N PRO A 44 -1.44 -7.61 -9.57
CA PRO A 44 -0.89 -7.24 -10.87
C PRO A 44 -1.93 -7.32 -11.99
N LEU A 45 -1.90 -6.34 -12.88
CA LEU A 45 -2.84 -6.27 -13.99
C LEU A 45 -2.69 -7.46 -14.94
N ASN A 46 -1.45 -7.91 -15.09
CA ASN A 46 -1.13 -8.94 -16.08
C ASN A 46 -1.05 -10.30 -15.43
N GLY A 47 -1.73 -10.44 -14.30
CA GLY A 47 -1.66 -11.68 -13.55
C GLY A 47 -0.41 -11.76 -12.71
N GLY A 48 -0.50 -12.43 -11.57
CA GLY A 48 0.63 -12.54 -10.70
C GLY A 48 0.25 -12.64 -9.24
N LEU A 49 1.24 -12.60 -8.38
CA LEU A 49 1.03 -12.72 -6.95
C LEU A 49 0.60 -11.40 -6.34
N GLU A 50 -0.21 -11.46 -5.30
CA GLU A 50 -0.68 -10.26 -4.62
C GLU A 50 0.36 -9.78 -3.63
N LYS A 51 0.94 -8.63 -3.92
CA LYS A 51 1.96 -8.04 -3.07
C LYS A 51 1.31 -7.29 -1.91
N THR A 52 1.51 -7.80 -0.71
CA THR A 52 0.93 -7.18 0.47
C THR A 52 1.97 -6.30 1.18
N PHE A 53 1.73 -5.01 1.19
CA PHE A 53 2.62 -4.06 1.86
C PHE A 53 1.88 -3.37 3.00
N ARG A 54 2.61 -2.99 4.03
CA ARG A 54 1.99 -2.43 5.23
C ARG A 54 1.83 -0.92 5.11
N LEU A 55 0.61 -0.45 5.30
CA LEU A 55 0.28 0.96 5.13
C LEU A 55 -0.51 1.49 6.32
N GLN A 56 -0.14 2.68 6.78
CA GLN A 56 -0.84 3.33 7.88
C GLN A 56 -2.11 4.01 7.39
N ALA A 57 -2.92 4.53 8.31
CA ALA A 57 -4.18 5.18 7.95
C ALA A 57 -3.95 6.37 7.02
N GLN A 58 -2.99 7.21 7.37
CA GLN A 58 -2.63 8.37 6.57
C GLN A 58 -2.10 7.97 5.20
N GLN A 59 -1.40 6.83 5.16
CA GLN A 59 -0.80 6.36 3.92
C GLN A 59 -1.85 5.69 3.03
N TYR A 60 -2.73 4.92 3.66
CA TYR A 60 -3.81 4.22 2.96
C TYR A 60 -4.71 5.21 2.24
N HIS A 61 -4.94 6.38 2.84
CA HIS A 61 -5.82 7.37 2.26
C HIS A 61 -5.11 8.24 1.22
N ALA A 62 -4.04 7.72 0.65
CA ALA A 62 -3.42 8.32 -0.50
C ALA A 62 -3.88 7.60 -1.77
N LEU A 63 -4.52 6.45 -1.56
CA LEU A 63 -5.01 5.62 -2.64
C LEU A 63 -6.35 5.00 -2.28
N THR A 64 -6.99 4.35 -3.24
CA THR A 64 -8.29 3.74 -3.02
C THR A 64 -8.25 2.25 -3.37
N VAL A 65 -9.12 1.47 -2.76
CA VAL A 65 -9.29 0.08 -3.18
C VAL A 65 -10.00 0.04 -4.52
N GLY A 66 -9.35 -0.55 -5.51
CA GLY A 66 -9.86 -0.54 -6.86
C GLY A 66 -9.24 0.58 -7.68
N ASP A 67 -8.43 1.40 -7.02
CA ASP A 67 -7.78 2.51 -7.69
C ASP A 67 -6.59 2.00 -8.47
N GLN A 68 -6.83 1.67 -9.74
CA GLN A 68 -5.76 1.24 -10.63
C GLN A 68 -4.79 2.38 -10.85
N GLY A 69 -3.53 2.18 -10.49
CA GLY A 69 -2.56 3.23 -10.60
C GLY A 69 -1.14 2.70 -10.57
N THR A 70 -0.20 3.60 -10.74
CA THR A 70 1.20 3.23 -10.83
C THR A 70 1.77 2.91 -9.45
N LEU A 71 2.60 1.88 -9.38
CA LEU A 71 3.22 1.49 -8.14
C LEU A 71 4.73 1.62 -8.26
N SER A 72 5.30 2.51 -7.47
CA SER A 72 6.73 2.75 -7.47
C SER A 72 7.41 1.91 -6.41
N TYR A 73 8.18 0.93 -6.87
CA TYR A 73 8.89 0.04 -5.96
C TYR A 73 10.30 -0.23 -6.49
N LYS A 74 11.13 -0.79 -5.64
CA LYS A 74 12.46 -1.20 -6.06
C LYS A 74 12.68 -2.66 -5.70
N GLY A 75 12.36 -3.54 -6.63
CA GLY A 75 12.43 -4.96 -6.35
C GLY A 75 11.32 -5.36 -5.41
N THR A 76 11.69 -5.79 -4.20
CA THR A 76 10.72 -6.16 -3.19
C THR A 76 10.43 -4.98 -2.25
N ARG A 77 11.13 -3.87 -2.47
CA ARG A 77 11.02 -2.71 -1.60
C ARG A 77 9.91 -1.77 -2.06
N PHE A 78 8.87 -1.65 -1.26
CA PHE A 78 7.78 -0.72 -1.53
C PHE A 78 8.22 0.71 -1.23
N VAL A 79 8.09 1.58 -2.22
CA VAL A 79 8.46 2.97 -2.05
C VAL A 79 7.22 3.86 -1.94
N GLY A 80 6.28 3.71 -2.88
CA GLY A 80 5.08 4.50 -2.85
C GLY A 80 4.11 4.12 -3.94
N PHE A 81 2.94 4.75 -3.94
CA PHE A 81 1.92 4.50 -4.94
C PHE A 81 1.52 5.81 -5.61
N VAL A 82 1.43 5.80 -6.93
CA VAL A 82 1.13 7.01 -7.69
C VAL A 82 -0.05 6.80 -8.62
N SER A 83 -1.22 7.24 -8.20
CA SER A 83 -2.39 7.22 -9.05
C SER A 83 -2.40 8.48 -9.90
N ARG A 84 -3.05 8.42 -11.06
CA ARG A 84 -3.11 9.58 -11.96
C ARG A 84 -3.78 10.76 -11.26
N THR A 85 -4.94 10.49 -10.69
CA THR A 85 -5.68 11.50 -9.95
C THR A 85 -6.62 10.81 -8.94
N PRO A 86 -6.18 10.72 -7.68
CA PRO A 86 -6.97 10.11 -6.61
C PRO A 86 -8.15 10.99 -6.18
N ASP A 87 -9.10 10.40 -5.47
CA ASP A 87 -10.28 11.14 -4.98
C ASP A 87 -9.85 12.29 -4.06
N ASN A 88 -8.63 12.23 -3.56
CA ASN A 88 -8.07 13.28 -2.73
C ASN A 88 -7.90 14.56 -3.55
N GLU A 89 -7.53 14.39 -4.82
CA GLU A 89 -7.19 15.51 -5.68
C GLU A 89 -8.46 16.11 -6.31
N LEU A 90 -9.58 15.41 -6.16
CA LEU A 90 -10.86 15.90 -6.66
C LEU A 90 -11.32 17.09 -5.82
N GLU A 91 -10.75 17.20 -4.63
CA GLU A 91 -10.96 18.35 -3.79
C GLU A 91 -10.33 19.56 -4.47
N HIS A 92 -11.14 20.59 -4.73
CA HIS A 92 -10.73 21.71 -5.57
C HIS A 92 -9.77 22.67 -4.86
N HIS A 93 -9.33 22.29 -3.66
CA HIS A 93 -8.31 23.01 -2.91
C HIS A 93 -8.78 24.41 -2.56
N HIS A 94 -10.06 24.52 -2.21
CA HIS A 94 -10.65 25.81 -1.89
C HIS A 94 -10.10 26.38 -0.58
N HIS A 95 -9.56 25.50 0.26
CA HIS A 95 -9.05 25.93 1.55
C HIS A 95 -7.78 25.16 1.92
N HIS A 96 -6.67 25.54 1.31
CA HIS A 96 -5.37 24.94 1.62
C HIS A 96 -4.28 26.00 1.65
N HIS A 97 -4.17 26.75 0.55
CA HIS A 97 -3.10 27.72 0.36
C HIS A 97 -1.75 27.04 0.40
#